data_8G1R
#
_entry.id   8G1R
#
_cell.length_a   1.00
_cell.length_b   1.00
_cell.length_c   1.00
_cell.angle_alpha   90.00
_cell.angle_beta   90.00
_cell.angle_gamma   90.00
#
_symmetry.space_group_name_H-M   'P 1'
#
loop_
_entity.id
_entity.type
_entity.pdbx_description
1 polymer 'major head protein'
2 polymer 'Serine protease'
#
loop_
_entity_poly.entity_id
_entity_poly.type
_entity_poly.pdbx_seq_one_letter_code
_entity_poly.pdbx_strand_id
1 'polypeptide(L)'
;MARMGDFGVVDYTSLMALAPRSKNFLELLGVFSESNTRYIDSRYAEFEREEKGVTKMNAMARGGSRKYIGSEKARKEIIE
VPFAPLDGVTVASEVEAFRQYGTESQTASVEALVQRKIEHIQRSHGIYIRDCQYTALLKDKILAEDEDGNEITALAKNFS
TLWGVSRKTGAINTTTAVNPFSVLATKRQEIIDSMGENNGFTSMVVLCTTRDFNAIVDHPDVRAAYEGRDGGAEYLTRRL
GDAVDFQVFTHKGVTLVEDTSGKLTDGSAYMFPLGVQDMFQAVYAPADSTDHVNTISQGSYLFLNAGENWRRDVIESEVS
YACMVTRSELICDLTITVAHHHHHH
;
A,B,C,D
2 'polypeptide(L)'
;MTTITTTTNNTFDLANVIAEYKAGFEQYKADNKQYNADAYRRKIESINSDAALTNGAFNQFAYGSQMFEGKTLQEIAESL
KTMQVKDSSREDENGLIFPHVTLQLVSPTTPAQYYGLIAEAVKLGFEVCPDWRLHVGTGRNFPACRLVRQAEWYKPHNEK
LMAERIAEAEKQEAERLKAEYFNEHRVQAYVEQAQRKFMATQAQQAAISLSAAISRELYASSGLSDDDLAVVAQSDVWAF
NTLAPQLQEKDPNVISAALTGAGFVKGKHKLSDGKQATLWVKDGADVTALTLESKYIQ
;
E
#
# COMPACT_ATOMS: atom_id res chain seq x y z
N GLY A 8 -45.76 -22.15 1.43
CA GLY A 8 -44.47 -22.18 0.77
C GLY A 8 -43.40 -21.40 1.52
N VAL A 9 -43.01 -21.90 2.68
CA VAL A 9 -42.02 -21.27 3.54
C VAL A 9 -40.88 -22.26 3.78
N VAL A 10 -39.65 -21.76 3.75
CA VAL A 10 -38.46 -22.56 3.99
C VAL A 10 -37.77 -22.05 5.24
N ASP A 11 -37.34 -22.97 6.10
CA ASP A 11 -36.71 -22.63 7.36
C ASP A 11 -35.21 -22.49 7.16
N TYR A 12 -34.69 -21.29 7.37
CA TYR A 12 -33.28 -20.99 7.24
C TYR A 12 -32.68 -20.54 8.57
N THR A 13 -33.21 -21.07 9.67
CA THR A 13 -32.65 -20.77 10.97
C THR A 13 -31.29 -21.44 11.15
N SER A 14 -31.11 -22.62 10.55
CA SER A 14 -29.83 -23.32 10.68
C SER A 14 -28.70 -22.52 10.05
N LEU A 15 -28.95 -21.90 8.91
CA LEU A 15 -27.93 -21.11 8.23
C LEU A 15 -27.54 -19.86 8.99
N MET A 16 -28.30 -19.47 10.01
CA MET A 16 -28.05 -18.21 10.70
C MET A 16 -26.89 -18.32 11.68
N ALA A 17 -26.32 -19.50 11.85
CA ALA A 17 -25.11 -19.68 12.65
C ALA A 17 -23.84 -19.46 11.84
N LEU A 18 -23.97 -19.15 10.55
CA LEU A 18 -22.79 -18.89 9.71
C LEU A 18 -22.01 -17.68 10.20
N ALA A 19 -22.71 -16.63 10.64
CA ALA A 19 -22.09 -15.40 11.09
C ALA A 19 -22.60 -15.08 12.47
N PRO A 20 -22.07 -15.73 13.51
CA PRO A 20 -22.54 -15.46 14.87
C PRO A 20 -22.29 -14.00 15.25
N ARG A 21 -23.26 -13.43 15.95
CA ARG A 21 -23.18 -12.02 16.31
C ARG A 21 -22.06 -11.77 17.31
N SER A 22 -21.52 -10.55 17.27
CA SER A 22 -20.46 -10.18 18.18
C SER A 22 -21.02 -10.00 19.59
N LYS A 23 -20.14 -9.72 20.53
CA LYS A 23 -20.50 -9.55 21.93
C LYS A 23 -20.46 -8.08 22.30
N ASN A 24 -21.51 -7.61 22.96
CA ASN A 24 -21.53 -6.24 23.45
C ASN A 24 -20.70 -6.17 24.73
N PHE A 25 -20.68 -5.01 25.38
CA PHE A 25 -19.83 -4.84 26.54
C PHE A 25 -20.26 -5.73 27.69
N LEU A 26 -21.57 -5.93 27.87
CA LEU A 26 -22.04 -6.74 28.97
C LEU A 26 -21.69 -8.21 28.78
N GLU A 27 -21.70 -8.70 27.54
CA GLU A 27 -21.35 -10.10 27.31
C GLU A 27 -19.85 -10.32 27.51
N LEU A 28 -19.02 -9.40 27.04
CA LEU A 28 -17.59 -9.50 27.29
C LEU A 28 -17.28 -9.41 28.78
N LEU A 29 -17.94 -8.49 29.47
CA LEU A 29 -17.73 -8.35 30.91
C LEU A 29 -18.23 -9.57 31.68
N GLY A 30 -19.06 -10.40 31.07
CA GLY A 30 -19.52 -11.63 31.68
C GLY A 30 -20.85 -11.57 32.38
N VAL A 31 -21.61 -10.47 32.22
CA VAL A 31 -22.90 -10.37 32.88
C VAL A 31 -23.89 -11.35 32.28
N PHE A 32 -23.97 -11.39 30.95
CA PHE A 32 -24.84 -12.33 30.25
C PHE A 32 -24.00 -13.10 29.24
N SER A 33 -23.94 -14.42 29.40
CA SER A 33 -23.14 -15.26 28.53
C SER A 33 -23.92 -16.53 28.22
N GLU A 34 -23.27 -17.45 27.50
CA GLU A 34 -23.87 -18.74 27.20
C GLU A 34 -24.01 -19.63 28.42
N SER A 35 -23.38 -19.28 29.54
CA SER A 35 -23.45 -20.10 30.74
C SER A 35 -24.78 -19.95 31.47
N ASN A 36 -25.39 -18.76 31.43
CA ASN A 36 -26.62 -18.49 32.15
C ASN A 36 -27.77 -18.21 31.19
N THR A 37 -27.73 -18.83 30.01
CA THR A 37 -28.76 -18.67 29.01
C THR A 37 -29.46 -20.00 28.76
N ARG A 38 -30.78 -20.01 28.90
CA ARG A 38 -31.58 -21.23 28.76
C ARG A 38 -32.47 -21.13 27.52
N TYR A 39 -32.54 -22.22 26.77
CA TYR A 39 -33.37 -22.30 25.58
C TYR A 39 -34.68 -23.01 25.95
N ILE A 40 -35.59 -22.25 26.56
CA ILE A 40 -36.86 -22.79 27.02
C ILE A 40 -37.75 -23.13 25.83
N ASP A 41 -38.83 -23.86 26.08
CA ASP A 41 -39.71 -24.34 25.02
C ASP A 41 -41.14 -23.85 25.13
N SER A 42 -41.41 -22.83 25.92
CA SER A 42 -42.76 -22.29 26.06
C SER A 42 -42.70 -20.75 25.98
N ARG A 43 -43.88 -20.15 25.88
CA ARG A 43 -43.97 -18.69 25.96
C ARG A 43 -43.65 -18.17 27.35
N TYR A 44 -43.71 -19.03 28.37
CA TYR A 44 -43.53 -18.63 29.75
C TYR A 44 -42.19 -19.15 30.27
N ALA A 45 -41.49 -18.31 31.04
CA ALA A 45 -40.19 -18.65 31.58
C ALA A 45 -40.26 -18.63 33.10
N GLU A 46 -39.68 -19.65 33.72
CA GLU A 46 -39.64 -19.77 35.17
C GLU A 46 -38.25 -19.43 35.68
N PHE A 47 -38.17 -18.50 36.63
CA PHE A 47 -36.91 -18.03 37.19
C PHE A 47 -36.89 -18.29 38.68
N GLU A 48 -35.85 -18.95 39.15
CA GLU A 48 -35.72 -19.33 40.55
C GLU A 48 -34.69 -18.43 41.24
N ARG A 49 -35.07 -17.89 42.39
CA ARG A 49 -34.21 -17.01 43.18
C ARG A 49 -33.60 -17.82 44.32
N GLU A 50 -32.31 -18.13 44.20
CA GLU A 50 -31.59 -18.88 45.22
C GLU A 50 -30.79 -17.90 46.06
N GLU A 51 -31.36 -17.48 47.19
CA GLU A 51 -30.70 -16.50 48.05
C GLU A 51 -29.58 -17.16 48.84
N LYS A 52 -28.49 -16.41 49.00
CA LYS A 52 -27.35 -16.80 49.84
C LYS A 52 -26.74 -18.13 49.38
N GLY A 53 -26.21 -18.13 48.16
CA GLY A 53 -25.41 -19.23 47.68
C GLY A 53 -26.17 -20.30 46.93
N VAL A 54 -25.62 -20.74 45.80
CA VAL A 54 -26.21 -21.80 44.98
C VAL A 54 -25.09 -22.74 44.55
N THR A 55 -25.15 -24.00 45.02
CA THR A 55 -24.13 -24.99 44.72
C THR A 55 -24.81 -26.33 44.45
N LYS A 56 -24.83 -26.73 43.18
CA LYS A 56 -25.38 -28.02 42.80
C LYS A 56 -24.33 -29.12 43.00
N MET A 57 -24.72 -30.35 42.70
CA MET A 57 -23.83 -31.51 42.74
C MET A 57 -23.19 -31.67 44.12
N ASN A 58 -24.06 -31.96 45.10
CA ASN A 58 -23.60 -32.24 46.44
C ASN A 58 -22.97 -33.63 46.52
N ALA A 59 -22.59 -34.04 47.74
CA ALA A 59 -21.92 -35.30 47.96
C ALA A 59 -22.80 -36.49 47.57
N MET A 60 -23.91 -36.67 48.29
CA MET A 60 -24.92 -37.70 48.02
C MET A 60 -24.41 -39.10 48.30
N ALA A 61 -25.22 -39.92 48.96
CA ALA A 61 -24.84 -41.29 49.25
C ALA A 61 -24.75 -42.09 47.96
N ARG A 62 -23.93 -43.15 47.99
CA ARG A 62 -23.63 -43.95 46.83
C ARG A 62 -24.66 -45.06 46.65
N GLY A 63 -24.58 -45.70 45.48
CA GLY A 63 -25.44 -46.82 45.16
C GLY A 63 -26.91 -46.52 45.25
N GLY A 64 -27.67 -47.40 45.90
CA GLY A 64 -29.08 -47.16 46.12
C GLY A 64 -29.30 -46.00 47.06
N SER A 65 -29.77 -44.88 46.53
CA SER A 65 -29.99 -43.68 47.32
C SER A 65 -30.96 -42.78 46.59
N ARG A 66 -31.27 -41.65 47.22
CA ARG A 66 -32.20 -40.69 46.65
C ARG A 66 -31.47 -39.83 45.63
N LYS A 67 -31.85 -39.98 44.36
CA LYS A 67 -31.33 -39.13 43.28
C LYS A 67 -32.36 -38.02 43.07
N TYR A 68 -32.18 -36.92 43.80
CA TYR A 68 -33.13 -35.81 43.76
C TYR A 68 -33.10 -35.15 42.39
N ILE A 69 -34.16 -35.37 41.61
CA ILE A 69 -34.28 -34.83 40.26
C ILE A 69 -35.17 -33.61 40.19
N GLY A 70 -35.60 -33.07 41.34
CA GLY A 70 -36.48 -31.90 41.35
C GLY A 70 -36.31 -31.17 42.67
N SER A 71 -36.79 -29.93 42.70
CA SER A 71 -36.77 -29.10 43.89
C SER A 71 -38.18 -28.87 44.40
N GLU A 72 -38.32 -28.81 45.73
CA GLU A 72 -39.63 -28.65 46.35
C GLU A 72 -39.78 -27.29 47.02
N LYS A 73 -38.86 -26.92 47.91
CA LYS A 73 -38.88 -25.62 48.57
C LYS A 73 -38.03 -24.66 47.76
N ALA A 74 -38.67 -23.67 47.14
CA ALA A 74 -37.97 -22.72 46.30
C ALA A 74 -38.78 -21.44 46.22
N ARG A 75 -38.31 -20.51 45.40
CA ARG A 75 -38.97 -19.21 45.18
C ARG A 75 -38.92 -18.96 43.67
N LYS A 76 -40.01 -19.33 42.98
CA LYS A 76 -40.06 -19.27 41.53
C LYS A 76 -41.04 -18.18 41.08
N GLU A 77 -40.75 -17.60 39.93
CA GLU A 77 -41.60 -16.60 39.30
C GLU A 77 -41.78 -16.95 37.83
N ILE A 78 -42.92 -16.57 37.28
CA ILE A 78 -43.25 -16.82 35.88
C ILE A 78 -43.48 -15.48 35.20
N ILE A 79 -42.83 -15.29 34.05
CA ILE A 79 -43.00 -14.11 33.23
C ILE A 79 -43.25 -14.55 31.80
N GLU A 80 -43.79 -13.63 31.00
CA GLU A 80 -43.98 -13.84 29.59
C GLU A 80 -42.89 -13.09 28.84
N VAL A 81 -42.13 -13.80 28.01
CA VAL A 81 -40.99 -13.24 27.31
C VAL A 81 -41.47 -12.47 26.09
N PRO A 82 -41.12 -11.20 25.95
CA PRO A 82 -41.64 -10.41 24.82
C PRO A 82 -41.20 -10.97 23.48
N PHE A 83 -42.04 -10.76 22.47
CA PHE A 83 -41.77 -11.16 21.11
C PHE A 83 -41.34 -9.95 20.29
N ALA A 84 -40.47 -10.20 19.32
CA ALA A 84 -39.96 -9.12 18.47
C ALA A 84 -39.56 -9.70 17.12
N PRO A 85 -40.39 -9.54 16.10
CA PRO A 85 -39.97 -9.86 14.74
C PRO A 85 -39.43 -8.65 14.00
N LEU A 86 -38.47 -8.92 13.12
CA LEU A 86 -37.97 -7.92 12.17
C LEU A 86 -38.05 -8.58 10.79
N ASP A 87 -39.23 -8.53 10.20
CA ASP A 87 -39.45 -9.10 8.88
C ASP A 87 -39.17 -8.11 7.76
N GLY A 88 -38.93 -6.84 8.08
CA GLY A 88 -38.76 -5.84 7.05
C GLY A 88 -37.61 -6.19 6.14
N VAL A 89 -37.96 -6.63 4.93
CA VAL A 89 -37.01 -7.13 3.94
C VAL A 89 -37.78 -7.47 2.68
N THR A 90 -37.04 -7.68 1.60
CA THR A 90 -37.63 -8.14 0.35
C THR A 90 -36.55 -8.89 -0.40
N VAL A 91 -36.60 -10.22 -0.34
CA VAL A 91 -35.62 -11.03 -1.04
C VAL A 91 -35.79 -10.86 -2.54
N ALA A 92 -34.82 -10.20 -3.18
CA ALA A 92 -34.83 -10.10 -4.62
C ALA A 92 -34.67 -11.48 -5.26
N SER A 93 -35.10 -11.59 -6.51
CA SER A 93 -35.00 -12.87 -7.20
C SER A 93 -33.56 -13.36 -7.30
N GLU A 94 -32.59 -12.45 -7.23
CA GLU A 94 -31.19 -12.84 -7.17
C GLU A 94 -30.74 -13.20 -5.76
N VAL A 95 -31.30 -12.53 -4.75
CA VAL A 95 -31.01 -12.83 -3.36
C VAL A 95 -31.68 -14.10 -2.87
N GLU A 96 -32.25 -14.90 -3.78
CA GLU A 96 -32.78 -16.21 -3.46
C GLU A 96 -31.79 -17.32 -3.78
N ALA A 97 -30.49 -17.04 -3.63
CA ALA A 97 -29.46 -18.06 -3.68
C ALA A 97 -29.48 -18.95 -2.45
N PHE A 98 -30.25 -18.59 -1.43
CA PHE A 98 -30.43 -19.44 -0.26
C PHE A 98 -30.85 -20.84 -0.67
N ARG A 99 -31.74 -20.94 -1.67
CA ARG A 99 -32.17 -22.24 -2.17
C ARG A 99 -31.03 -23.02 -2.80
N GLN A 100 -29.94 -22.36 -3.18
CA GLN A 100 -28.80 -23.02 -3.80
C GLN A 100 -27.63 -23.24 -2.85
N TYR A 101 -27.64 -22.61 -1.68
CA TYR A 101 -26.54 -22.75 -0.74
C TYR A 101 -26.42 -24.19 -0.26
N GLY A 102 -25.21 -24.73 -0.35
CA GLY A 102 -24.97 -26.10 0.10
C GLY A 102 -25.80 -27.14 -0.60
N THR A 103 -25.97 -27.02 -1.91
CA THR A 103 -26.80 -27.94 -2.69
C THR A 103 -26.07 -28.39 -3.95
N GLU A 104 -24.80 -28.78 -3.80
CA GLU A 104 -23.94 -29.22 -4.90
C GLU A 104 -23.76 -28.15 -5.97
N SER A 105 -24.12 -26.90 -5.65
CA SER A 105 -23.93 -25.79 -6.57
C SER A 105 -23.48 -24.53 -5.87
N GLN A 106 -23.07 -24.62 -4.60
CA GLN A 106 -22.70 -23.44 -3.83
C GLN A 106 -21.36 -22.91 -4.32
N THR A 107 -21.40 -21.86 -5.13
CA THR A 107 -20.19 -21.18 -5.57
C THR A 107 -19.75 -20.20 -4.48
N ALA A 108 -18.75 -19.39 -4.78
CA ALA A 108 -18.30 -18.39 -3.80
C ALA A 108 -19.28 -17.24 -3.71
N SER A 109 -19.92 -16.86 -4.82
CA SER A 109 -20.84 -15.74 -4.80
C SER A 109 -22.06 -16.04 -3.94
N VAL A 110 -22.60 -17.25 -4.04
CA VAL A 110 -23.76 -17.61 -3.24
C VAL A 110 -23.44 -17.56 -1.76
N GLU A 111 -22.30 -18.13 -1.37
CA GLU A 111 -21.90 -18.11 0.04
C GLU A 111 -21.67 -16.69 0.52
N ALA A 112 -21.03 -15.86 -0.31
CA ALA A 112 -20.79 -14.48 0.08
C ALA A 112 -22.10 -13.74 0.30
N LEU A 113 -23.04 -13.88 -0.62
CA LEU A 113 -24.32 -13.17 -0.50
C LEU A 113 -25.10 -13.64 0.72
N VAL A 114 -25.18 -14.96 0.93
CA VAL A 114 -25.95 -15.46 2.06
C VAL A 114 -25.30 -15.03 3.38
N GLN A 115 -23.97 -15.04 3.43
CA GLN A 115 -23.30 -14.65 4.67
C GLN A 115 -23.45 -13.16 4.93
N ARG A 116 -23.47 -12.34 3.88
CA ARG A 116 -23.71 -10.92 4.05
C ARG A 116 -25.11 -10.65 4.59
N LYS A 117 -26.11 -11.33 4.01
CA LYS A 117 -27.48 -11.17 4.49
C LYS A 117 -27.59 -11.58 5.97
N ILE A 118 -27.02 -12.73 6.31
CA ILE A 118 -27.07 -13.22 7.68
C ILE A 118 -26.33 -12.28 8.62
N GLU A 119 -25.22 -11.70 8.17
CA GLU A 119 -24.50 -10.75 9.01
C GLU A 119 -25.35 -9.52 9.30
N HIS A 120 -26.07 -9.01 8.30
CA HIS A 120 -26.94 -7.87 8.53
C HIS A 120 -28.05 -8.22 9.52
N ILE A 121 -28.70 -9.37 9.32
CA ILE A 121 -29.80 -9.77 10.20
C ILE A 121 -29.30 -9.95 11.63
N GLN A 122 -28.14 -10.59 11.78
CA GLN A 122 -27.59 -10.80 13.11
C GLN A 122 -27.15 -9.50 13.76
N ARG A 123 -26.69 -8.53 12.97
CA ARG A 123 -26.40 -7.22 13.51
C ARG A 123 -27.65 -6.59 14.12
N SER A 124 -28.76 -6.65 13.39
CA SER A 124 -30.01 -6.10 13.92
C SER A 124 -30.44 -6.83 15.20
N HIS A 125 -30.38 -8.16 15.18
CA HIS A 125 -30.79 -8.94 16.36
C HIS A 125 -29.89 -8.66 17.55
N GLY A 126 -28.58 -8.51 17.31
CA GLY A 126 -27.68 -8.19 18.39
C GLY A 126 -27.95 -6.81 18.97
N ILE A 127 -28.33 -5.86 18.12
CA ILE A 127 -28.72 -4.54 18.63
C ILE A 127 -29.93 -4.68 19.56
N TYR A 128 -30.92 -5.47 19.13
CA TYR A 128 -32.10 -5.68 19.97
C TYR A 128 -31.72 -6.33 21.30
N ILE A 129 -30.87 -7.36 21.25
CA ILE A 129 -30.49 -8.08 22.46
C ILE A 129 -29.70 -7.18 23.40
N ARG A 130 -28.82 -6.36 22.85
CA ARG A 130 -28.09 -5.40 23.67
C ARG A 130 -29.04 -4.44 24.35
N ASP A 131 -30.06 -3.97 23.62
CA ASP A 131 -31.05 -3.10 24.24
C ASP A 131 -31.75 -3.80 25.40
N CYS A 132 -32.13 -5.07 25.20
CA CYS A 132 -32.79 -5.81 26.27
C CYS A 132 -31.89 -5.96 27.49
N GLN A 133 -30.63 -6.33 27.27
CA GLN A 133 -29.70 -6.54 28.38
C GLN A 133 -29.46 -5.25 29.15
N TYR A 134 -29.23 -4.14 28.43
CA TYR A 134 -28.98 -2.88 29.11
C TYR A 134 -30.22 -2.40 29.85
N THR A 135 -31.41 -2.61 29.28
CA THR A 135 -32.63 -2.26 29.98
C THR A 135 -32.76 -3.05 31.27
N ALA A 136 -32.50 -4.35 31.22
CA ALA A 136 -32.57 -5.17 32.42
C ALA A 136 -31.56 -4.72 33.47
N LEU A 137 -30.34 -4.40 33.05
CA LEU A 137 -29.30 -4.06 34.01
C LEU A 137 -29.55 -2.70 34.65
N LEU A 138 -29.87 -1.69 33.84
CA LEU A 138 -29.96 -0.33 34.35
C LEU A 138 -31.37 0.03 34.80
N LYS A 139 -32.36 -0.18 33.93
CA LYS A 139 -33.74 0.23 34.23
C LYS A 139 -34.45 -0.75 35.14
N ASP A 140 -33.89 -1.94 35.38
CA ASP A 140 -34.45 -2.92 36.30
C ASP A 140 -35.83 -3.40 35.84
N LYS A 141 -35.95 -3.67 34.55
CA LYS A 141 -37.22 -4.12 33.99
C LYS A 141 -36.95 -4.82 32.66
N ILE A 142 -37.97 -5.53 32.19
CA ILE A 142 -37.90 -6.18 30.88
C ILE A 142 -38.19 -5.16 29.80
N LEU A 143 -37.51 -5.28 28.67
CA LEU A 143 -37.70 -4.36 27.56
C LEU A 143 -38.85 -4.83 26.68
N ALA A 144 -39.99 -4.16 26.80
CA ALA A 144 -41.12 -4.37 25.91
C ALA A 144 -41.71 -3.01 25.61
N GLU A 145 -41.57 -2.55 24.37
CA GLU A 145 -41.98 -1.22 24.00
C GLU A 145 -42.70 -1.26 22.65
N ASP A 146 -43.76 -0.46 22.54
CA ASP A 146 -44.56 -0.42 21.32
C ASP A 146 -43.80 0.31 20.21
N GLU A 147 -44.37 0.27 19.01
CA GLU A 147 -43.77 0.95 17.87
C GLU A 147 -43.61 2.44 18.10
N ASP A 148 -44.43 3.03 18.98
CA ASP A 148 -44.31 4.44 19.34
C ASP A 148 -43.39 4.66 20.53
N GLY A 149 -42.61 3.66 20.90
CA GLY A 149 -41.73 3.78 22.05
C GLY A 149 -42.45 3.89 23.37
N ASN A 150 -43.58 3.21 23.52
CA ASN A 150 -44.35 3.19 24.75
C ASN A 150 -44.31 1.78 25.32
N GLU A 151 -44.04 1.68 26.62
CA GLU A 151 -43.82 0.39 27.25
C GLU A 151 -45.13 -0.36 27.42
N ILE A 152 -45.18 -1.60 26.94
CA ILE A 152 -46.31 -2.48 27.21
C ILE A 152 -46.25 -2.85 28.69
N THR A 153 -47.17 -2.31 29.48
CA THR A 153 -47.15 -2.57 30.91
C THR A 153 -47.42 -4.04 31.24
N ALA A 154 -48.00 -4.78 30.30
CA ALA A 154 -48.22 -6.21 30.52
C ALA A 154 -46.90 -6.97 30.56
N LEU A 155 -45.96 -6.61 29.69
CA LEU A 155 -44.71 -7.34 29.57
C LEU A 155 -43.52 -6.61 30.18
N ALA A 156 -43.70 -5.39 30.69
CA ALA A 156 -42.61 -4.62 31.27
C ALA A 156 -42.62 -4.83 32.78
N LYS A 157 -42.21 -6.03 33.19
CA LYS A 157 -42.20 -6.41 34.60
C LYS A 157 -40.95 -5.87 35.28
N ASN A 158 -41.14 -5.23 36.43
CA ASN A 158 -40.03 -4.69 37.21
C ASN A 158 -39.52 -5.76 38.17
N PHE A 159 -38.22 -6.01 38.14
CA PHE A 159 -37.65 -7.10 38.93
C PHE A 159 -37.78 -6.82 40.42
N SER A 160 -37.57 -5.56 40.83
CA SER A 160 -37.62 -5.24 42.25
C SER A 160 -38.98 -5.53 42.85
N THR A 161 -40.06 -5.19 42.15
CA THR A 161 -41.41 -5.52 42.60
C THR A 161 -41.73 -6.99 42.39
N LEU A 162 -41.16 -7.60 41.35
CA LEU A 162 -41.40 -9.02 41.09
C LEU A 162 -40.79 -9.90 42.19
N TRP A 163 -39.76 -9.44 42.86
CA TRP A 163 -39.15 -10.22 43.94
C TRP A 163 -39.31 -9.59 45.32
N GLY A 164 -39.95 -8.43 45.41
CA GLY A 164 -40.09 -7.79 46.71
C GLY A 164 -38.80 -7.27 47.30
N VAL A 165 -37.81 -6.98 46.45
CA VAL A 165 -36.53 -6.45 46.91
C VAL A 165 -36.35 -5.05 46.34
N SER A 166 -35.24 -4.41 46.69
CA SER A 166 -34.98 -3.05 46.22
C SER A 166 -33.50 -2.84 46.08
N ARG A 167 -33.09 -2.26 44.96
CA ARG A 167 -31.68 -1.91 44.75
C ARG A 167 -31.24 -0.87 45.77
N LYS A 168 -29.99 -0.97 46.20
CA LYS A 168 -29.45 0.00 47.12
C LYS A 168 -29.11 1.29 46.37
N THR A 169 -29.02 2.39 47.12
CA THR A 169 -28.81 3.70 46.53
C THR A 169 -27.67 4.42 47.24
N GLY A 170 -26.99 5.28 46.49
CA GLY A 170 -25.91 6.07 47.03
C GLY A 170 -25.68 7.31 46.20
N ALA A 171 -25.07 8.31 46.83
CA ALA A 171 -24.81 9.58 46.18
C ALA A 171 -23.33 9.92 46.28
N ILE A 172 -22.73 10.28 45.16
CA ILE A 172 -21.31 10.64 45.11
C ILE A 172 -21.21 12.11 44.73
N ASN A 173 -20.60 12.90 45.59
CA ASN A 173 -20.37 14.32 45.34
C ASN A 173 -18.89 14.50 45.02
N THR A 174 -18.56 14.61 43.74
CA THR A 174 -17.19 14.79 43.30
C THR A 174 -16.70 16.22 43.44
N THR A 175 -17.46 17.08 44.13
CA THR A 175 -17.06 18.45 44.36
C THR A 175 -16.91 18.77 45.85
N THR A 176 -17.06 17.79 46.73
CA THR A 176 -16.93 17.99 48.15
C THR A 176 -15.57 17.49 48.62
N ALA A 177 -15.34 17.53 49.93
CA ALA A 177 -14.07 17.09 50.50
C ALA A 177 -14.05 15.60 50.84
N VAL A 178 -15.19 14.92 50.77
CA VAL A 178 -15.23 13.51 51.13
C VAL A 178 -14.66 12.68 49.99
N ASN A 179 -14.01 11.57 50.34
CA ASN A 179 -13.43 10.68 49.34
C ASN A 179 -14.52 9.83 48.71
N PRO A 180 -14.69 9.88 47.38
CA PRO A 180 -15.72 9.03 46.75
C PRO A 180 -15.52 7.56 47.02
N PHE A 181 -14.27 7.10 47.07
CA PHE A 181 -14.02 5.68 47.23
C PHE A 181 -14.33 5.17 48.62
N SER A 182 -14.35 6.05 49.63
CA SER A 182 -14.85 5.63 50.93
C SER A 182 -16.32 5.26 50.85
N VAL A 183 -17.12 6.08 50.17
CA VAL A 183 -18.52 5.76 49.96
C VAL A 183 -18.67 4.49 49.14
N LEU A 184 -17.86 4.35 48.09
CA LEU A 184 -17.94 3.13 47.28
C LEU A 184 -17.57 1.90 48.10
N ALA A 185 -16.61 2.03 49.02
CA ALA A 185 -16.26 0.92 49.89
C ALA A 185 -17.39 0.59 50.86
N THR A 186 -18.10 1.60 51.36
CA THR A 186 -19.25 1.33 52.21
C THR A 186 -20.33 0.56 51.44
N LYS A 187 -20.62 0.99 50.21
CA LYS A 187 -21.59 0.24 49.40
C LYS A 187 -21.09 -1.17 49.11
N ARG A 188 -19.80 -1.33 48.89
CA ARG A 188 -19.23 -2.65 48.67
C ARG A 188 -19.45 -3.54 49.88
N GLN A 189 -19.21 -3.00 51.07
CA GLN A 189 -19.41 -3.79 52.28
C GLN A 189 -20.88 -4.15 52.46
N GLU A 190 -21.78 -3.21 52.15
CA GLU A 190 -23.20 -3.51 52.25
C GLU A 190 -23.60 -4.63 51.29
N ILE A 191 -23.11 -4.57 50.05
CA ILE A 191 -23.43 -5.61 49.09
C ILE A 191 -22.86 -6.95 49.53
N ILE A 192 -21.62 -6.96 50.04
CA ILE A 192 -21.00 -8.19 50.50
C ILE A 192 -21.82 -8.80 51.63
N ASP A 193 -22.27 -7.96 52.56
CA ASP A 193 -23.15 -8.45 53.62
C ASP A 193 -24.44 -9.02 53.06
N SER A 194 -24.98 -8.39 52.01
CA SER A 194 -26.23 -8.88 51.43
C SER A 194 -26.05 -10.23 50.73
N MET A 195 -24.89 -10.48 50.12
CA MET A 195 -24.71 -11.75 49.41
C MET A 195 -24.81 -12.95 50.34
N GLY A 196 -24.50 -12.77 51.62
CA GLY A 196 -24.56 -13.87 52.56
C GLY A 196 -23.43 -14.87 52.39
N GLU A 197 -23.78 -16.15 52.26
CA GLU A 197 -22.80 -17.23 52.24
C GLU A 197 -22.33 -17.58 50.83
N ASN A 198 -22.69 -16.79 49.82
CA ASN A 198 -22.23 -17.09 48.46
C ASN A 198 -20.78 -16.68 48.27
N ASN A 199 -20.49 -15.38 48.38
CA ASN A 199 -19.14 -14.84 48.30
C ASN A 199 -18.38 -15.33 47.07
N GLY A 200 -19.11 -15.66 46.01
CA GLY A 200 -18.49 -16.19 44.81
C GLY A 200 -18.20 -15.11 43.78
N PHE A 201 -18.26 -13.85 44.21
CA PHE A 201 -18.10 -12.73 43.29
C PHE A 201 -16.65 -12.60 42.85
N THR A 202 -16.44 -12.48 41.55
CA THR A 202 -15.08 -12.31 41.03
C THR A 202 -14.56 -10.90 41.30
N SER A 203 -15.39 -9.89 41.05
CA SER A 203 -14.96 -8.50 41.15
C SER A 203 -16.12 -7.68 41.72
N MET A 204 -15.96 -6.36 41.70
CA MET A 204 -17.00 -5.42 42.11
C MET A 204 -16.92 -4.24 41.14
N VAL A 205 -17.70 -4.31 40.07
CA VAL A 205 -17.65 -3.35 38.99
C VAL A 205 -18.57 -2.18 39.30
N VAL A 206 -18.12 -0.97 38.96
CA VAL A 206 -18.94 0.23 39.05
C VAL A 206 -19.02 0.81 37.65
N LEU A 207 -20.06 0.44 36.91
CA LEU A 207 -20.22 0.89 35.53
C LEU A 207 -20.68 2.33 35.49
N CYS A 208 -20.04 3.15 34.66
CA CYS A 208 -20.35 4.57 34.57
C CYS A 208 -20.03 5.04 33.16
N THR A 209 -20.14 6.35 32.94
CA THR A 209 -19.84 6.97 31.66
C THR A 209 -18.49 7.67 31.70
N THR A 210 -18.11 8.21 30.54
CA THR A 210 -16.82 8.90 30.44
C THR A 210 -16.78 10.10 31.37
N ARG A 211 -17.85 10.91 31.40
CA ARG A 211 -17.88 12.07 32.28
C ARG A 211 -17.81 11.66 33.74
N ASP A 212 -18.63 10.67 34.13
CA ASP A 212 -18.64 10.22 35.52
C ASP A 212 -17.28 9.65 35.91
N PHE A 213 -16.70 8.82 35.04
CA PHE A 213 -15.40 8.22 35.34
C PHE A 213 -14.33 9.29 35.49
N ASN A 214 -14.26 10.21 34.53
CA ASN A 214 -13.22 11.24 34.56
C ASN A 214 -13.42 12.24 35.69
N ALA A 215 -14.65 12.41 36.18
CA ALA A 215 -14.89 13.33 37.28
C ALA A 215 -14.76 12.68 38.65
N ILE A 216 -14.95 11.37 38.76
CA ILE A 216 -14.87 10.70 40.05
C ILE A 216 -13.45 10.32 40.42
N VAL A 217 -12.55 10.21 39.44
CA VAL A 217 -11.18 9.78 39.70
C VAL A 217 -10.22 10.96 39.73
N ASP A 218 -10.65 12.14 39.29
CA ASP A 218 -9.84 13.35 39.37
C ASP A 218 -10.01 14.06 40.71
N HIS A 219 -10.74 13.46 41.64
CA HIS A 219 -10.87 14.03 42.97
C HIS A 219 -9.49 14.07 43.64
N PRO A 220 -9.24 15.08 44.48
CA PRO A 220 -7.90 15.21 45.07
C PRO A 220 -7.41 13.98 45.81
N ASP A 221 -8.29 13.24 46.47
CA ASP A 221 -7.86 12.06 47.21
C ASP A 221 -7.57 10.86 46.32
N VAL A 222 -7.93 10.93 45.03
CA VAL A 222 -7.70 9.83 44.11
C VAL A 222 -7.01 10.26 42.83
N ARG A 223 -6.66 11.54 42.70
CA ARG A 223 -5.97 12.00 41.49
C ARG A 223 -4.58 11.36 41.38
N ALA A 224 -3.82 11.36 42.48
CA ALA A 224 -2.47 10.80 42.46
C ALA A 224 -2.50 9.30 42.21
N ALA A 225 -3.44 8.59 42.84
CA ALA A 225 -3.53 7.15 42.65
C ALA A 225 -3.83 6.80 41.20
N TYR A 226 -4.69 7.60 40.55
CA TYR A 226 -4.94 7.38 39.13
C TYR A 226 -3.70 7.69 38.30
N GLU A 227 -3.02 8.79 38.60
CA GLU A 227 -1.84 9.15 37.83
C GLU A 227 -0.77 8.08 37.95
N GLY A 228 -0.53 7.61 39.17
CA GLY A 228 0.43 6.54 39.39
C GLY A 228 -0.21 5.16 39.42
N ARG A 229 -0.84 4.78 38.32
CA ARG A 229 -1.48 3.47 38.19
C ARG A 229 -0.65 2.57 37.30
N ASP A 230 -1.07 1.30 37.21
CA ASP A 230 -0.35 0.30 36.45
C ASP A 230 -1.25 -0.31 35.38
N GLY A 231 -0.63 -0.78 34.31
CA GLY A 231 -1.37 -1.41 33.23
C GLY A 231 -1.91 -2.78 33.55
N GLY A 232 -1.45 -3.40 34.63
CA GLY A 232 -2.03 -4.64 35.09
C GLY A 232 -3.11 -4.39 36.12
N ALA A 233 -4.15 -3.69 35.71
CA ALA A 233 -5.22 -3.31 36.64
C ALA A 233 -5.91 -4.55 37.19
N GLU A 234 -6.56 -5.31 36.32
CA GLU A 234 -7.30 -6.50 36.74
C GLU A 234 -7.52 -7.37 35.51
N TYR A 235 -8.35 -8.41 35.67
CA TYR A 235 -8.68 -9.26 34.53
C TYR A 235 -9.39 -8.48 33.43
N LEU A 236 -10.08 -7.39 33.80
CA LEU A 236 -10.83 -6.62 32.82
C LEU A 236 -9.91 -6.03 31.76
N THR A 237 -8.81 -5.40 32.19
CA THR A 237 -7.87 -4.86 31.22
C THR A 237 -7.06 -5.96 30.54
N ARG A 238 -6.99 -7.14 31.16
CA ARG A 238 -6.20 -8.22 30.60
C ARG A 238 -7.05 -9.13 29.71
N ARG A 239 -8.11 -9.70 30.27
CA ARG A 239 -8.94 -10.63 29.50
C ARG A 239 -9.67 -9.92 28.37
N LEU A 240 -10.35 -8.81 28.67
CA LEU A 240 -11.11 -8.07 27.69
C LEU A 240 -10.27 -7.05 26.94
N GLY A 241 -8.95 -7.18 26.97
CA GLY A 241 -8.09 -6.25 26.27
C GLY A 241 -8.02 -6.53 24.78
N ASP A 242 -7.47 -5.56 24.05
CA ASP A 242 -7.24 -5.61 22.61
C ASP A 242 -8.54 -5.79 21.82
N ALA A 243 -9.69 -5.68 22.45
CA ALA A 243 -10.98 -5.76 21.78
C ALA A 243 -11.87 -4.57 22.10
N VAL A 244 -11.84 -4.08 23.33
CA VAL A 244 -12.58 -2.90 23.72
C VAL A 244 -11.64 -1.91 24.37
N ASP A 245 -11.62 -0.68 23.86
CA ASP A 245 -10.74 0.38 24.36
C ASP A 245 -11.52 1.19 25.39
N PHE A 246 -11.51 0.74 26.63
CA PHE A 246 -12.22 1.38 27.72
C PHE A 246 -11.22 1.82 28.79
N GLN A 247 -11.73 2.53 29.79
CA GLN A 247 -10.93 3.02 30.91
C GLN A 247 -11.35 2.25 32.15
N VAL A 248 -10.38 1.64 32.83
CA VAL A 248 -10.64 0.85 34.02
C VAL A 248 -9.59 1.22 35.07
N PHE A 249 -10.03 1.31 36.33
CA PHE A 249 -9.12 1.70 37.42
C PHE A 249 -9.60 1.03 38.69
N THR A 250 -8.98 -0.10 39.05
CA THR A 250 -9.28 -0.76 40.31
C THR A 250 -8.65 0.02 41.46
N HIS A 251 -9.42 0.21 42.54
CA HIS A 251 -8.91 0.92 43.70
C HIS A 251 -9.84 0.65 44.88
N LYS A 252 -9.26 0.29 46.02
CA LYS A 252 -9.99 0.03 47.26
C LYS A 252 -11.02 -1.08 47.11
N GLY A 253 -10.88 -1.93 46.10
CA GLY A 253 -11.74 -3.07 45.89
C GLY A 253 -12.82 -2.85 44.86
N VAL A 254 -13.14 -1.61 44.53
CA VAL A 254 -14.18 -1.28 43.56
C VAL A 254 -13.51 -0.92 42.24
N THR A 255 -14.02 -1.48 41.15
CA THR A 255 -13.40 -1.37 39.84
C THR A 255 -14.25 -0.45 38.96
N LEU A 256 -13.88 0.82 38.89
CA LEU A 256 -14.56 1.75 38.01
C LEU A 256 -14.31 1.36 36.55
N VAL A 257 -15.37 1.03 35.85
CA VAL A 257 -15.32 0.75 34.41
C VAL A 257 -16.29 1.68 33.72
N GLU A 258 -15.82 2.39 32.70
CA GLU A 258 -16.65 3.36 32.00
C GLU A 258 -17.16 2.75 30.69
N ASP A 259 -18.41 3.03 30.37
CA ASP A 259 -19.10 2.43 29.24
C ASP A 259 -18.99 3.34 28.02
N THR A 260 -18.67 2.76 26.87
CA THR A 260 -18.49 3.49 25.62
C THR A 260 -19.51 3.04 24.58
N SER A 261 -20.74 2.78 25.00
CA SER A 261 -21.82 2.43 24.09
C SER A 261 -22.95 3.44 24.06
N GLY A 262 -22.96 4.40 24.99
CA GLY A 262 -23.98 5.41 25.02
C GLY A 262 -25.30 4.98 25.63
N LYS A 263 -25.46 3.70 25.95
CA LYS A 263 -26.70 3.21 26.53
C LYS A 263 -26.89 3.65 27.97
N LEU A 264 -25.87 4.22 28.61
CA LEU A 264 -25.94 4.61 30.01
C LEU A 264 -25.85 6.12 30.09
N THR A 265 -26.70 6.72 30.92
CA THR A 265 -26.83 8.17 30.98
C THR A 265 -25.95 8.76 32.06
N ASP A 266 -25.56 10.02 31.86
CA ASP A 266 -24.70 10.71 32.81
C ASP A 266 -25.41 10.91 34.15
N GLY A 267 -24.61 11.00 35.21
CA GLY A 267 -25.13 11.21 36.54
C GLY A 267 -25.59 9.97 37.25
N SER A 268 -25.54 8.80 36.60
CA SER A 268 -26.01 7.56 37.19
C SER A 268 -24.94 6.50 37.03
N ALA A 269 -24.63 5.79 38.11
CA ALA A 269 -23.68 4.70 38.10
C ALA A 269 -24.29 3.49 38.78
N TYR A 270 -23.95 2.31 38.29
CA TYR A 270 -24.52 1.06 38.78
C TYR A 270 -23.39 0.13 39.21
N MET A 271 -23.47 -0.36 40.44
CA MET A 271 -22.37 -1.07 41.08
C MET A 271 -22.84 -2.47 41.43
N PHE A 272 -22.37 -3.46 40.69
CA PHE A 272 -22.82 -4.84 40.84
C PHE A 272 -21.62 -5.78 40.89
N PRO A 273 -21.77 -6.92 41.57
CA PRO A 273 -20.67 -7.89 41.63
C PRO A 273 -20.68 -8.87 40.46
N LEU A 274 -19.55 -9.02 39.79
CA LEU A 274 -19.43 -10.00 38.71
C LEU A 274 -19.19 -11.40 39.26
N GLY A 275 -19.61 -12.40 38.50
CA GLY A 275 -19.32 -13.78 38.80
C GLY A 275 -20.33 -14.47 39.69
N VAL A 276 -21.27 -13.74 40.28
CA VAL A 276 -22.25 -14.37 41.17
C VAL A 276 -23.12 -15.32 40.37
N GLN A 277 -23.31 -16.52 40.89
CA GLN A 277 -24.03 -17.56 40.18
C GLN A 277 -25.53 -17.35 40.30
N ASP A 278 -26.24 -17.55 39.18
CA ASP A 278 -27.69 -17.41 39.12
C ASP A 278 -28.16 -16.04 39.59
N MET A 279 -27.44 -15.00 39.16
CA MET A 279 -27.83 -13.62 39.40
C MET A 279 -28.31 -12.91 38.15
N PHE A 280 -27.71 -13.18 36.99
CA PHE A 280 -28.15 -12.67 35.71
C PHE A 280 -28.49 -13.86 34.82
N GLN A 281 -29.74 -13.93 34.37
CA GLN A 281 -30.20 -15.05 33.57
C GLN A 281 -30.91 -14.55 32.32
N ALA A 282 -30.81 -15.35 31.26
CA ALA A 282 -31.42 -15.03 29.98
C ALA A 282 -32.11 -16.27 29.43
N VAL A 283 -33.19 -16.05 28.67
CA VAL A 283 -33.98 -17.14 28.10
C VAL A 283 -34.31 -16.84 26.65
N TYR A 284 -34.67 -17.89 25.93
CA TYR A 284 -35.02 -17.79 24.51
C TYR A 284 -36.28 -18.61 24.27
N ALA A 285 -37.38 -17.92 23.98
CA ALA A 285 -38.63 -18.59 23.65
C ALA A 285 -38.59 -19.13 22.23
N PRO A 286 -39.47 -20.06 21.88
CA PRO A 286 -39.54 -20.54 20.50
C PRO A 286 -40.24 -19.55 19.58
N ALA A 287 -40.40 -19.91 18.31
CA ALA A 287 -41.01 -19.04 17.33
C ALA A 287 -42.50 -18.87 17.62
N ASP A 288 -43.14 -18.02 16.84
CA ASP A 288 -44.58 -17.80 16.91
C ASP A 288 -45.20 -18.50 15.71
N SER A 289 -45.46 -19.79 15.86
CA SER A 289 -45.99 -20.63 14.80
C SER A 289 -46.45 -21.94 15.40
N THR A 290 -47.56 -22.48 14.89
CA THR A 290 -48.04 -23.77 15.36
C THR A 290 -47.09 -24.90 15.01
N ASP A 291 -46.18 -24.70 14.06
CA ASP A 291 -45.17 -25.69 13.75
C ASP A 291 -43.94 -25.58 14.63
N HIS A 292 -43.78 -24.45 15.33
CA HIS A 292 -42.67 -24.21 16.24
C HIS A 292 -43.18 -23.91 17.64
N VAL A 293 -44.15 -24.70 18.10
CA VAL A 293 -44.73 -24.55 19.43
C VAL A 293 -44.43 -25.80 20.22
N ASN A 294 -44.16 -25.63 21.52
CA ASN A 294 -43.75 -26.74 22.39
C ASN A 294 -42.51 -27.44 21.82
N THR A 295 -41.50 -26.64 21.51
CA THR A 295 -40.24 -27.13 20.97
C THR A 295 -39.11 -26.28 21.54
N ILE A 296 -37.94 -26.91 21.71
CA ILE A 296 -36.80 -26.19 22.25
C ILE A 296 -36.40 -25.09 21.29
N SER A 297 -36.28 -23.87 21.81
CA SER A 297 -35.97 -22.71 20.97
C SER A 297 -34.58 -22.83 20.36
N GLN A 298 -34.41 -22.18 19.21
CA GLN A 298 -33.12 -22.12 18.53
C GLN A 298 -32.51 -20.73 18.57
N GLY A 299 -33.00 -19.85 19.46
CA GLY A 299 -32.46 -18.52 19.55
C GLY A 299 -33.16 -17.53 18.64
N SER A 300 -32.55 -17.27 17.48
CA SER A 300 -33.10 -16.35 16.49
C SER A 300 -33.45 -17.12 15.23
N TYR A 301 -34.61 -16.81 14.66
CA TYR A 301 -35.17 -17.57 13.56
C TYR A 301 -35.15 -16.77 12.27
N LEU A 302 -34.96 -17.47 11.15
CA LEU A 302 -34.95 -16.87 9.83
C LEU A 302 -35.82 -17.71 8.91
N PHE A 303 -36.85 -17.09 8.33
CA PHE A 303 -37.78 -17.78 7.44
C PHE A 303 -37.86 -17.05 6.11
N LEU A 304 -37.98 -17.82 5.03
CA LEU A 304 -38.15 -17.29 3.68
C LEU A 304 -39.60 -17.52 3.27
N ASN A 305 -40.40 -16.47 3.31
CA ASN A 305 -41.81 -16.55 2.97
C ASN A 305 -41.97 -16.32 1.47
N ALA A 306 -42.14 -17.42 0.73
CA ALA A 306 -42.30 -17.35 -0.72
C ALA A 306 -43.71 -17.71 -1.16
N GLY A 307 -44.69 -17.57 -0.27
CA GLY A 307 -46.06 -17.89 -0.61
C GLY A 307 -47.05 -16.91 -0.03
N GLU A 308 -46.61 -15.69 0.27
CA GLU A 308 -47.49 -14.69 0.85
C GLU A 308 -48.15 -13.80 -0.20
N ASN A 309 -47.39 -13.39 -1.20
CA ASN A 309 -47.89 -12.60 -2.32
C ASN A 309 -47.55 -13.29 -3.64
N TRP A 310 -48.06 -12.72 -4.73
CA TRP A 310 -47.53 -13.02 -6.05
C TRP A 310 -46.44 -12.04 -6.46
N ARG A 311 -46.40 -10.87 -5.83
CA ARG A 311 -45.44 -9.83 -6.21
C ARG A 311 -44.08 -10.05 -5.57
N ARG A 312 -44.04 -10.03 -4.24
CA ARG A 312 -42.78 -10.04 -3.51
C ARG A 312 -42.57 -11.40 -2.82
N ASP A 313 -41.40 -11.54 -2.20
CA ASP A 313 -41.06 -12.70 -1.39
C ASP A 313 -40.25 -12.19 -0.21
N VAL A 314 -40.85 -12.15 0.96
CA VAL A 314 -40.29 -11.45 2.11
C VAL A 314 -39.43 -12.41 2.92
N ILE A 315 -38.38 -11.87 3.53
CA ILE A 315 -37.56 -12.59 4.50
C ILE A 315 -38.08 -12.28 5.88
N GLU A 316 -38.52 -13.32 6.60
CA GLU A 316 -39.08 -13.15 7.93
C GLU A 316 -38.06 -13.57 8.97
N SER A 317 -37.79 -12.67 9.91
CA SER A 317 -36.81 -12.91 10.96
C SER A 317 -37.40 -12.46 12.28
N GLU A 318 -37.08 -13.19 13.34
CA GLU A 318 -37.76 -12.98 14.61
C GLU A 318 -36.94 -13.60 15.73
N VAL A 319 -37.08 -13.05 16.93
CA VAL A 319 -36.42 -13.55 18.12
C VAL A 319 -37.23 -13.15 19.34
N SER A 320 -37.42 -14.10 20.25
CA SER A 320 -38.04 -13.83 21.54
C SER A 320 -37.01 -14.08 22.63
N TYR A 321 -36.77 -13.08 23.45
CA TYR A 321 -35.65 -13.12 24.37
C TYR A 321 -35.92 -12.14 25.51
N ALA A 322 -35.49 -12.51 26.72
CA ALA A 322 -35.68 -11.65 27.88
C ALA A 322 -34.61 -11.95 28.91
N CYS A 323 -34.06 -10.89 29.51
CA CYS A 323 -33.07 -11.00 30.56
C CYS A 323 -33.75 -10.92 31.92
N MET A 324 -33.05 -11.42 32.94
CA MET A 324 -33.65 -11.55 34.25
C MET A 324 -32.59 -11.31 35.30
N VAL A 325 -32.90 -10.51 36.31
CA VAL A 325 -32.00 -10.24 37.42
C VAL A 325 -32.70 -10.75 38.68
N THR A 326 -32.26 -11.90 39.17
CA THR A 326 -32.90 -12.55 40.30
C THR A 326 -32.40 -12.04 41.65
N ARG A 327 -31.33 -11.25 41.67
CA ARG A 327 -30.77 -10.69 42.91
C ARG A 327 -30.62 -9.20 42.70
N SER A 328 -31.69 -8.44 42.96
CA SER A 328 -31.66 -7.00 42.79
C SER A 328 -31.24 -6.27 44.06
N GLU A 329 -31.00 -6.98 45.16
CA GLU A 329 -30.46 -6.35 46.36
C GLU A 329 -28.95 -6.21 46.30
N LEU A 330 -28.30 -6.80 45.30
CA LEU A 330 -26.86 -6.76 45.16
C LEU A 330 -26.39 -5.68 44.19
N ILE A 331 -27.30 -4.90 43.63
CA ILE A 331 -26.97 -3.82 42.70
C ILE A 331 -27.27 -2.50 43.39
N CYS A 332 -26.31 -1.59 43.34
CA CYS A 332 -26.43 -0.27 43.97
C CYS A 332 -26.48 0.79 42.90
N ASP A 333 -27.52 1.64 42.95
CA ASP A 333 -27.66 2.74 42.01
C ASP A 333 -27.01 3.98 42.59
N LEU A 334 -26.03 4.52 41.88
CA LEU A 334 -25.24 5.65 42.35
C LEU A 334 -25.56 6.89 41.53
N THR A 335 -25.67 8.03 42.22
CA THR A 335 -25.91 9.31 41.58
C THR A 335 -24.65 10.14 41.64
N ILE A 336 -24.14 10.54 40.48
CA ILE A 336 -22.88 11.27 40.38
C ILE A 336 -23.20 12.74 40.12
N THR A 337 -22.70 13.61 40.99
CA THR A 337 -22.85 15.06 40.83
C THR A 337 -21.49 15.64 40.47
N VAL A 338 -21.31 15.95 39.19
CA VAL A 338 -20.04 16.48 38.71
C VAL A 338 -19.80 17.89 39.25
N GLY B 8 -17.50 -15.89 -28.04
CA GLY B 8 -16.88 -17.06 -27.44
C GLY B 8 -15.96 -16.73 -26.28
N VAL B 9 -16.55 -16.26 -25.19
CA VAL B 9 -15.80 -15.88 -24.00
C VAL B 9 -16.06 -16.90 -22.91
N VAL B 10 -15.24 -16.84 -21.86
CA VAL B 10 -15.42 -17.68 -20.68
C VAL B 10 -15.26 -16.81 -19.44
N ASP B 11 -16.13 -17.00 -18.46
CA ASP B 11 -16.14 -16.18 -17.27
C ASP B 11 -15.15 -16.72 -16.24
N TYR B 12 -14.19 -15.89 -15.84
CA TYR B 12 -13.12 -16.29 -14.94
C TYR B 12 -13.09 -15.41 -13.70
N THR B 13 -14.26 -14.89 -13.30
CA THR B 13 -14.30 -14.01 -12.13
C THR B 13 -14.21 -14.78 -10.82
N SER B 14 -14.45 -16.10 -10.85
CA SER B 14 -14.27 -16.90 -9.64
C SER B 14 -12.81 -16.93 -9.21
N LEU B 15 -11.89 -17.00 -10.17
CA LEU B 15 -10.46 -17.03 -9.87
C LEU B 15 -9.97 -15.73 -9.23
N MET B 16 -10.78 -14.67 -9.28
CA MET B 16 -10.38 -13.43 -8.62
C MET B 16 -10.25 -13.59 -7.12
N ALA B 17 -10.90 -14.61 -6.54
CA ALA B 17 -10.79 -14.87 -5.11
C ALA B 17 -9.53 -15.65 -4.76
N LEU B 18 -8.83 -16.21 -5.73
CA LEU B 18 -7.59 -16.94 -5.46
C LEU B 18 -6.47 -16.04 -4.99
N ALA B 19 -6.63 -14.73 -5.11
CA ALA B 19 -5.64 -13.77 -4.63
C ALA B 19 -6.35 -12.48 -4.26
N PRO B 20 -7.06 -12.44 -3.13
CA PRO B 20 -7.80 -11.24 -2.77
C PRO B 20 -6.87 -10.05 -2.58
N ARG B 21 -7.39 -8.87 -2.91
CA ARG B 21 -6.59 -7.65 -2.85
C ARG B 21 -6.12 -7.41 -1.42
N SER B 22 -5.08 -6.59 -1.30
CA SER B 22 -4.58 -6.18 0.00
C SER B 22 -5.58 -5.19 0.60
N LYS B 23 -5.26 -4.67 1.78
CA LYS B 23 -6.15 -3.76 2.50
C LYS B 23 -5.48 -2.40 2.58
N ASN B 24 -6.06 -1.41 1.90
CA ASN B 24 -5.48 -0.07 1.87
C ASN B 24 -5.45 0.52 3.27
N PHE B 25 -4.73 1.64 3.40
CA PHE B 25 -4.57 2.24 4.72
C PHE B 25 -5.90 2.69 5.28
N LEU B 26 -6.76 3.27 4.44
CA LEU B 26 -8.09 3.67 4.91
C LEU B 26 -8.93 2.46 5.28
N GLU B 27 -8.83 1.38 4.48
CA GLU B 27 -9.57 0.17 4.82
C GLU B 27 -9.07 -0.43 6.12
N LEU B 28 -7.75 -0.44 6.33
CA LEU B 28 -7.22 -0.92 7.60
C LEU B 28 -7.67 -0.04 8.77
N LEU B 29 -7.73 1.27 8.55
CA LEU B 29 -8.15 2.20 9.58
C LEU B 29 -9.63 2.06 9.92
N GLY B 30 -10.38 1.29 9.13
CA GLY B 30 -11.80 1.11 9.38
C GLY B 30 -12.71 2.17 8.79
N VAL B 31 -12.17 3.07 7.98
CA VAL B 31 -13.00 4.08 7.33
C VAL B 31 -13.96 3.43 6.34
N PHE B 32 -13.43 2.55 5.50
CA PHE B 32 -14.24 1.69 4.64
C PHE B 32 -13.94 0.25 4.95
N SER B 33 -14.94 -0.61 4.84
CA SER B 33 -14.75 -2.04 5.14
C SER B 33 -15.78 -2.83 4.35
N GLU B 34 -15.78 -4.14 4.54
CA GLU B 34 -16.76 -5.01 3.92
C GLU B 34 -18.08 -5.05 4.66
N SER B 35 -18.14 -4.46 5.85
CA SER B 35 -19.43 -4.36 6.55
C SER B 35 -20.34 -3.35 5.86
N ASN B 36 -19.83 -2.16 5.57
CA ASN B 36 -20.57 -1.18 4.77
C ASN B 36 -20.04 -1.21 3.33
N THR B 37 -20.45 -2.24 2.61
CA THR B 37 -20.13 -2.36 1.19
C THR B 37 -21.17 -3.27 0.57
N ARG B 38 -22.15 -2.68 -0.12
CA ARG B 38 -23.29 -3.40 -0.65
C ARG B 38 -23.05 -3.71 -2.13
N TYR B 39 -23.34 -4.95 -2.52
CA TYR B 39 -23.21 -5.38 -3.90
C TYR B 39 -24.60 -5.27 -4.53
N ILE B 40 -24.90 -4.12 -5.12
CA ILE B 40 -26.23 -3.81 -5.63
C ILE B 40 -26.49 -4.52 -6.95
N ASP B 41 -27.74 -4.48 -7.40
CA ASP B 41 -28.19 -5.21 -8.57
C ASP B 41 -28.29 -4.37 -9.83
N SER B 42 -28.31 -3.06 -9.72
CA SER B 42 -28.57 -2.18 -10.85
C SER B 42 -27.37 -1.26 -11.10
N ARG B 43 -27.50 -0.45 -12.16
CA ARG B 43 -26.47 0.54 -12.44
C ARG B 43 -26.54 1.70 -11.46
N TYR B 44 -27.70 1.93 -10.87
CA TYR B 44 -27.92 3.07 -9.98
C TYR B 44 -27.92 2.61 -8.53
N ALA B 45 -27.22 3.36 -7.69
CA ALA B 45 -27.07 3.01 -6.28
C ALA B 45 -27.88 3.96 -5.42
N GLU B 46 -28.52 3.43 -4.39
CA GLU B 46 -29.34 4.21 -3.47
C GLU B 46 -28.63 4.31 -2.13
N PHE B 47 -28.45 5.54 -1.66
CA PHE B 47 -27.78 5.81 -0.39
C PHE B 47 -28.74 6.57 0.51
N GLU B 48 -28.94 6.05 1.72
CA GLU B 48 -29.88 6.63 2.68
C GLU B 48 -29.10 7.24 3.84
N ARG B 49 -29.26 8.54 4.04
CA ARG B 49 -28.65 9.24 5.17
C ARG B 49 -29.55 9.02 6.39
N GLU B 50 -29.27 7.96 7.16
CA GLU B 50 -30.09 7.63 8.32
C GLU B 50 -29.68 8.46 9.52
N GLU B 51 -29.68 9.79 9.37
CA GLU B 51 -29.31 10.69 10.45
C GLU B 51 -30.43 10.90 11.46
N LYS B 52 -31.65 10.46 11.15
CA LYS B 52 -32.78 10.63 12.05
C LYS B 52 -32.68 9.59 13.18
N GLY B 53 -31.69 9.80 14.04
CA GLY B 53 -31.43 8.86 15.11
C GLY B 53 -31.12 7.48 14.56
N VAL B 54 -31.82 6.47 15.09
CA VAL B 54 -31.68 5.10 14.60
C VAL B 54 -33.05 4.43 14.76
N THR B 55 -33.79 4.35 13.66
CA THR B 55 -35.14 3.79 13.70
C THR B 55 -35.42 2.85 12.53
N LYS B 56 -34.40 2.42 11.80
CA LYS B 56 -34.62 1.44 10.74
C LYS B 56 -35.11 0.12 11.32
N MET B 57 -34.60 -0.26 12.48
CA MET B 57 -35.09 -1.42 13.21
C MET B 57 -35.23 -1.04 14.67
N ASN B 58 -36.12 -1.73 15.37
CA ASN B 58 -36.36 -1.43 16.78
C ASN B 58 -37.00 -2.64 17.44
N ALA B 59 -37.52 -2.44 18.65
CA ALA B 59 -38.21 -3.47 19.40
C ALA B 59 -39.62 -3.67 18.87
N MET B 60 -40.23 -4.77 19.29
CA MET B 60 -41.56 -5.13 18.81
C MET B 60 -42.30 -5.89 19.91
N ALA B 61 -43.55 -6.25 19.62
CA ALA B 61 -44.42 -6.91 20.59
C ALA B 61 -45.58 -7.54 19.84
N ARG B 62 -46.63 -7.92 20.59
CA ARG B 62 -47.92 -8.36 20.05
C ARG B 62 -47.76 -9.60 19.16
N GLY B 63 -47.38 -10.69 19.81
CA GLY B 63 -47.33 -11.98 19.15
C GLY B 63 -48.63 -12.37 18.48
N GLY B 64 -48.59 -13.41 17.65
CA GLY B 64 -49.75 -13.79 16.85
C GLY B 64 -49.74 -13.21 15.45
N SER B 65 -49.99 -11.91 15.31
CA SER B 65 -49.83 -11.25 14.01
C SER B 65 -49.60 -9.76 14.24
N ARG B 66 -48.32 -9.34 14.23
CA ARG B 66 -47.99 -7.92 14.23
C ARG B 66 -46.75 -7.63 13.39
N LYS B 67 -46.52 -8.39 12.31
CA LYS B 67 -45.24 -8.33 11.61
C LYS B 67 -44.94 -6.93 11.09
N TYR B 68 -45.88 -6.34 10.34
CA TYR B 68 -45.73 -4.99 9.79
C TYR B 68 -44.46 -4.88 8.94
N ILE B 69 -44.43 -5.67 7.87
CA ILE B 69 -43.21 -5.80 7.08
C ILE B 69 -42.82 -4.49 6.42
N GLY B 70 -43.79 -3.63 6.11
CA GLY B 70 -43.52 -2.39 5.38
C GLY B 70 -42.67 -1.46 6.23
N SER B 71 -41.64 -0.88 5.61
CA SER B 71 -40.71 0.03 6.28
C SER B 71 -41.18 1.47 6.11
N GLU B 72 -40.33 2.42 6.48
CA GLU B 72 -40.61 3.83 6.38
C GLU B 72 -39.75 4.46 5.27
N LYS B 73 -39.84 5.78 5.13
CA LYS B 73 -39.11 6.51 4.10
C LYS B 73 -38.23 7.56 4.77
N ALA B 74 -36.97 7.63 4.34
CA ALA B 74 -36.01 8.60 4.84
C ALA B 74 -35.38 9.31 3.65
N ARG B 75 -34.44 10.20 3.94
CA ARG B 75 -33.75 10.93 2.88
C ARG B 75 -32.83 9.99 2.11
N LYS B 76 -32.90 10.05 0.79
CA LYS B 76 -32.10 9.16 -0.05
C LYS B 76 -31.74 9.87 -1.34
N GLU B 77 -30.64 9.41 -1.95
CA GLU B 77 -30.16 9.93 -3.22
C GLU B 77 -29.81 8.77 -4.13
N ILE B 78 -30.16 8.89 -5.40
CA ILE B 78 -29.85 7.89 -6.41
C ILE B 78 -28.76 8.44 -7.31
N ILE B 79 -27.65 7.70 -7.44
CA ILE B 79 -26.54 8.08 -8.29
C ILE B 79 -26.12 6.87 -9.10
N GLU B 80 -25.52 7.13 -10.25
CA GLU B 80 -25.02 6.08 -11.13
C GLU B 80 -23.55 5.85 -10.86
N VAL B 81 -23.19 4.61 -10.57
CA VAL B 81 -21.82 4.26 -10.21
C VAL B 81 -20.98 4.18 -11.49
N PRO B 82 -19.79 4.78 -11.51
CA PRO B 82 -18.96 4.72 -12.71
C PRO B 82 -18.55 3.29 -13.05
N PHE B 83 -18.39 3.02 -14.33
CA PHE B 83 -17.98 1.71 -14.83
C PHE B 83 -16.67 1.87 -15.58
N ALA B 84 -15.58 1.35 -15.00
CA ALA B 84 -14.25 1.53 -15.57
C ALA B 84 -13.59 0.20 -15.85
N PRO B 85 -13.40 -0.18 -17.11
CA PRO B 85 -12.70 -1.41 -17.43
C PRO B 85 -11.21 -1.17 -17.65
N LEU B 86 -10.46 -2.27 -17.65
CA LEU B 86 -9.06 -2.27 -18.07
C LEU B 86 -8.84 -3.58 -18.84
N ASP B 87 -9.04 -3.53 -20.15
CA ASP B 87 -8.83 -4.69 -21.01
C ASP B 87 -7.35 -4.76 -21.37
N GLY B 88 -6.55 -5.15 -20.38
CA GLY B 88 -5.10 -5.15 -20.55
C GLY B 88 -4.64 -6.00 -21.72
N VAL B 89 -5.39 -7.04 -22.05
CA VAL B 89 -5.11 -7.92 -23.19
C VAL B 89 -3.67 -8.41 -23.10
N THR B 90 -3.01 -8.54 -24.25
CA THR B 90 -1.61 -8.95 -24.31
C THR B 90 -1.38 -10.26 -23.56
N VAL B 91 -2.36 -11.16 -23.68
CA VAL B 91 -2.27 -12.46 -23.02
C VAL B 91 -1.38 -13.38 -23.86
N ALA B 92 -0.19 -13.68 -23.34
CA ALA B 92 0.66 -14.67 -23.98
C ALA B 92 -0.09 -15.99 -24.09
N SER B 93 0.08 -16.67 -25.22
CA SER B 93 -0.73 -17.85 -25.53
C SER B 93 -0.72 -18.85 -24.38
N GLU B 94 0.43 -19.47 -24.13
CA GLU B 94 0.67 -20.33 -22.97
C GLU B 94 -0.55 -21.19 -22.61
N VAL B 95 -1.21 -21.74 -23.61
CA VAL B 95 -2.50 -22.43 -23.45
C VAL B 95 -3.48 -21.54 -22.70
N GLU B 96 -3.83 -20.43 -23.37
CA GLU B 96 -4.72 -19.40 -22.84
C GLU B 96 -4.18 -18.78 -21.56
N ALA B 97 -2.86 -18.88 -21.34
CA ALA B 97 -2.17 -18.30 -20.19
C ALA B 97 -2.67 -18.87 -18.87
N PHE B 98 -3.56 -19.87 -18.94
CA PHE B 98 -4.08 -20.53 -17.74
C PHE B 98 -4.24 -22.03 -17.98
N ARG B 99 -3.39 -22.59 -18.84
CA ARG B 99 -3.46 -24.01 -19.22
C ARG B 99 -4.83 -24.35 -19.80
N GLN B 100 -5.39 -23.42 -20.56
CA GLN B 100 -6.71 -23.56 -21.17
C GLN B 100 -7.76 -23.92 -20.11
N TYR B 101 -7.97 -22.99 -19.20
CA TYR B 101 -8.79 -23.21 -18.01
C TYR B 101 -8.23 -24.37 -17.18
N GLY B 102 -6.92 -24.42 -17.06
CA GLY B 102 -6.26 -25.48 -16.31
C GLY B 102 -6.29 -25.26 -14.81
N THR B 103 -7.46 -24.93 -14.28
CA THR B 103 -7.66 -24.81 -12.84
C THR B 103 -8.15 -26.11 -12.22
N GLU B 104 -8.35 -27.15 -13.04
CA GLU B 104 -8.69 -28.49 -12.53
C GLU B 104 -7.44 -29.33 -12.36
N SER B 105 -6.68 -29.55 -13.43
CA SER B 105 -5.40 -30.23 -13.37
C SER B 105 -4.25 -29.22 -13.24
N GLN B 106 -4.38 -28.32 -12.26
CA GLN B 106 -3.38 -27.28 -12.03
C GLN B 106 -2.16 -27.88 -11.35
N THR B 107 -1.26 -28.48 -12.11
CA THR B 107 -0.16 -29.24 -11.51
C THR B 107 1.00 -28.34 -11.10
N ALA B 108 1.67 -27.72 -12.08
CA ALA B 108 2.91 -27.01 -11.80
C ALA B 108 2.88 -25.55 -12.20
N SER B 109 2.55 -25.24 -13.45
CA SER B 109 2.66 -23.88 -13.96
C SER B 109 1.40 -23.06 -13.78
N VAL B 110 0.25 -23.71 -13.63
CA VAL B 110 -1.00 -22.97 -13.45
C VAL B 110 -0.94 -22.10 -12.20
N GLU B 111 -0.57 -22.69 -11.06
CA GLU B 111 -0.51 -21.98 -9.80
C GLU B 111 0.56 -20.90 -9.76
N ALA B 112 1.30 -20.67 -10.84
CA ALA B 112 2.28 -19.60 -10.90
C ALA B 112 1.89 -18.52 -11.90
N LEU B 113 1.63 -18.89 -13.16
CA LEU B 113 1.19 -17.91 -14.14
C LEU B 113 -0.17 -17.33 -13.74
N VAL B 114 -1.10 -18.19 -13.31
CA VAL B 114 -2.41 -17.72 -12.87
C VAL B 114 -2.25 -16.82 -11.66
N GLN B 115 -1.42 -17.22 -10.69
CA GLN B 115 -1.22 -16.41 -9.50
C GLN B 115 -0.69 -15.03 -9.88
N ARG B 116 0.28 -14.98 -10.80
CA ARG B 116 0.80 -13.69 -11.24
C ARG B 116 -0.26 -12.85 -11.93
N LYS B 117 -1.06 -13.48 -12.80
CA LYS B 117 -2.07 -12.75 -13.56
C LYS B 117 -3.08 -12.08 -12.64
N ILE B 118 -3.66 -12.85 -11.72
CA ILE B 118 -4.61 -12.27 -10.78
C ILE B 118 -3.93 -11.31 -9.80
N GLU B 119 -2.71 -11.63 -9.35
CA GLU B 119 -2.01 -10.70 -8.47
C GLU B 119 -1.69 -9.37 -9.14
N HIS B 120 -1.70 -9.33 -10.48
CA HIS B 120 -1.55 -8.08 -11.21
C HIS B 120 -2.89 -7.38 -11.42
N ILE B 121 -3.90 -8.15 -11.87
CA ILE B 121 -5.21 -7.55 -12.15
C ILE B 121 -5.82 -6.95 -10.89
N GLN B 122 -5.83 -7.72 -9.79
CA GLN B 122 -6.39 -7.20 -8.55
C GLN B 122 -5.52 -6.11 -7.95
N ARG B 123 -4.22 -6.11 -8.24
CA ARG B 123 -3.40 -4.98 -7.80
C ARG B 123 -3.82 -3.70 -8.50
N SER B 124 -4.07 -3.78 -9.81
CA SER B 124 -4.54 -2.61 -10.53
C SER B 124 -5.92 -2.16 -10.05
N HIS B 125 -6.83 -3.13 -9.84
CA HIS B 125 -8.15 -2.78 -9.33
C HIS B 125 -8.08 -2.18 -7.94
N GLY B 126 -7.16 -2.67 -7.10
CA GLY B 126 -6.99 -2.07 -5.79
C GLY B 126 -6.43 -0.67 -5.86
N ILE B 127 -5.55 -0.41 -6.83
CA ILE B 127 -5.09 0.96 -7.07
C ILE B 127 -6.27 1.84 -7.42
N TYR B 128 -7.12 1.38 -8.32
CA TYR B 128 -8.31 2.13 -8.71
C TYR B 128 -9.21 2.41 -7.50
N ILE B 129 -9.45 1.38 -6.69
CA ILE B 129 -10.38 1.51 -5.57
C ILE B 129 -9.80 2.44 -4.51
N ARG B 130 -8.48 2.38 -4.28
CA ARG B 130 -7.86 3.32 -3.36
C ARG B 130 -7.98 4.74 -3.88
N ASP B 131 -7.85 4.93 -5.19
CA ASP B 131 -8.06 6.25 -5.77
C ASP B 131 -9.49 6.72 -5.54
N CYS B 132 -10.47 5.84 -5.74
CA CYS B 132 -11.86 6.21 -5.51
C CYS B 132 -12.09 6.61 -4.05
N GLN B 133 -11.59 5.81 -3.12
CA GLN B 133 -11.80 6.08 -1.71
C GLN B 133 -11.13 7.38 -1.28
N TYR B 134 -9.91 7.61 -1.75
CA TYR B 134 -9.21 8.84 -1.37
C TYR B 134 -9.85 10.06 -2.01
N THR B 135 -10.33 9.94 -3.25
CA THR B 135 -11.05 11.04 -3.87
C THR B 135 -12.33 11.35 -3.10
N ALA B 136 -13.04 10.30 -2.67
CA ALA B 136 -14.26 10.50 -1.90
C ALA B 136 -13.98 11.20 -0.58
N LEU B 137 -12.94 10.77 0.14
CA LEU B 137 -12.69 11.33 1.45
C LEU B 137 -12.05 12.71 1.39
N LEU B 138 -11.15 12.94 0.44
CA LEU B 138 -10.40 14.20 0.37
C LEU B 138 -11.16 15.29 -0.37
N LYS B 139 -11.86 14.94 -1.44
CA LYS B 139 -12.46 15.94 -2.33
C LYS B 139 -13.98 15.95 -2.31
N ASP B 140 -14.62 15.01 -1.61
CA ASP B 140 -16.07 14.88 -1.57
C ASP B 140 -16.68 14.83 -2.97
N LYS B 141 -16.30 13.79 -3.71
CA LYS B 141 -16.89 13.59 -5.03
C LYS B 141 -16.58 12.18 -5.49
N ILE B 142 -17.46 11.65 -6.33
CA ILE B 142 -17.18 10.37 -6.98
C ILE B 142 -16.09 10.57 -8.02
N LEU B 143 -15.12 9.64 -8.04
CA LEU B 143 -14.03 9.72 -9.02
C LEU B 143 -14.57 9.27 -10.37
N ALA B 144 -14.80 10.23 -11.25
CA ALA B 144 -15.14 9.95 -12.64
C ALA B 144 -14.25 10.81 -13.52
N GLU B 145 -13.58 10.18 -14.48
CA GLU B 145 -12.62 10.87 -15.31
C GLU B 145 -12.72 10.35 -16.74
N ASP B 146 -12.28 11.16 -17.69
CA ASP B 146 -12.18 10.72 -19.07
C ASP B 146 -10.81 10.10 -19.31
N GLU B 147 -10.57 9.64 -20.54
CA GLU B 147 -9.27 9.09 -20.86
C GLU B 147 -8.17 10.14 -20.73
N ASP B 148 -8.45 11.37 -21.16
CA ASP B 148 -7.48 12.45 -21.05
C ASP B 148 -7.38 13.01 -19.64
N GLY B 149 -8.21 12.54 -18.71
CA GLY B 149 -8.17 13.05 -17.35
C GLY B 149 -9.10 14.20 -17.07
N ASN B 150 -10.13 14.39 -17.89
CA ASN B 150 -11.12 15.43 -17.67
C ASN B 150 -12.32 14.85 -16.94
N GLU B 151 -12.72 15.51 -15.85
CA GLU B 151 -13.77 14.98 -14.99
C GLU B 151 -15.11 14.92 -15.73
N ILE B 152 -15.79 13.78 -15.62
CA ILE B 152 -17.15 13.64 -16.14
C ILE B 152 -18.11 14.23 -15.11
N THR B 153 -18.68 15.40 -15.40
CA THR B 153 -19.55 16.06 -14.45
C THR B 153 -20.86 15.32 -14.23
N ALA B 154 -21.27 14.49 -15.18
CA ALA B 154 -22.51 13.73 -15.02
C ALA B 154 -22.40 12.72 -13.88
N LEU B 155 -21.21 12.16 -13.67
CA LEU B 155 -21.01 11.15 -12.64
C LEU B 155 -20.24 11.64 -11.43
N ALA B 156 -19.49 12.73 -11.54
CA ALA B 156 -18.64 13.21 -10.45
C ALA B 156 -19.50 14.05 -9.49
N LYS B 157 -20.49 13.38 -8.90
CA LYS B 157 -21.44 14.05 -8.03
C LYS B 157 -20.76 14.41 -6.71
N ASN B 158 -20.73 15.70 -6.39
CA ASN B 158 -20.20 16.14 -5.11
C ASN B 158 -21.07 15.59 -3.97
N PHE B 159 -20.51 15.61 -2.76
CA PHE B 159 -21.21 15.14 -1.58
C PHE B 159 -21.75 16.26 -0.71
N SER B 160 -21.20 17.46 -0.81
CA SER B 160 -21.69 18.60 -0.05
C SER B 160 -22.93 19.22 -0.65
N THR B 161 -23.27 18.88 -1.90
CA THR B 161 -24.49 19.34 -2.53
C THR B 161 -25.54 18.24 -2.65
N LEU B 162 -25.12 16.98 -2.77
CA LEU B 162 -26.06 15.87 -2.83
C LEU B 162 -26.83 15.70 -1.53
N TRP B 163 -26.30 16.22 -0.42
CA TRP B 163 -26.99 16.17 0.87
C TRP B 163 -27.19 17.54 1.49
N GLY B 164 -26.65 18.60 0.90
CA GLY B 164 -26.83 19.93 1.46
C GLY B 164 -26.18 20.14 2.81
N VAL B 165 -24.97 19.62 2.99
CA VAL B 165 -24.21 19.82 4.22
C VAL B 165 -22.83 20.34 3.85
N SER B 166 -22.21 21.04 4.80
CA SER B 166 -20.94 21.72 4.56
C SER B 166 -19.88 21.19 5.52
N ARG B 167 -18.71 20.87 4.97
CA ARG B 167 -17.58 20.47 5.81
C ARG B 167 -17.07 21.66 6.62
N LYS B 168 -16.65 21.39 7.85
CA LYS B 168 -15.95 22.39 8.61
C LYS B 168 -14.57 22.65 8.01
N THR B 169 -14.04 23.84 8.24
CA THR B 169 -12.74 24.23 7.72
C THR B 169 -11.92 24.87 8.82
N GLY B 170 -10.60 24.72 8.72
CA GLY B 170 -9.70 25.32 9.70
C GLY B 170 -8.31 25.48 9.13
N ALA B 171 -7.48 26.19 9.89
CA ALA B 171 -6.10 26.42 9.50
C ALA B 171 -5.24 26.49 10.75
N ILE B 172 -4.12 25.77 10.72
CA ILE B 172 -3.16 25.76 11.82
C ILE B 172 -1.80 26.14 11.25
N ASN B 173 -1.15 27.12 11.88
CA ASN B 173 0.17 27.57 11.49
C ASN B 173 1.15 27.08 12.55
N THR B 174 2.03 26.15 12.16
CA THR B 174 2.97 25.59 13.11
C THR B 174 3.99 26.62 13.57
N THR B 175 4.39 27.54 12.69
CA THR B 175 5.35 28.57 13.06
C THR B 175 4.83 29.48 14.16
N THR B 176 3.50 29.67 14.23
CA THR B 176 2.92 30.57 15.20
C THR B 176 2.99 29.96 16.60
N ALA B 177 2.77 30.81 17.61
CA ALA B 177 2.90 30.40 19.00
C ALA B 177 1.67 29.70 19.55
N VAL B 178 0.54 29.75 18.84
CA VAL B 178 -0.66 29.08 19.33
C VAL B 178 -0.49 27.57 19.21
N ASN B 179 -0.92 26.86 20.25
CA ASN B 179 -0.76 25.41 20.28
C ASN B 179 -1.62 24.79 19.20
N PRO B 180 -1.05 24.02 18.26
CA PRO B 180 -1.88 23.42 17.20
C PRO B 180 -2.95 22.48 17.73
N PHE B 181 -2.72 21.86 18.89
CA PHE B 181 -3.74 20.99 19.46
C PHE B 181 -4.86 21.75 20.14
N SER B 182 -4.63 23.00 20.54
CA SER B 182 -5.71 23.84 21.03
C SER B 182 -6.74 24.08 19.93
N VAL B 183 -6.28 24.36 18.72
CA VAL B 183 -7.18 24.49 17.58
C VAL B 183 -7.90 23.19 17.31
N LEU B 184 -7.17 22.07 17.35
CA LEU B 184 -7.80 20.77 17.16
C LEU B 184 -8.72 20.40 18.32
N ALA B 185 -8.51 20.98 19.50
CA ALA B 185 -9.43 20.74 20.60
C ALA B 185 -10.78 21.41 20.37
N THR B 186 -10.76 22.66 19.89
CA THR B 186 -12.02 23.37 19.63
C THR B 186 -12.80 22.71 18.51
N LYS B 187 -12.14 22.48 17.37
CA LYS B 187 -12.83 21.88 16.23
C LYS B 187 -13.15 20.41 16.45
N ARG B 188 -12.62 19.79 17.51
CA ARG B 188 -13.15 18.50 17.92
C ARG B 188 -14.59 18.65 18.40
N GLN B 189 -14.85 19.66 19.22
CA GLN B 189 -16.20 19.88 19.74
C GLN B 189 -17.17 20.24 18.64
N GLU B 190 -16.73 21.04 17.67
CA GLU B 190 -17.61 21.43 16.57
C GLU B 190 -18.12 20.22 15.82
N ILE B 191 -17.27 19.22 15.62
CA ILE B 191 -17.73 17.97 15.02
C ILE B 191 -18.56 17.17 16.02
N ILE B 192 -18.25 17.28 17.31
CA ILE B 192 -19.01 16.53 18.32
C ILE B 192 -20.45 17.00 18.36
N ASP B 193 -20.65 18.33 18.32
CA ASP B 193 -22.02 18.87 18.41
C ASP B 193 -22.86 18.43 17.22
N SER B 194 -22.30 18.46 16.02
CA SER B 194 -23.06 18.11 14.82
C SER B 194 -23.38 16.62 14.76
N MET B 195 -22.79 15.80 15.62
CA MET B 195 -23.09 14.37 15.61
C MET B 195 -24.53 14.09 16.01
N GLY B 196 -25.09 14.91 16.90
CA GLY B 196 -26.47 14.75 17.33
C GLY B 196 -26.60 13.95 18.61
N GLU B 197 -27.64 13.11 18.68
CA GLU B 197 -27.88 12.30 19.87
C GLU B 197 -27.54 10.82 19.65
N ASN B 198 -26.99 10.46 18.51
CA ASN B 198 -26.57 9.08 18.22
C ASN B 198 -25.06 8.98 18.12
N ASN B 199 -24.34 9.72 18.95
CA ASN B 199 -22.88 9.75 18.89
C ASN B 199 -22.32 8.40 19.33
N GLY B 200 -21.62 7.73 18.42
CA GLY B 200 -21.00 6.45 18.72
C GLY B 200 -19.61 6.33 18.10
N PHE B 201 -18.92 7.45 17.96
CA PHE B 201 -17.63 7.45 17.28
C PHE B 201 -16.59 6.72 18.11
N THR B 202 -15.66 6.04 17.44
CA THR B 202 -14.59 5.34 18.14
C THR B 202 -13.43 6.26 18.45
N SER B 203 -12.96 7.01 17.45
CA SER B 203 -11.75 7.82 17.61
C SER B 203 -11.84 9.06 16.73
N MET B 204 -11.04 10.06 17.11
CA MET B 204 -11.02 11.35 16.43
C MET B 204 -9.79 11.40 15.51
N VAL B 205 -9.90 10.72 14.36
CA VAL B 205 -8.77 10.60 13.44
C VAL B 205 -8.51 11.95 12.78
N VAL B 206 -7.23 12.34 12.72
CA VAL B 206 -6.82 13.62 12.16
C VAL B 206 -5.79 13.34 11.07
N LEU B 207 -6.01 12.26 10.31
CA LEU B 207 -5.10 11.75 9.29
C LEU B 207 -4.45 12.85 8.47
N CYS B 208 -3.12 12.85 8.45
CA CYS B 208 -2.33 13.88 7.77
C CYS B 208 -1.09 13.28 7.09
N THR B 209 -0.16 14.13 6.68
CA THR B 209 1.05 13.71 5.98
C THR B 209 2.24 13.67 6.92
N THR B 210 3.34 13.08 6.43
CA THR B 210 4.55 12.95 7.24
C THR B 210 5.12 14.32 7.59
N ARG B 211 5.21 15.21 6.60
CA ARG B 211 5.75 16.54 6.86
C ARG B 211 4.89 17.30 7.87
N ASP B 212 3.57 17.26 7.68
CA ASP B 212 2.67 17.95 8.60
C ASP B 212 2.70 17.31 9.98
N PHE B 213 2.73 15.97 10.03
CA PHE B 213 2.85 15.28 11.31
C PHE B 213 4.09 15.74 12.06
N ASN B 214 5.24 15.72 11.39
CA ASN B 214 6.50 16.12 12.03
C ASN B 214 6.45 17.57 12.46
N ALA B 215 5.89 18.44 11.62
CA ALA B 215 5.82 19.86 11.97
C ALA B 215 4.97 20.10 13.20
N ILE B 216 3.82 19.44 13.30
CA ILE B 216 2.92 19.71 14.41
C ILE B 216 3.44 19.06 15.70
N VAL B 217 4.01 17.86 15.61
CA VAL B 217 4.51 17.22 16.82
C VAL B 217 5.77 17.90 17.33
N ASP B 218 6.48 18.62 16.47
CA ASP B 218 7.69 19.33 16.87
C ASP B 218 7.40 20.74 17.39
N HIS B 219 6.12 21.11 17.50
CA HIS B 219 5.78 22.41 18.07
C HIS B 219 6.22 22.46 19.53
N PRO B 220 6.63 23.64 20.01
CA PRO B 220 7.12 23.73 21.41
C PRO B 220 6.14 23.17 22.43
N ASP B 221 4.85 23.39 22.24
CA ASP B 221 3.86 22.90 23.19
C ASP B 221 3.63 21.40 23.07
N VAL B 222 3.86 20.83 21.89
CA VAL B 222 3.51 19.44 21.64
C VAL B 222 4.68 18.51 21.97
N ARG B 223 5.92 18.94 21.72
CA ARG B 223 7.07 18.06 21.87
C ARG B 223 7.24 17.61 23.32
N ALA B 224 6.86 18.45 24.29
CA ALA B 224 6.99 18.07 25.69
C ALA B 224 6.14 16.85 26.02
N ALA B 225 5.07 16.63 25.26
CA ALA B 225 4.21 15.46 25.45
C ALA B 225 4.52 14.33 24.49
N TYR B 226 4.93 14.65 23.26
CA TYR B 226 5.30 13.60 22.31
C TYR B 226 6.58 12.91 22.75
N GLU B 227 7.61 13.70 23.07
CA GLU B 227 8.86 13.13 23.57
C GLU B 227 8.72 12.68 25.02
N GLY B 228 8.00 13.45 25.83
CA GLY B 228 7.90 13.17 27.25
C GLY B 228 6.86 12.12 27.59
N ARG B 229 6.30 11.47 26.57
CA ARG B 229 5.37 10.39 26.80
C ARG B 229 5.34 9.44 25.60
N ASP B 230 4.26 9.51 24.81
CA ASP B 230 4.04 8.61 23.68
C ASP B 230 4.32 7.17 24.10
N GLY B 231 3.48 6.69 25.02
CA GLY B 231 3.73 5.40 25.64
C GLY B 231 3.87 4.27 24.65
N GLY B 232 3.16 4.36 23.52
CA GLY B 232 3.17 3.37 22.46
C GLY B 232 2.60 2.03 22.94
N ALA B 233 2.12 1.21 22.00
CA ALA B 233 1.46 -0.05 22.30
C ALA B 233 0.28 0.16 23.25
N GLU B 234 -0.15 1.40 23.40
CA GLU B 234 -1.31 1.76 24.19
C GLU B 234 -2.39 2.46 23.37
N TYR B 235 -2.02 3.17 22.31
CA TYR B 235 -3.00 3.69 21.38
C TYR B 235 -3.77 2.55 20.74
N LEU B 236 -5.10 2.69 20.68
CA LEU B 236 -5.93 1.60 20.19
C LEU B 236 -5.60 1.28 18.73
N THR B 237 -5.36 2.30 17.91
CA THR B 237 -5.04 2.06 16.51
C THR B 237 -3.75 1.29 16.35
N ARG B 238 -2.71 1.66 17.11
CA ARG B 238 -1.43 0.98 17.01
C ARG B 238 -1.54 -0.48 17.42
N ARG B 239 -2.26 -0.75 18.51
CA ARG B 239 -2.45 -2.13 18.95
C ARG B 239 -3.27 -2.93 17.94
N LEU B 240 -4.31 -2.31 17.37
CA LEU B 240 -5.18 -3.03 16.46
C LEU B 240 -4.47 -3.36 15.14
N GLY B 241 -3.81 -2.38 14.55
CA GLY B 241 -3.11 -2.62 13.30
C GLY B 241 -1.87 -3.48 13.46
N ASP B 242 -0.84 -2.91 14.08
CA ASP B 242 0.39 -3.63 14.42
C ASP B 242 1.01 -4.36 13.22
N ALA B 243 0.70 -3.90 12.01
CA ALA B 243 1.20 -4.56 10.81
C ALA B 243 1.62 -3.58 9.73
N VAL B 244 1.91 -2.32 10.08
CA VAL B 244 2.32 -1.33 9.09
C VAL B 244 3.12 -0.25 9.81
N ASP B 245 3.82 0.55 9.02
CA ASP B 245 4.68 1.62 9.54
C ASP B 245 3.95 2.94 9.38
N PHE B 246 3.28 3.37 10.46
CA PHE B 246 2.63 4.68 10.49
C PHE B 246 2.68 5.22 11.92
N GLN B 247 2.86 6.52 12.04
CA GLN B 247 3.02 7.17 13.34
C GLN B 247 1.65 7.58 13.88
N VAL B 248 1.40 7.28 15.14
CA VAL B 248 0.13 7.56 15.80
C VAL B 248 0.42 8.33 17.07
N PHE B 249 -0.35 9.38 17.32
CA PHE B 249 -0.19 10.21 18.52
C PHE B 249 -1.56 10.65 18.98
N THR B 250 -2.04 10.09 20.10
CA THR B 250 -3.36 10.38 20.63
C THR B 250 -3.20 11.37 21.78
N HIS B 251 -3.30 12.66 21.46
CA HIS B 251 -3.15 13.74 22.43
C HIS B 251 -4.44 14.53 22.51
N LYS B 252 -4.96 14.67 23.73
CA LYS B 252 -6.18 15.45 23.99
C LYS B 252 -7.36 14.94 23.15
N GLY B 253 -7.52 13.61 23.11
CA GLY B 253 -8.61 13.02 22.35
C GLY B 253 -8.31 12.94 20.87
N VAL B 254 -7.72 14.01 20.34
CA VAL B 254 -7.27 14.02 18.95
C VAL B 254 -6.26 12.90 18.73
N THR B 255 -6.46 12.14 17.66
CA THR B 255 -5.62 10.97 17.34
C THR B 255 -4.97 11.21 15.98
N LEU B 256 -3.79 11.84 16.00
CA LEU B 256 -3.05 12.04 14.76
C LEU B 256 -2.67 10.70 14.14
N VAL B 257 -2.70 10.64 12.81
CA VAL B 257 -2.29 9.45 12.08
C VAL B 257 -1.57 9.93 10.82
N GLU B 258 -0.28 9.64 10.73
CA GLU B 258 0.48 10.01 9.53
C GLU B 258 0.15 9.05 8.39
N ASP B 259 -0.18 9.62 7.23
CA ASP B 259 -0.47 8.85 6.04
C ASP B 259 0.74 8.92 5.11
N THR B 260 1.36 7.77 4.85
CA THR B 260 2.54 7.70 4.00
C THR B 260 2.22 7.09 2.64
N SER B 261 0.96 7.14 2.22
CA SER B 261 0.55 6.57 0.94
C SER B 261 0.67 7.55 -0.21
N GLY B 262 1.02 8.81 0.06
CA GLY B 262 1.29 9.75 -1.01
C GLY B 262 0.06 10.29 -1.71
N LYS B 263 -1.13 9.98 -1.22
CA LYS B 263 -2.36 10.50 -1.80
C LYS B 263 -2.75 11.86 -1.23
N LEU B 264 -2.08 12.32 -0.19
CA LEU B 264 -2.38 13.60 0.43
C LEU B 264 -1.31 14.62 0.08
N THR B 265 -1.75 15.78 -0.40
CA THR B 265 -0.84 16.90 -0.59
C THR B 265 -0.51 17.53 0.77
N ASP B 266 0.71 18.03 0.89
CA ASP B 266 1.16 18.58 2.16
C ASP B 266 0.29 19.76 2.57
N GLY B 267 0.22 19.98 3.88
CA GLY B 267 -0.65 21.01 4.43
C GLY B 267 -2.12 20.73 4.28
N SER B 268 -2.53 19.46 4.44
CA SER B 268 -3.94 19.07 4.33
C SER B 268 -4.22 17.98 5.37
N ALA B 269 -4.69 18.39 6.54
CA ALA B 269 -5.08 17.46 7.59
C ALA B 269 -6.59 17.36 7.64
N TYR B 270 -7.11 16.14 7.53
CA TYR B 270 -8.53 15.89 7.38
C TYR B 270 -9.06 15.20 8.63
N MET B 271 -9.64 16.00 9.52
CA MET B 271 -10.14 15.52 10.80
C MET B 271 -11.55 14.96 10.61
N PHE B 272 -11.76 13.72 11.05
CA PHE B 272 -13.08 13.10 10.90
C PHE B 272 -13.24 11.99 11.92
N PRO B 273 -14.45 11.81 12.46
CA PRO B 273 -14.68 10.72 13.40
C PRO B 273 -14.59 9.36 12.72
N LEU B 274 -14.28 8.36 13.53
CA LEU B 274 -14.14 6.99 13.06
C LEU B 274 -15.11 6.09 13.81
N GLY B 275 -15.71 5.15 13.11
CA GLY B 275 -16.64 4.20 13.68
C GLY B 275 -18.09 4.64 13.66
N VAL B 276 -18.38 5.86 13.22
CA VAL B 276 -19.77 6.31 13.10
C VAL B 276 -20.47 5.44 12.07
N GLN B 277 -21.57 4.80 12.47
CA GLN B 277 -22.25 3.86 11.61
C GLN B 277 -22.89 4.57 10.41
N ASP B 278 -22.73 3.96 9.23
CA ASP B 278 -23.33 4.45 8.00
C ASP B 278 -22.95 5.90 7.70
N MET B 279 -21.67 6.21 7.92
CA MET B 279 -21.10 7.49 7.50
C MET B 279 -20.26 7.36 6.24
N PHE B 280 -19.54 6.26 6.08
CA PHE B 280 -18.79 5.95 4.87
C PHE B 280 -19.35 4.67 4.28
N GLN B 281 -19.89 4.76 3.07
CA GLN B 281 -20.50 3.61 2.42
C GLN B 281 -19.91 3.43 1.03
N ALA B 282 -19.87 2.17 0.59
CA ALA B 282 -19.34 1.82 -0.71
C ALA B 282 -20.28 0.85 -1.39
N VAL B 283 -20.25 0.83 -2.70
CA VAL B 283 -21.17 0.04 -3.51
C VAL B 283 -20.43 -0.55 -4.70
N TYR B 284 -20.67 -1.82 -4.99
CA TYR B 284 -20.22 -2.44 -6.21
C TYR B 284 -21.41 -2.63 -7.13
N ALA B 285 -21.16 -2.74 -8.42
CA ALA B 285 -22.20 -2.89 -9.42
C ALA B 285 -21.86 -4.03 -10.36
N PRO B 286 -22.85 -4.61 -11.04
CA PRO B 286 -22.56 -5.72 -11.94
C PRO B 286 -21.77 -5.31 -13.17
N ALA B 287 -21.52 -6.26 -14.07
CA ALA B 287 -20.70 -6.02 -15.25
C ALA B 287 -21.52 -5.31 -16.31
N ASP B 288 -21.00 -5.24 -17.54
CA ASP B 288 -21.68 -4.58 -18.63
C ASP B 288 -22.03 -5.64 -19.68
N SER B 289 -22.55 -6.76 -19.22
CA SER B 289 -22.97 -7.84 -20.10
C SER B 289 -24.46 -8.08 -19.94
N THR B 290 -25.08 -8.59 -21.02
CA THR B 290 -26.48 -8.98 -20.93
C THR B 290 -26.67 -10.15 -19.96
N ASP B 291 -25.67 -11.01 -19.85
CA ASP B 291 -25.74 -12.09 -18.86
C ASP B 291 -25.61 -11.54 -17.45
N HIS B 292 -24.79 -10.49 -17.27
CA HIS B 292 -24.53 -9.91 -15.95
C HIS B 292 -25.36 -8.66 -15.70
N VAL B 293 -26.58 -8.62 -16.22
CA VAL B 293 -27.53 -7.55 -15.90
C VAL B 293 -28.62 -8.16 -15.03
N ASN B 294 -29.14 -7.36 -14.10
CA ASN B 294 -30.06 -7.84 -13.06
C ASN B 294 -29.46 -9.01 -12.30
N THR B 295 -28.16 -8.92 -12.01
CA THR B 295 -27.44 -9.92 -11.25
C THR B 295 -26.65 -9.22 -10.15
N ILE B 296 -26.59 -9.83 -8.96
CA ILE B 296 -25.90 -9.22 -7.85
C ILE B 296 -24.42 -9.07 -8.17
N SER B 297 -23.86 -7.91 -7.83
CA SER B 297 -22.46 -7.64 -8.12
C SER B 297 -21.56 -8.67 -7.46
N GLN B 298 -20.63 -9.22 -8.24
CA GLN B 298 -19.69 -10.22 -7.77
C GLN B 298 -18.31 -9.63 -7.50
N GLY B 299 -18.23 -8.35 -7.17
CA GLY B 299 -16.95 -7.74 -6.86
C GLY B 299 -16.27 -7.15 -8.08
N SER B 300 -15.08 -7.65 -8.40
CA SER B 300 -14.35 -7.26 -9.60
C SER B 300 -14.46 -8.39 -10.61
N TYR B 301 -14.86 -8.04 -11.82
CA TYR B 301 -15.11 -9.04 -12.86
C TYR B 301 -13.84 -9.29 -13.67
N LEU B 302 -13.85 -10.40 -14.40
CA LEU B 302 -12.71 -10.77 -15.23
C LEU B 302 -13.18 -11.78 -16.25
N PHE B 303 -12.85 -11.55 -17.52
CA PHE B 303 -13.29 -12.39 -18.62
C PHE B 303 -12.12 -12.71 -19.52
N LEU B 304 -12.26 -13.79 -20.28
CA LEU B 304 -11.26 -14.21 -21.27
C LEU B 304 -11.91 -14.16 -22.64
N ASN B 305 -11.58 -13.14 -23.42
CA ASN B 305 -12.15 -12.96 -24.75
C ASN B 305 -11.19 -13.52 -25.77
N ALA B 306 -11.64 -14.52 -26.53
CA ALA B 306 -10.82 -15.19 -27.52
C ALA B 306 -11.31 -14.99 -28.94
N GLY B 307 -12.59 -15.24 -29.20
CA GLY B 307 -13.11 -15.21 -30.56
C GLY B 307 -13.40 -13.85 -31.14
N GLU B 308 -13.23 -12.77 -30.38
CA GLU B 308 -13.53 -11.44 -30.91
C GLU B 308 -12.46 -11.00 -31.91
N ASN B 309 -11.24 -11.49 -31.75
CA ASN B 309 -10.12 -11.14 -32.62
C ASN B 309 -9.42 -12.41 -33.07
N TRP B 310 -8.36 -12.22 -33.86
CA TRP B 310 -7.50 -13.30 -34.30
C TRP B 310 -6.04 -13.05 -33.96
N ARG B 311 -5.61 -11.79 -33.84
CA ARG B 311 -4.23 -11.47 -33.54
C ARG B 311 -3.82 -11.80 -32.12
N ARG B 312 -4.79 -12.07 -31.23
CA ARG B 312 -4.48 -12.35 -29.83
C ARG B 312 -5.76 -12.85 -29.17
N ASP B 313 -5.65 -13.11 -27.86
CA ASP B 313 -6.78 -13.37 -26.99
C ASP B 313 -6.73 -12.37 -25.85
N VAL B 314 -7.88 -11.77 -25.54
CA VAL B 314 -7.94 -10.63 -24.63
C VAL B 314 -8.55 -11.06 -23.31
N ILE B 315 -7.94 -10.62 -22.22
CA ILE B 315 -8.55 -10.70 -20.89
C ILE B 315 -9.17 -9.36 -20.58
N GLU B 316 -10.45 -9.37 -20.21
CA GLU B 316 -11.21 -8.16 -19.94
C GLU B 316 -11.58 -8.11 -18.47
N SER B 317 -11.15 -7.06 -17.78
CA SER B 317 -11.50 -6.85 -16.39
C SER B 317 -12.37 -5.61 -16.27
N GLU B 318 -13.43 -5.69 -15.46
CA GLU B 318 -14.40 -4.61 -15.36
C GLU B 318 -14.80 -4.48 -13.90
N VAL B 319 -14.53 -3.32 -13.30
CA VAL B 319 -14.91 -3.03 -11.94
C VAL B 319 -15.78 -1.76 -11.92
N SER B 320 -16.92 -1.84 -11.25
CA SER B 320 -17.81 -0.71 -11.07
C SER B 320 -17.91 -0.42 -9.58
N TYR B 321 -17.44 0.74 -9.16
CA TYR B 321 -17.27 1.04 -7.75
C TYR B 321 -17.51 2.51 -7.49
N ALA B 322 -18.08 2.81 -6.33
CA ALA B 322 -18.31 4.19 -5.94
C ALA B 322 -18.45 4.26 -4.42
N CYS B 323 -17.71 5.17 -3.81
CA CYS B 323 -17.83 5.40 -2.37
C CYS B 323 -18.92 6.43 -2.10
N MET B 324 -19.12 6.73 -0.82
CA MET B 324 -20.18 7.65 -0.42
C MET B 324 -19.94 8.10 1.01
N VAL B 325 -19.94 9.41 1.22
CA VAL B 325 -19.85 9.99 2.55
C VAL B 325 -21.17 10.71 2.81
N THR B 326 -22.11 10.02 3.47
CA THR B 326 -23.43 10.60 3.70
C THR B 326 -23.35 11.79 4.65
N ARG B 327 -22.91 11.56 5.88
CA ARG B 327 -22.84 12.61 6.89
C ARG B 327 -21.53 13.38 6.74
N SER B 328 -21.43 14.12 5.63
CA SER B 328 -20.24 14.87 5.30
C SER B 328 -20.10 16.15 6.09
N GLU B 329 -20.90 16.33 7.14
CA GLU B 329 -20.80 17.49 8.01
C GLU B 329 -19.85 17.28 9.17
N LEU B 330 -19.24 16.10 9.27
CA LEU B 330 -18.33 15.79 10.36
C LEU B 330 -16.87 15.86 9.96
N ILE B 331 -16.55 15.81 8.68
CA ILE B 331 -15.18 15.93 8.21
C ILE B 331 -14.78 17.40 8.22
N CYS B 332 -13.65 17.70 8.84
CA CYS B 332 -13.18 19.08 9.00
C CYS B 332 -11.81 19.20 8.32
N ASP B 333 -11.82 19.61 7.06
CA ASP B 333 -10.58 19.84 6.33
C ASP B 333 -9.78 20.96 6.97
N LEU B 334 -8.48 20.77 7.08
CA LEU B 334 -7.59 21.72 7.71
C LEU B 334 -6.48 22.11 6.74
N THR B 335 -5.80 23.23 7.06
CA THR B 335 -4.68 23.71 6.28
C THR B 335 -3.52 23.98 7.22
N ILE B 336 -2.35 23.44 6.89
CA ILE B 336 -1.16 23.55 7.73
C ILE B 336 -0.10 24.33 6.96
N THR B 337 0.43 25.36 7.59
CA THR B 337 1.53 26.15 7.04
C THR B 337 2.77 25.92 7.90
N VAL B 338 3.86 25.49 7.26
CA VAL B 338 5.08 25.19 7.98
C VAL B 338 6.25 25.97 7.40
N GLY C 8 31.97 -36.11 -23.87
CA GLY C 8 32.09 -36.85 -22.63
C GLY C 8 32.05 -35.96 -21.39
N VAL C 9 30.88 -35.43 -21.09
CA VAL C 9 30.67 -34.55 -19.94
C VAL C 9 29.43 -35.01 -19.20
N VAL C 10 29.52 -35.08 -17.87
CA VAL C 10 28.41 -35.50 -17.03
C VAL C 10 27.91 -34.29 -16.25
N ASP C 11 26.60 -34.16 -16.17
CA ASP C 11 25.97 -33.03 -15.49
C ASP C 11 25.72 -33.39 -14.03
N TYR C 12 26.29 -32.62 -13.11
CA TYR C 12 26.12 -32.83 -11.69
C TYR C 12 25.53 -31.61 -11.00
N THR C 13 24.66 -30.88 -11.71
CA THR C 13 24.02 -29.71 -11.10
C THR C 13 22.96 -30.13 -10.09
N SER C 14 22.28 -31.26 -10.32
CA SER C 14 21.26 -31.72 -9.38
C SER C 14 21.85 -32.01 -8.00
N LEU C 15 23.11 -32.46 -7.96
CA LEU C 15 23.77 -32.74 -6.69
C LEU C 15 24.07 -31.49 -5.89
N MET C 16 23.97 -30.31 -6.50
CA MET C 16 24.32 -29.07 -5.81
C MET C 16 23.32 -28.70 -4.72
N ALA C 17 22.19 -29.41 -4.63
CA ALA C 17 21.22 -29.17 -3.56
C ALA C 17 21.59 -29.90 -2.27
N LEU C 18 22.64 -30.73 -2.28
CA LEU C 18 23.06 -31.41 -1.06
C LEU C 18 23.54 -30.42 -0.01
N ALA C 19 24.04 -29.26 -0.44
CA ALA C 19 24.50 -28.21 0.46
C ALA C 19 23.84 -26.90 0.04
N PRO C 20 22.58 -26.69 0.41
CA PRO C 20 21.91 -25.44 0.07
C PRO C 20 22.63 -24.24 0.66
N ARG C 21 22.65 -23.15 -0.11
CA ARG C 21 23.34 -21.95 0.34
C ARG C 21 22.66 -21.37 1.58
N SER C 22 23.46 -20.68 2.38
CA SER C 22 22.93 -19.96 3.53
C SER C 22 22.26 -18.68 3.05
N LYS C 23 21.77 -17.87 3.98
CA LYS C 23 21.15 -16.60 3.65
C LYS C 23 22.07 -15.46 4.04
N ASN C 24 22.31 -14.56 3.09
CA ASN C 24 23.13 -13.38 3.34
C ASN C 24 22.42 -12.48 4.34
N PHE C 25 23.10 -11.41 4.74
CA PHE C 25 22.45 -10.41 5.56
C PHE C 25 21.36 -9.69 4.77
N LEU C 26 21.66 -9.31 3.53
CA LEU C 26 20.64 -8.71 2.67
C LEU C 26 19.54 -9.70 2.34
N GLU C 27 19.90 -10.94 2.02
CA GLU C 27 18.92 -11.98 1.77
C GLU C 27 18.10 -12.33 3.00
N LEU C 28 18.58 -11.98 4.19
CA LEU C 28 17.83 -12.24 5.42
C LEU C 28 16.92 -11.07 5.78
N LEU C 29 17.38 -9.84 5.53
CA LEU C 29 16.49 -8.69 5.66
C LEU C 29 15.32 -8.79 4.68
N GLY C 30 15.50 -9.54 3.59
CA GLY C 30 14.49 -9.66 2.56
C GLY C 30 14.75 -8.78 1.35
N VAL C 31 15.88 -8.07 1.32
CA VAL C 31 16.17 -7.14 0.23
C VAL C 31 16.23 -7.89 -1.09
N PHE C 32 17.20 -8.79 -1.24
CA PHE C 32 17.26 -9.67 -2.39
C PHE C 32 16.76 -11.07 -2.03
N SER C 33 15.49 -11.14 -1.66
CA SER C 33 14.92 -12.38 -1.18
C SER C 33 14.71 -13.36 -2.34
N GLU C 34 14.10 -14.50 -2.03
CA GLU C 34 13.79 -15.51 -3.03
C GLU C 34 12.49 -15.21 -3.79
N SER C 35 11.77 -14.15 -3.40
CA SER C 35 10.55 -13.78 -4.10
C SER C 35 10.86 -12.99 -5.37
N ASN C 36 11.59 -11.88 -5.21
CA ASN C 36 11.95 -11.06 -6.36
C ASN C 36 13.22 -11.59 -7.03
N THR C 37 13.21 -12.88 -7.39
CA THR C 37 14.33 -13.51 -8.07
C THR C 37 13.78 -14.45 -9.13
N ARG C 38 14.19 -14.25 -10.38
CA ARG C 38 13.67 -15.01 -11.50
C ARG C 38 14.76 -15.89 -12.09
N TYR C 39 14.33 -16.83 -12.92
CA TYR C 39 15.23 -17.77 -13.61
C TYR C 39 14.93 -17.65 -15.10
N ILE C 40 15.59 -16.71 -15.76
CA ILE C 40 15.32 -16.41 -17.16
C ILE C 40 15.83 -17.54 -18.06
N ASP C 41 15.44 -17.49 -19.33
CA ASP C 41 15.73 -18.53 -20.30
C ASP C 41 16.80 -18.08 -21.30
N SER C 42 17.44 -16.94 -21.09
CA SER C 42 18.34 -16.38 -22.08
C SER C 42 19.42 -15.55 -21.39
N ARG C 43 20.44 -15.19 -22.16
CA ARG C 43 21.55 -14.39 -21.65
C ARG C 43 21.11 -12.98 -21.24
N TYR C 44 19.97 -12.52 -21.72
CA TYR C 44 19.56 -11.13 -21.56
C TYR C 44 18.31 -11.06 -20.70
N ALA C 45 18.27 -10.06 -19.82
CA ALA C 45 17.24 -9.95 -18.80
C ALA C 45 16.53 -8.61 -18.92
N GLU C 46 15.20 -8.63 -18.92
CA GLU C 46 14.38 -7.44 -19.00
C GLU C 46 13.91 -7.08 -17.60
N PHE C 47 14.28 -5.89 -17.13
CA PHE C 47 13.89 -5.40 -15.82
C PHE C 47 12.91 -4.26 -16.00
N GLU C 48 11.71 -4.42 -15.45
CA GLU C 48 10.61 -3.49 -15.66
C GLU C 48 10.43 -2.60 -14.44
N ARG C 49 10.31 -1.29 -14.69
CA ARG C 49 10.04 -0.31 -13.64
C ARG C 49 8.54 -0.08 -13.60
N GLU C 50 7.93 -0.27 -12.44
CA GLU C 50 6.50 -0.05 -12.30
C GLU C 50 6.19 1.43 -12.43
N GLU C 51 5.24 1.76 -13.31
CA GLU C 51 4.86 3.14 -13.57
C GLU C 51 3.34 3.27 -13.55
N LYS C 52 2.88 4.45 -13.15
CA LYS C 52 1.45 4.75 -13.16
C LYS C 52 1.01 4.99 -14.60
N GLY C 53 0.24 4.05 -15.14
CA GLY C 53 -0.18 4.12 -16.52
C GLY C 53 0.43 3.02 -17.36
N VAL C 54 -0.36 1.97 -17.58
CA VAL C 54 -0.03 0.70 -18.22
C VAL C 54 -1.03 -0.32 -17.70
N THR C 55 -1.32 -0.21 -16.39
CA THR C 55 -2.41 -0.92 -15.77
C THR C 55 -3.37 0.05 -15.09
N LYS C 56 -3.27 1.34 -15.39
CA LYS C 56 -4.11 2.36 -14.77
C LYS C 56 -5.52 2.30 -15.35
N MET C 57 -6.36 1.44 -14.78
CA MET C 57 -7.75 1.37 -15.20
C MET C 57 -8.42 2.74 -15.12
N ASN C 58 -8.29 3.39 -13.96
CA ASN C 58 -8.91 4.66 -13.59
C ASN C 58 -10.01 5.15 -14.53
N ALA C 59 -9.93 6.41 -14.93
CA ALA C 59 -10.90 7.03 -15.83
C ALA C 59 -12.31 6.77 -15.31
N MET C 60 -13.31 6.86 -16.19
CA MET C 60 -14.63 6.36 -15.88
C MET C 60 -15.31 5.69 -17.06
N ALA C 61 -14.64 5.59 -18.21
CA ALA C 61 -15.21 5.08 -19.45
C ALA C 61 -16.69 5.43 -19.64
N ARG C 62 -17.45 4.48 -20.17
CA ARG C 62 -18.88 4.68 -20.41
C ARG C 62 -19.53 3.34 -20.69
N GLY C 63 -20.64 3.05 -20.01
CA GLY C 63 -21.29 1.78 -20.15
C GLY C 63 -21.82 1.51 -21.54
N GLY C 64 -21.18 0.61 -22.27
CA GLY C 64 -21.67 0.24 -23.59
C GLY C 64 -20.61 0.08 -24.66
N SER C 65 -19.51 0.83 -24.56
CA SER C 65 -18.44 0.75 -25.55
C SER C 65 -17.20 1.45 -24.98
N ARG C 66 -16.17 1.55 -25.81
CA ARG C 66 -14.93 2.25 -25.49
C ARG C 66 -14.25 1.65 -24.26
N LYS C 67 -13.85 0.39 -24.38
CA LYS C 67 -13.09 -0.28 -23.33
C LYS C 67 -11.62 0.08 -23.46
N TYR C 68 -11.01 0.51 -22.36
CA TYR C 68 -9.61 0.92 -22.38
C TYR C 68 -8.70 -0.29 -22.42
N ILE C 69 -7.93 -0.43 -23.49
CA ILE C 69 -6.94 -1.50 -23.62
C ILE C 69 -5.57 -0.93 -23.27
N GLY C 70 -5.34 -0.76 -21.96
CA GLY C 70 -4.11 -0.13 -21.50
C GLY C 70 -2.95 -1.11 -21.57
N SER C 71 -1.87 -0.69 -22.23
CA SER C 71 -0.67 -1.50 -22.38
C SER C 71 0.44 -0.59 -22.91
N GLU C 72 1.63 -1.17 -23.07
CA GLU C 72 2.79 -0.49 -23.64
C GLU C 72 3.16 0.78 -22.88
N LYS C 73 4.10 1.55 -23.45
CA LYS C 73 4.60 2.77 -22.82
C LYS C 73 5.11 2.50 -21.41
N ALA C 74 5.77 1.35 -21.23
CA ALA C 74 6.32 0.94 -19.96
C ALA C 74 7.84 0.99 -20.03
N ARG C 75 8.45 1.61 -19.02
CA ARG C 75 9.91 1.67 -18.96
C ARG C 75 10.48 0.26 -18.77
N LYS C 76 11.41 -0.11 -19.64
CA LYS C 76 11.96 -1.47 -19.61
C LYS C 76 13.28 -1.48 -20.36
N GLU C 77 14.36 -1.78 -19.66
CA GLU C 77 15.69 -1.92 -20.26
C GLU C 77 16.18 -3.34 -20.12
N ILE C 78 16.78 -3.86 -21.19
CA ILE C 78 17.36 -5.19 -21.21
C ILE C 78 18.87 -5.07 -21.09
N ILE C 79 19.45 -5.77 -20.12
CA ILE C 79 20.88 -5.79 -19.90
C ILE C 79 21.38 -7.22 -20.08
N GLU C 80 22.70 -7.36 -20.17
CA GLU C 80 23.34 -8.66 -20.28
C GLU C 80 23.81 -9.09 -18.90
N VAL C 81 23.47 -10.32 -18.53
CA VAL C 81 23.86 -10.87 -17.23
C VAL C 81 25.34 -11.26 -17.28
N PRO C 82 26.18 -10.69 -16.43
CA PRO C 82 27.60 -11.06 -16.45
C PRO C 82 27.78 -12.54 -16.15
N PHE C 83 28.78 -13.13 -16.79
CA PHE C 83 29.06 -14.55 -16.68
C PHE C 83 30.36 -14.75 -15.91
N ALA C 84 30.31 -15.54 -14.86
CA ALA C 84 31.46 -15.78 -13.99
C ALA C 84 31.64 -17.27 -13.78
N PRO C 85 32.67 -17.89 -14.35
CA PRO C 85 32.92 -19.31 -14.13
C PRO C 85 33.89 -19.54 -12.98
N LEU C 86 33.59 -20.58 -12.19
CA LEU C 86 34.48 -21.08 -11.15
C LEU C 86 34.98 -22.47 -11.50
N ASP C 87 35.25 -22.68 -12.79
CA ASP C 87 35.65 -23.99 -13.29
C ASP C 87 37.05 -24.40 -12.85
N GLY C 88 37.82 -23.49 -12.25
CA GLY C 88 39.15 -23.84 -11.82
C GLY C 88 39.14 -24.98 -10.84
N VAL C 89 39.52 -26.17 -11.31
CA VAL C 89 39.46 -27.39 -10.52
C VAL C 89 40.13 -28.50 -11.30
N THR C 90 40.58 -29.52 -10.58
CA THR C 90 41.18 -30.70 -11.21
C THR C 90 40.93 -31.88 -10.27
N VAL C 91 39.91 -32.67 -10.58
CA VAL C 91 39.63 -33.86 -9.79
C VAL C 91 40.71 -34.90 -10.02
N ALA C 92 41.27 -35.43 -8.94
CA ALA C 92 42.31 -36.46 -9.07
C ALA C 92 41.68 -37.85 -9.10
N SER C 93 41.01 -38.24 -8.03
CA SER C 93 40.10 -39.38 -8.06
C SER C 93 38.67 -38.96 -7.75
N GLU C 94 38.43 -38.44 -6.55
CA GLU C 94 37.15 -37.83 -6.17
C GLU C 94 35.95 -38.71 -6.50
N VAL C 95 36.18 -40.02 -6.69
CA VAL C 95 35.20 -40.90 -7.32
C VAL C 95 34.71 -40.34 -8.65
N GLU C 96 35.56 -39.51 -9.29
CA GLU C 96 35.17 -38.73 -10.46
C GLU C 96 33.94 -37.86 -10.16
N ALA C 97 33.80 -37.45 -8.90
CA ALA C 97 32.66 -36.69 -8.40
C ALA C 97 31.35 -37.42 -8.68
N PHE C 98 31.43 -38.69 -9.05
CA PHE C 98 30.26 -39.51 -9.35
C PHE C 98 29.73 -40.24 -8.13
N ARG C 99 30.39 -40.08 -6.98
CA ARG C 99 30.05 -40.80 -5.75
C ARG C 99 30.07 -42.31 -5.95
N GLN C 100 30.79 -42.78 -6.98
CA GLN C 100 30.87 -44.19 -7.32
C GLN C 100 29.49 -44.83 -7.35
N TYR C 101 28.68 -44.35 -8.29
CA TYR C 101 27.26 -44.73 -8.38
C TYR C 101 26.54 -44.40 -7.07
N GLY C 102 26.46 -43.10 -6.79
CA GLY C 102 25.93 -42.57 -5.55
C GLY C 102 24.61 -43.13 -5.10
N THR C 103 23.88 -43.78 -6.02
CA THR C 103 22.65 -44.46 -5.64
C THR C 103 22.94 -45.81 -4.98
N GLU C 104 23.59 -46.72 -5.72
CA GLU C 104 23.81 -48.08 -5.23
C GLU C 104 25.04 -48.18 -4.33
N SER C 105 26.22 -47.87 -4.88
CA SER C 105 27.48 -48.07 -4.16
C SER C 105 27.98 -46.76 -3.52
N GLN C 106 27.16 -46.18 -2.65
CA GLN C 106 27.51 -44.93 -1.98
C GLN C 106 28.26 -45.28 -0.68
N THR C 107 29.58 -45.25 -0.74
CA THR C 107 30.39 -45.48 0.44
C THR C 107 30.49 -44.20 1.27
N ALA C 108 30.89 -44.36 2.54
CA ALA C 108 31.00 -43.22 3.42
C ALA C 108 32.09 -42.25 2.95
N SER C 109 33.21 -42.78 2.48
CA SER C 109 34.28 -41.92 1.98
C SER C 109 33.84 -41.16 0.74
N VAL C 110 33.15 -41.84 -0.19
CA VAL C 110 32.65 -41.17 -1.38
C VAL C 110 31.64 -40.09 -1.02
N GLU C 111 30.73 -40.38 -0.09
CA GLU C 111 29.75 -39.39 0.33
C GLU C 111 30.44 -38.19 0.97
N ALA C 112 31.45 -38.43 1.80
CA ALA C 112 32.17 -37.34 2.45
C ALA C 112 32.90 -36.48 1.43
N LEU C 113 33.56 -37.10 0.44
CA LEU C 113 34.26 -36.34 -0.57
C LEU C 113 33.29 -35.53 -1.43
N VAL C 114 32.16 -36.13 -1.81
CA VAL C 114 31.16 -35.42 -2.59
C VAL C 114 30.63 -34.23 -1.81
N GLN C 115 30.30 -34.44 -0.54
CA GLN C 115 29.77 -33.35 0.28
C GLN C 115 30.80 -32.23 0.45
N ARG C 116 32.06 -32.59 0.67
CA ARG C 116 33.08 -31.57 0.83
C ARG C 116 33.24 -30.75 -0.45
N LYS C 117 33.26 -31.42 -1.60
CA LYS C 117 33.39 -30.69 -2.86
C LYS C 117 32.19 -29.79 -3.12
N ILE C 118 30.98 -30.30 -2.87
CA ILE C 118 29.77 -29.51 -3.10
C ILE C 118 29.76 -28.29 -2.18
N GLU C 119 30.08 -28.49 -0.90
CA GLU C 119 30.07 -27.37 0.04
C GLU C 119 31.18 -26.38 -0.27
N HIS C 120 32.27 -26.83 -0.89
CA HIS C 120 33.28 -25.87 -1.33
C HIS C 120 32.80 -25.08 -2.54
N ILE C 121 32.09 -25.73 -3.45
CA ILE C 121 31.58 -25.02 -4.63
C ILE C 121 30.54 -23.99 -4.22
N GLN C 122 29.62 -24.37 -3.32
CA GLN C 122 28.61 -23.44 -2.83
C GLN C 122 29.26 -22.22 -2.19
N ARG C 123 30.03 -22.44 -1.12
CA ARG C 123 30.74 -21.35 -0.46
C ARG C 123 31.91 -20.93 -1.34
N SER C 124 31.66 -19.94 -2.19
CA SER C 124 32.51 -19.50 -3.30
C SER C 124 31.61 -18.84 -4.33
N HIS C 125 30.56 -19.55 -4.75
CA HIS C 125 29.49 -18.90 -5.50
C HIS C 125 28.72 -17.94 -4.61
N GLY C 126 28.42 -18.37 -3.38
CA GLY C 126 27.75 -17.51 -2.43
C GLY C 126 28.52 -16.27 -2.08
N ILE C 127 29.85 -16.35 -2.04
CA ILE C 127 30.65 -15.16 -1.82
C ILE C 127 30.58 -14.22 -3.02
N TYR C 128 30.62 -14.79 -4.23
CA TYR C 128 30.48 -13.97 -5.43
C TYR C 128 29.09 -13.34 -5.50
N ILE C 129 28.05 -14.10 -5.14
CA ILE C 129 26.71 -13.56 -5.12
C ILE C 129 26.60 -12.44 -4.09
N ARG C 130 27.20 -12.63 -2.92
CA ARG C 130 27.21 -11.57 -1.90
C ARG C 130 27.92 -10.33 -2.42
N ASP C 131 29.03 -10.50 -3.11
CA ASP C 131 29.73 -9.37 -3.69
C ASP C 131 28.85 -8.64 -4.70
N CYS C 132 28.15 -9.40 -5.55
CA CYS C 132 27.24 -8.79 -6.51
C CYS C 132 26.16 -7.98 -5.81
N GLN C 133 25.54 -8.56 -4.80
CA GLN C 133 24.44 -7.89 -4.10
C GLN C 133 24.93 -6.64 -3.40
N TYR C 134 26.07 -6.71 -2.70
CA TYR C 134 26.56 -5.55 -2.01
C TYR C 134 27.03 -4.47 -2.96
N THR C 135 27.61 -4.86 -4.11
CA THR C 135 27.96 -3.87 -5.12
C THR C 135 26.74 -3.16 -5.64
N ALA C 136 25.67 -3.93 -5.94
CA ALA C 136 24.45 -3.33 -6.44
C ALA C 136 23.86 -2.36 -5.42
N LEU C 137 23.86 -2.73 -4.15
CA LEU C 137 23.21 -1.87 -3.16
C LEU C 137 24.07 -0.65 -2.82
N LEU C 138 25.38 -0.82 -2.71
CA LEU C 138 26.25 0.23 -2.18
C LEU C 138 26.88 1.11 -3.25
N LYS C 139 27.02 0.62 -4.48
CA LYS C 139 27.69 1.38 -5.52
C LYS C 139 26.84 1.64 -6.76
N ASP C 140 25.65 1.05 -6.86
CA ASP C 140 24.73 1.28 -7.97
C ASP C 140 25.37 0.92 -9.30
N LYS C 141 25.74 -0.35 -9.44
CA LYS C 141 26.23 -0.86 -10.70
C LYS C 141 26.19 -2.38 -10.68
N ILE C 142 26.17 -2.97 -11.87
CA ILE C 142 26.34 -4.41 -11.99
C ILE C 142 27.78 -4.76 -11.64
N LEU C 143 27.96 -5.86 -10.93
CA LEU C 143 29.31 -6.31 -10.58
C LEU C 143 29.89 -7.07 -11.75
N ALA C 144 30.78 -6.43 -12.49
CA ALA C 144 31.47 -7.07 -13.60
C ALA C 144 32.87 -6.49 -13.68
N GLU C 145 33.86 -7.30 -13.30
CA GLU C 145 35.26 -6.89 -13.31
C GLU C 145 36.10 -7.95 -14.00
N ASP C 146 37.23 -7.52 -14.54
CA ASP C 146 38.15 -8.44 -15.21
C ASP C 146 38.96 -9.20 -14.18
N GLU C 147 39.77 -10.15 -14.66
CA GLU C 147 40.62 -10.93 -13.77
C GLU C 147 41.62 -10.03 -13.04
N ASP C 148 42.16 -9.03 -13.73
CA ASP C 148 43.11 -8.11 -13.11
C ASP C 148 42.45 -7.25 -12.04
N GLY C 149 41.13 -7.18 -12.01
CA GLY C 149 40.41 -6.37 -11.06
C GLY C 149 39.88 -5.04 -11.60
N ASN C 150 39.83 -4.87 -12.91
CA ASN C 150 39.34 -3.65 -13.54
C ASN C 150 37.92 -3.86 -14.02
N GLU C 151 37.05 -2.88 -13.76
CA GLU C 151 35.64 -3.01 -14.10
C GLU C 151 35.44 -3.04 -15.61
N ILE C 152 34.50 -3.87 -16.06
CA ILE C 152 34.12 -3.92 -17.47
C ILE C 152 33.00 -2.92 -17.69
N THR C 153 33.31 -1.81 -18.36
CA THR C 153 32.29 -0.80 -18.62
C THR C 153 31.19 -1.32 -19.53
N ALA C 154 31.47 -2.30 -20.38
CA ALA C 154 30.46 -2.87 -21.26
C ALA C 154 29.45 -3.74 -20.53
N LEU C 155 29.67 -4.03 -19.25
CA LEU C 155 28.73 -4.82 -18.46
C LEU C 155 28.38 -4.23 -17.12
N ALA C 156 29.16 -3.26 -16.61
CA ALA C 156 28.88 -2.64 -15.32
C ALA C 156 28.02 -1.39 -15.53
N LYS C 157 26.79 -1.63 -15.95
CA LYS C 157 25.83 -0.54 -16.12
C LYS C 157 25.49 0.07 -14.77
N ASN C 158 25.59 1.40 -14.68
CA ASN C 158 25.20 2.07 -13.46
C ASN C 158 23.68 2.04 -13.31
N PHE C 159 23.22 2.20 -12.06
CA PHE C 159 21.80 2.14 -11.79
C PHE C 159 21.12 3.50 -11.92
N SER C 160 21.59 4.50 -11.17
CA SER C 160 21.00 5.83 -11.31
C SER C 160 21.57 6.58 -12.50
N THR C 161 21.72 5.91 -13.61
CA THR C 161 21.90 6.40 -14.97
C THR C 161 21.00 5.67 -15.95
N LEU C 162 20.82 4.36 -15.76
CA LEU C 162 20.00 3.57 -16.67
C LEU C 162 18.55 4.00 -16.62
N TRP C 163 18.05 4.34 -15.43
CA TRP C 163 16.67 4.80 -15.28
C TRP C 163 16.55 6.31 -15.37
N GLY C 164 17.52 7.04 -14.82
CA GLY C 164 17.49 8.49 -14.88
C GLY C 164 17.18 9.11 -13.54
N VAL C 165 17.61 8.44 -12.46
CA VAL C 165 17.32 8.89 -11.10
C VAL C 165 18.65 9.27 -10.45
N SER C 166 18.58 9.74 -9.21
CA SER C 166 19.78 10.09 -8.46
C SER C 166 19.56 9.83 -6.98
N ARG C 167 20.58 9.27 -6.32
CA ARG C 167 20.49 9.01 -4.91
C ARG C 167 20.56 10.32 -4.11
N LYS C 168 20.23 10.22 -2.84
CA LYS C 168 20.36 11.34 -1.91
C LYS C 168 21.69 11.25 -1.18
N THR C 169 21.97 12.26 -0.36
CA THR C 169 23.19 12.33 0.42
C THR C 169 22.83 12.60 1.88
N GLY C 170 23.85 12.65 2.73
CA GLY C 170 23.63 12.91 4.14
C GLY C 170 24.93 13.25 4.82
N ALA C 171 24.81 13.61 6.10
CA ALA C 171 25.97 13.93 6.92
C ALA C 171 25.53 13.86 8.38
N ILE C 172 26.20 13.01 9.16
CA ILE C 172 25.86 12.78 10.55
C ILE C 172 27.15 12.88 11.36
N ASN C 173 27.41 14.05 11.93
CA ASN C 173 28.55 14.25 12.82
C ASN C 173 28.09 13.95 14.24
N THR C 174 28.38 12.74 14.71
CA THR C 174 27.94 12.34 16.05
C THR C 174 28.67 13.09 17.16
N THR C 175 29.76 13.80 16.83
CA THR C 175 30.44 14.61 17.84
C THR C 175 29.67 15.87 18.18
N THR C 176 28.92 16.42 17.22
CA THR C 176 28.14 17.62 17.45
C THR C 176 26.89 17.30 18.28
N ALA C 177 26.25 18.35 18.78
CA ALA C 177 25.10 18.20 19.65
C ALA C 177 23.79 17.96 18.89
N VAL C 178 23.77 18.17 17.57
CA VAL C 178 22.54 17.94 16.82
C VAL C 178 22.18 16.47 16.87
N ASN C 179 20.89 16.19 17.02
CA ASN C 179 20.43 14.81 17.09
C ASN C 179 20.65 14.12 15.75
N PRO C 180 21.37 12.99 15.73
CA PRO C 180 21.49 12.24 14.47
C PRO C 180 20.15 11.77 13.94
N PHE C 181 19.23 11.40 14.83
CA PHE C 181 17.94 10.91 14.37
C PHE C 181 17.09 12.01 13.77
N SER C 182 17.36 13.28 14.09
CA SER C 182 16.70 14.36 13.37
C SER C 182 17.05 14.34 11.89
N VAL C 183 18.33 14.21 11.58
CA VAL C 183 18.76 14.11 10.18
C VAL C 183 18.22 12.84 9.55
N LEU C 184 18.25 11.74 10.30
CA LEU C 184 17.72 10.47 9.77
C LEU C 184 16.24 10.60 9.42
N ALA C 185 15.45 11.23 10.29
CA ALA C 185 14.03 11.43 10.02
C ALA C 185 13.81 12.38 8.85
N THR C 186 14.63 13.43 8.74
CA THR C 186 14.50 14.34 7.61
C THR C 186 14.75 13.61 6.29
N LYS C 187 15.77 12.77 6.24
CA LYS C 187 16.03 12.01 5.03
C LYS C 187 14.95 10.96 4.79
N ARG C 188 14.38 10.39 5.85
CA ARG C 188 13.25 9.48 5.69
C ARG C 188 12.07 10.19 5.05
N GLN C 189 11.77 11.40 5.52
CA GLN C 189 10.68 12.18 4.93
C GLN C 189 10.97 12.51 3.48
N GLU C 190 12.21 12.90 3.17
CA GLU C 190 12.56 13.20 1.78
C GLU C 190 12.42 11.96 0.90
N ILE C 191 12.72 10.78 1.42
CA ILE C 191 12.56 9.56 0.65
C ILE C 191 11.08 9.23 0.46
N ILE C 192 10.27 9.42 1.50
CA ILE C 192 8.83 9.16 1.39
C ILE C 192 8.22 10.06 0.34
N ASP C 193 8.63 11.34 0.31
CA ASP C 193 8.11 12.26 -0.68
C ASP C 193 8.41 11.83 -2.11
N SER C 194 9.39 10.95 -2.29
CA SER C 194 9.84 10.53 -3.62
C SER C 194 9.22 9.21 -4.07
N MET C 195 8.29 8.65 -3.29
CA MET C 195 7.61 7.42 -3.69
C MET C 195 6.30 7.71 -4.40
N GLY C 196 5.37 8.39 -3.73
CA GLY C 196 4.18 8.91 -4.36
C GLY C 196 3.00 7.96 -4.54
N GLU C 197 3.07 7.09 -5.54
CA GLU C 197 1.86 6.40 -6.01
C GLU C 197 1.44 5.29 -5.07
N ASN C 198 2.29 4.26 -4.92
CA ASN C 198 1.95 3.14 -4.05
C ASN C 198 2.32 3.43 -2.61
N ASN C 199 3.59 3.73 -2.37
CA ASN C 199 4.08 4.24 -1.09
C ASN C 199 3.65 3.35 0.07
N GLY C 200 3.72 2.04 -0.15
CA GLY C 200 3.51 1.07 0.91
C GLY C 200 4.76 0.28 1.20
N PHE C 201 5.37 0.52 2.36
CA PHE C 201 6.66 -0.06 2.71
C PHE C 201 6.60 -0.65 4.11
N THR C 202 7.33 -1.74 4.32
CA THR C 202 7.30 -2.43 5.60
C THR C 202 8.01 -1.63 6.68
N SER C 203 9.21 -1.15 6.40
CA SER C 203 10.02 -0.46 7.41
C SER C 203 11.03 0.44 6.73
N MET C 204 11.62 1.33 7.53
CA MET C 204 12.64 2.26 7.08
C MET C 204 13.93 1.91 7.83
N VAL C 205 14.89 1.31 7.12
CA VAL C 205 16.09 0.78 7.75
C VAL C 205 17.29 1.62 7.34
N VAL C 206 18.28 1.67 8.22
CA VAL C 206 19.55 2.33 7.98
C VAL C 206 20.65 1.31 8.22
N LEU C 207 21.34 0.93 7.16
CA LEU C 207 22.36 -0.12 7.23
C LEU C 207 23.70 0.53 7.58
N CYS C 208 24.19 0.26 8.79
CA CYS C 208 25.41 0.87 9.29
C CYS C 208 26.31 -0.20 9.88
N THR C 209 27.58 0.16 10.06
CA THR C 209 28.58 -0.70 10.67
C THR C 209 28.51 -0.60 12.19
N THR C 210 29.28 -1.47 12.87
CA THR C 210 29.28 -1.49 14.32
C THR C 210 29.75 -0.16 14.89
N ARG C 211 30.81 0.42 14.30
CA ARG C 211 31.30 1.71 14.79
C ARG C 211 30.26 2.80 14.60
N ASP C 212 29.65 2.86 13.42
CA ASP C 212 28.62 3.87 13.17
C ASP C 212 27.41 3.64 14.05
N PHE C 213 26.99 2.38 14.20
CA PHE C 213 25.86 2.06 15.06
C PHE C 213 26.09 2.55 16.49
N ASN C 214 27.26 2.23 17.04
CA ASN C 214 27.53 2.61 18.43
C ASN C 214 27.77 4.11 18.57
N ALA C 215 28.29 4.76 17.52
CA ALA C 215 28.46 6.20 17.59
C ALA C 215 27.12 6.93 17.56
N ILE C 216 26.21 6.48 16.71
CA ILE C 216 24.88 7.10 16.65
C ILE C 216 24.11 6.83 17.93
N VAL C 217 24.12 5.58 18.39
CA VAL C 217 23.34 5.21 19.57
C VAL C 217 23.85 5.93 20.80
N ASP C 218 25.17 6.01 20.97
CA ASP C 218 25.73 6.61 22.18
C ASP C 218 25.67 8.13 22.17
N HIS C 219 24.96 8.74 21.22
CA HIS C 219 24.79 10.18 21.24
C HIS C 219 24.01 10.58 22.50
N PRO C 220 24.30 11.75 23.08
CA PRO C 220 23.58 12.14 24.30
C PRO C 220 22.07 12.21 24.11
N ASP C 221 21.62 12.63 22.93
CA ASP C 221 20.18 12.70 22.67
C ASP C 221 19.56 11.32 22.57
N VAL C 222 20.34 10.31 22.20
CA VAL C 222 19.76 8.99 21.95
C VAL C 222 20.06 7.98 23.01
N ARG C 223 20.99 8.27 23.88
CA ARG C 223 21.39 7.29 24.87
C ARG C 223 20.25 6.82 25.69
N ALA C 224 19.62 7.73 26.41
CA ALA C 224 18.56 7.35 27.32
C ALA C 224 17.54 6.57 26.59
N ALA C 225 17.23 7.03 25.40
CA ALA C 225 16.24 6.32 24.59
C ALA C 225 16.69 4.90 24.30
N TYR C 226 17.97 4.70 24.00
CA TYR C 226 18.46 3.35 23.76
C TYR C 226 18.53 2.55 25.04
N GLU C 227 18.98 3.16 26.13
CA GLU C 227 19.10 2.43 27.39
C GLU C 227 17.74 1.93 27.88
N GLY C 228 16.72 2.78 27.77
CA GLY C 228 15.39 2.36 28.20
C GLY C 228 14.82 1.23 27.38
N ARG C 229 14.91 1.34 26.04
CA ARG C 229 14.28 0.39 25.14
C ARG C 229 15.27 -0.59 24.52
N ASP C 230 16.27 -0.07 23.79
CA ASP C 230 17.21 -0.89 23.04
C ASP C 230 16.49 -1.87 22.11
N GLY C 231 15.31 -1.49 21.66
CA GLY C 231 14.47 -2.38 20.88
C GLY C 231 13.32 -2.92 21.70
N GLY C 232 13.61 -3.29 22.94
CA GLY C 232 12.61 -3.80 23.88
C GLY C 232 11.86 -5.01 23.31
N ALA C 233 12.52 -5.74 22.41
CA ALA C 233 11.93 -6.91 21.75
C ALA C 233 10.61 -6.57 21.07
N GLU C 234 10.46 -5.32 20.64
CA GLU C 234 9.26 -4.81 19.99
C GLU C 234 9.61 -4.16 18.67
N TYR C 235 10.46 -4.81 17.89
CA TYR C 235 10.88 -4.32 16.59
C TYR C 235 10.39 -5.27 15.51
N LEU C 236 10.09 -4.72 14.33
CA LEU C 236 9.58 -5.53 13.24
C LEU C 236 10.59 -6.58 12.81
N THR C 237 11.85 -6.18 12.65
CA THR C 237 12.88 -7.12 12.22
C THR C 237 13.13 -8.20 13.28
N ARG C 238 13.18 -7.80 14.56
CA ARG C 238 13.40 -8.76 15.62
C ARG C 238 12.26 -9.75 15.76
N ARG C 239 11.04 -9.37 15.40
CA ARG C 239 9.90 -10.28 15.46
C ARG C 239 9.75 -11.10 14.18
N LEU C 240 10.26 -10.62 13.05
CA LEU C 240 10.17 -11.37 11.81
C LEU C 240 11.22 -12.47 11.75
N GLY C 241 12.48 -12.13 12.01
CA GLY C 241 13.55 -13.11 12.02
C GLY C 241 13.58 -13.94 13.29
N ASP C 242 13.80 -13.27 14.43
CA ASP C 242 13.79 -13.86 15.77
C ASP C 242 14.90 -14.89 15.97
N ALA C 243 15.75 -15.11 14.99
CA ALA C 243 16.85 -16.07 15.12
C ALA C 243 18.20 -15.46 14.84
N VAL C 244 18.30 -14.58 13.85
CA VAL C 244 19.56 -13.91 13.56
C VAL C 244 19.88 -12.90 14.65
N ASP C 245 21.15 -12.82 15.02
CA ASP C 245 21.61 -11.97 16.13
C ASP C 245 22.38 -10.79 15.56
N PHE C 246 21.74 -9.63 15.54
CA PHE C 246 22.41 -8.38 15.19
C PHE C 246 21.70 -7.25 15.91
N GLN C 247 22.41 -6.14 16.11
CA GLN C 247 21.85 -5.01 16.80
C GLN C 247 20.81 -4.31 15.93
N VAL C 248 19.68 -3.95 16.55
CA VAL C 248 18.63 -3.20 15.88
C VAL C 248 18.17 -2.08 16.83
N PHE C 249 17.61 -1.03 16.24
CA PHE C 249 17.08 0.08 17.02
C PHE C 249 16.09 0.85 16.16
N THR C 250 14.85 0.93 16.61
CA THR C 250 13.81 1.71 15.95
C THR C 250 13.58 2.98 16.76
N HIS C 251 13.73 4.13 16.11
CA HIS C 251 13.59 5.41 16.78
C HIS C 251 13.25 6.48 15.75
N LYS C 252 12.19 7.23 16.02
CA LYS C 252 11.71 8.29 15.12
C LYS C 252 11.40 7.76 13.73
N GLY C 253 11.00 6.48 13.64
CA GLY C 253 10.53 5.91 12.40
C GLY C 253 11.58 5.18 11.59
N VAL C 254 12.86 5.40 11.84
CA VAL C 254 13.93 4.73 11.12
C VAL C 254 14.51 3.64 12.01
N THR C 255 14.75 2.47 11.41
CA THR C 255 15.27 1.31 12.12
C THR C 255 16.76 1.20 11.86
N LEU C 256 17.56 1.51 12.88
CA LEU C 256 19.00 1.29 12.78
C LEU C 256 19.28 -0.20 12.75
N VAL C 257 20.09 -0.64 11.79
CA VAL C 257 20.47 -2.04 11.64
C VAL C 257 21.98 -2.11 11.54
N GLU C 258 22.58 -3.05 12.26
CA GLU C 258 24.02 -3.22 12.31
C GLU C 258 24.44 -4.34 11.37
N ASP C 259 25.31 -4.03 10.42
CA ASP C 259 25.83 -5.00 9.48
C ASP C 259 27.22 -5.44 9.92
N THR C 260 27.36 -6.70 10.28
CA THR C 260 28.65 -7.27 10.67
C THR C 260 29.03 -8.29 9.61
N SER C 261 29.61 -7.80 8.52
CA SER C 261 30.19 -8.64 7.49
C SER C 261 31.50 -8.12 6.94
N GLY C 262 31.88 -6.89 7.27
CA GLY C 262 33.08 -6.30 6.72
C GLY C 262 32.94 -5.74 5.32
N LYS C 263 31.74 -5.81 4.72
CA LYS C 263 31.52 -5.33 3.38
C LYS C 263 31.28 -3.82 3.31
N LEU C 264 30.98 -3.18 4.43
CA LEU C 264 30.68 -1.76 4.46
C LEU C 264 31.86 -0.99 5.03
N THR C 265 32.28 0.04 4.32
CA THR C 265 33.32 0.94 4.82
C THR C 265 32.79 1.70 6.04
N ASP C 266 33.67 1.94 7.01
CA ASP C 266 33.29 2.70 8.18
C ASP C 266 32.92 4.12 7.80
N GLY C 267 31.99 4.71 8.55
CA GLY C 267 31.49 6.03 8.23
C GLY C 267 30.70 6.09 6.94
N SER C 268 29.85 5.09 6.70
CA SER C 268 29.02 5.08 5.49
C SER C 268 27.80 4.21 5.76
N ALA C 269 26.64 4.85 5.88
CA ALA C 269 25.38 4.15 6.07
C ALA C 269 24.44 4.44 4.91
N TYR C 270 23.54 3.49 4.64
CA TYR C 270 22.67 3.55 3.47
C TYR C 270 21.22 3.37 3.90
N MET C 271 20.46 4.47 3.93
CA MET C 271 19.03 4.40 4.19
C MET C 271 18.30 3.91 2.95
N PHE C 272 17.30 3.05 3.17
CA PHE C 272 16.46 2.57 2.10
C PHE C 272 15.22 1.89 2.67
N PRO C 273 14.10 1.90 1.95
CA PRO C 273 12.87 1.30 2.50
C PRO C 273 12.74 -0.17 2.16
N LEU C 274 12.24 -0.93 3.12
CA LEU C 274 11.96 -2.35 2.92
C LEU C 274 10.50 -2.55 2.54
N GLY C 275 10.25 -3.51 1.67
CA GLY C 275 8.91 -3.86 1.28
C GLY C 275 8.41 -3.21 0.01
N VAL C 276 9.12 -2.21 -0.52
CA VAL C 276 8.70 -1.57 -1.75
C VAL C 276 8.76 -2.59 -2.88
N GLN C 277 7.65 -2.71 -3.62
CA GLN C 277 7.53 -3.77 -4.61
C GLN C 277 8.45 -3.52 -5.79
N ASP C 278 9.21 -4.54 -6.17
CA ASP C 278 10.06 -4.52 -7.37
C ASP C 278 11.06 -3.37 -7.33
N MET C 279 11.51 -3.00 -6.14
CA MET C 279 12.62 -2.05 -6.01
C MET C 279 13.96 -2.73 -6.11
N PHE C 280 14.04 -4.00 -5.69
CA PHE C 280 15.25 -4.80 -5.78
C PHE C 280 14.92 -6.08 -6.53
N GLN C 281 15.54 -6.28 -7.68
CA GLN C 281 15.32 -7.48 -8.46
C GLN C 281 16.66 -8.09 -8.87
N ALA C 282 16.65 -9.41 -9.00
CA ALA C 282 17.83 -10.16 -9.41
C ALA C 282 17.37 -11.37 -10.19
N VAL C 283 18.28 -11.93 -10.99
CA VAL C 283 17.90 -13.00 -11.92
C VAL C 283 19.12 -13.87 -12.21
N TYR C 284 18.86 -15.15 -12.47
CA TYR C 284 19.87 -16.13 -12.83
C TYR C 284 19.75 -16.44 -14.32
N ALA C 285 20.81 -16.18 -15.07
CA ALA C 285 20.84 -16.51 -16.48
C ALA C 285 21.31 -17.95 -16.68
N PRO C 286 21.04 -18.54 -17.85
CA PRO C 286 21.44 -19.94 -18.06
C PRO C 286 22.94 -20.11 -18.24
N ALA C 287 23.37 -21.34 -18.52
CA ALA C 287 24.78 -21.68 -18.59
C ALA C 287 25.37 -21.18 -19.91
N ASP C 288 26.61 -21.59 -20.19
CA ASP C 288 27.32 -21.20 -21.41
C ASP C 288 27.46 -22.37 -22.37
N SER C 289 26.61 -23.38 -22.23
CA SER C 289 26.61 -24.54 -23.09
C SER C 289 25.59 -24.39 -24.21
N THR C 290 25.73 -25.22 -25.24
CA THR C 290 24.78 -25.25 -26.35
C THR C 290 23.60 -26.17 -26.07
N ASP C 291 23.60 -26.86 -24.95
CA ASP C 291 22.45 -27.65 -24.52
C ASP C 291 21.61 -26.96 -23.47
N HIS C 292 22.20 -26.05 -22.68
CA HIS C 292 21.46 -25.27 -21.70
C HIS C 292 21.13 -23.87 -22.21
N VAL C 293 21.51 -23.55 -23.45
CA VAL C 293 21.07 -22.31 -24.07
C VAL C 293 19.60 -22.44 -24.42
N ASN C 294 18.85 -21.36 -24.20
CA ASN C 294 17.40 -21.37 -24.36
C ASN C 294 16.77 -22.47 -23.49
N THR C 295 17.30 -22.62 -22.28
CA THR C 295 16.81 -23.58 -21.31
C THR C 295 16.69 -22.89 -19.97
N ILE C 296 15.70 -23.28 -19.18
CA ILE C 296 15.41 -22.61 -17.92
C ILE C 296 16.62 -22.67 -17.00
N SER C 297 17.00 -21.53 -16.45
CA SER C 297 18.16 -21.45 -15.58
C SER C 297 17.94 -22.23 -14.31
N GLN C 298 19.03 -22.81 -13.79
CA GLN C 298 18.99 -23.60 -12.57
C GLN C 298 19.82 -22.96 -11.45
N GLY C 299 20.21 -21.71 -11.59
CA GLY C 299 20.97 -21.05 -10.57
C GLY C 299 22.47 -21.22 -10.74
N SER C 300 23.06 -22.15 -9.99
CA SER C 300 24.47 -22.46 -10.08
C SER C 300 24.65 -23.84 -10.72
N TYR C 301 25.56 -23.94 -11.66
CA TYR C 301 25.73 -25.12 -12.49
C TYR C 301 27.03 -25.84 -12.15
N LEU C 302 26.98 -27.17 -12.14
CA LEU C 302 28.14 -28.00 -11.88
C LEU C 302 28.24 -29.07 -12.95
N PHE C 303 29.41 -29.15 -13.60
CA PHE C 303 29.65 -30.12 -14.66
C PHE C 303 30.99 -30.81 -14.45
N LEU C 304 31.02 -32.11 -14.68
CA LEU C 304 32.24 -32.89 -14.68
C LEU C 304 32.69 -33.10 -16.12
N ASN C 305 33.89 -32.63 -16.45
CA ASN C 305 34.42 -32.66 -17.81
C ASN C 305 35.46 -33.76 -17.91
N ALA C 306 35.16 -34.79 -18.71
CA ALA C 306 36.09 -35.88 -18.94
C ALA C 306 36.49 -36.02 -20.40
N GLY C 307 35.82 -35.33 -21.32
CA GLY C 307 36.16 -35.35 -22.72
C GLY C 307 37.25 -34.40 -23.12
N GLU C 308 37.78 -33.62 -22.20
CA GLU C 308 38.87 -32.69 -22.46
C GLU C 308 40.20 -33.44 -22.50
N ASN C 309 41.30 -32.70 -22.43
CA ASN C 309 42.65 -33.26 -22.46
C ASN C 309 42.75 -34.55 -21.66
N TRP C 310 43.22 -35.60 -22.32
CA TRP C 310 43.31 -36.93 -21.71
C TRP C 310 44.19 -36.94 -20.46
N ARG C 311 45.11 -35.98 -20.34
CA ARG C 311 46.00 -35.94 -19.18
C ARG C 311 45.22 -35.68 -17.90
N ARG C 312 44.40 -34.65 -17.89
CA ARG C 312 43.72 -34.19 -16.69
C ARG C 312 42.21 -34.45 -16.79
N ASP C 313 41.47 -33.97 -15.79
CA ASP C 313 40.01 -34.01 -15.78
C ASP C 313 39.50 -32.95 -14.81
N VAL C 314 38.69 -32.02 -15.30
CA VAL C 314 38.35 -30.82 -14.55
C VAL C 314 36.90 -30.85 -14.13
N ILE C 315 36.60 -30.13 -13.06
CA ILE C 315 35.25 -29.91 -12.58
C ILE C 315 34.87 -28.49 -12.97
N GLU C 316 33.87 -28.35 -13.84
CA GLU C 316 33.46 -27.06 -14.36
C GLU C 316 32.27 -26.54 -13.58
N SER C 317 32.40 -25.33 -13.03
CA SER C 317 31.34 -24.70 -12.26
C SER C 317 31.17 -23.27 -12.76
N GLU C 318 29.93 -22.80 -12.78
CA GLU C 318 29.62 -21.50 -13.35
C GLU C 318 28.32 -20.99 -12.75
N VAL C 319 28.17 -19.67 -12.76
CA VAL C 319 26.93 -19.03 -12.33
C VAL C 319 26.83 -17.69 -13.03
N SER C 320 25.61 -17.35 -13.47
CA SER C 320 25.31 -16.05 -14.05
C SER C 320 24.26 -15.40 -13.18
N TYR C 321 24.55 -14.19 -12.70
CA TYR C 321 23.69 -13.54 -11.71
C TYR C 321 23.92 -12.05 -11.76
N ALA C 322 22.82 -11.29 -11.89
CA ALA C 322 22.89 -9.85 -11.90
C ALA C 322 21.75 -9.30 -11.04
N CYS C 323 22.06 -8.25 -10.28
CA CYS C 323 21.09 -7.58 -9.44
C CYS C 323 20.67 -6.25 -10.08
N MET C 324 19.48 -5.80 -9.73
CA MET C 324 18.97 -4.54 -10.28
C MET C 324 18.21 -3.79 -9.20
N VAL C 325 18.51 -2.50 -9.08
CA VAL C 325 17.75 -1.58 -8.23
C VAL C 325 16.94 -0.70 -9.17
N THR C 326 15.65 -1.01 -9.31
CA THR C 326 14.80 -0.34 -10.29
C THR C 326 14.31 1.01 -9.83
N ARG C 327 14.56 1.41 -8.58
CA ARG C 327 14.17 2.73 -8.10
C ARG C 327 15.24 3.17 -7.10
N SER C 328 16.22 3.91 -7.59
CA SER C 328 17.36 4.33 -6.77
C SER C 328 17.15 5.68 -6.11
N GLU C 329 16.06 6.38 -6.41
CA GLU C 329 15.79 7.65 -5.78
C GLU C 329 15.43 7.51 -4.31
N LEU C 330 15.13 6.30 -3.85
CA LEU C 330 14.70 6.05 -2.48
C LEU C 330 15.83 5.66 -1.54
N ILE C 331 17.06 5.57 -2.04
CA ILE C 331 18.22 5.22 -1.21
C ILE C 331 19.02 6.48 -0.93
N CYS C 332 19.45 6.64 0.33
CA CYS C 332 20.24 7.80 0.75
C CYS C 332 21.58 7.31 1.23
N ASP C 333 22.66 7.89 0.70
CA ASP C 333 24.02 7.53 1.08
C ASP C 333 24.48 8.47 2.19
N LEU C 334 24.44 7.99 3.42
CA LEU C 334 24.83 8.82 4.56
C LEU C 334 26.35 8.84 4.70
N THR C 335 26.82 9.72 5.58
CA THR C 335 28.27 9.87 5.82
C THR C 335 28.45 10.27 7.29
N ILE C 336 28.72 9.26 8.12
CA ILE C 336 28.91 9.49 9.55
C ILE C 336 30.35 9.92 9.78
N THR C 337 30.54 10.82 10.76
CA THR C 337 31.84 11.40 11.06
C THR C 337 32.16 11.19 12.54
N VAL C 338 32.02 9.94 12.99
CA VAL C 338 32.32 9.57 14.37
C VAL C 338 33.74 9.96 14.76
N GLY D 8 -11.18 -15.80 -39.43
CA GLY D 8 -11.25 -15.99 -40.87
C GLY D 8 -10.41 -14.98 -41.64
N VAL D 9 -9.11 -14.99 -41.39
CA VAL D 9 -8.17 -14.07 -42.02
C VAL D 9 -7.21 -14.85 -42.89
N VAL D 10 -6.97 -14.33 -44.10
CA VAL D 10 -6.06 -14.94 -45.06
C VAL D 10 -4.90 -13.97 -45.28
N ASP D 11 -3.69 -14.51 -45.30
CA ASP D 11 -2.49 -13.69 -45.43
C ASP D 11 -2.14 -13.48 -46.90
N TYR D 12 -1.70 -12.26 -47.22
CA TYR D 12 -1.27 -11.90 -48.56
C TYR D 12 0.02 -11.09 -48.50
N THR D 13 0.93 -11.49 -47.62
CA THR D 13 2.19 -10.75 -47.46
C THR D 13 3.09 -10.93 -48.68
N SER D 14 3.01 -12.08 -49.35
CA SER D 14 3.92 -12.36 -50.46
C SER D 14 3.73 -11.39 -51.62
N LEU D 15 2.50 -10.87 -51.80
CA LEU D 15 2.26 -9.95 -52.89
C LEU D 15 2.92 -8.59 -52.67
N MET D 16 3.46 -8.33 -51.49
CA MET D 16 4.15 -7.07 -51.24
C MET D 16 5.35 -6.89 -52.17
N ALA D 17 5.95 -7.99 -52.62
CA ALA D 17 7.10 -7.92 -53.52
C ALA D 17 6.73 -7.58 -54.95
N LEU D 18 5.43 -7.59 -55.29
CA LEU D 18 5.01 -7.29 -56.65
C LEU D 18 5.34 -5.87 -57.06
N ALA D 19 5.57 -4.97 -56.09
CA ALA D 19 5.95 -3.59 -56.38
C ALA D 19 6.94 -3.14 -55.32
N PRO D 20 8.24 -3.29 -55.59
CA PRO D 20 9.25 -2.87 -54.61
C PRO D 20 9.23 -1.37 -54.41
N ARG D 21 9.62 -0.95 -53.22
CA ARG D 21 9.65 0.46 -52.88
C ARG D 21 10.65 1.22 -53.77
N SER D 22 10.59 2.54 -53.67
CA SER D 22 11.58 3.38 -54.33
C SER D 22 12.82 3.45 -53.43
N LYS D 23 13.75 4.34 -53.76
CA LYS D 23 14.96 4.53 -52.97
C LYS D 23 15.14 6.02 -52.74
N ASN D 24 14.93 6.46 -51.49
CA ASN D 24 15.08 7.86 -51.17
C ASN D 24 16.55 8.26 -51.28
N PHE D 25 16.81 9.56 -51.06
CA PHE D 25 18.15 10.08 -51.29
C PHE D 25 19.17 9.41 -50.38
N LEU D 26 18.80 9.16 -49.12
CA LEU D 26 19.70 8.47 -48.21
C LEU D 26 20.01 7.06 -48.69
N GLU D 27 18.99 6.35 -49.16
CA GLU D 27 19.21 5.01 -49.68
C GLU D 27 20.08 5.03 -50.93
N LEU D 28 19.89 6.02 -51.80
CA LEU D 28 20.73 6.14 -52.99
C LEU D 28 22.17 6.43 -52.62
N LEU D 29 22.40 7.28 -51.63
CA LEU D 29 23.77 7.55 -51.18
C LEU D 29 24.40 6.33 -50.52
N GLY D 30 23.60 5.33 -50.15
CA GLY D 30 24.11 4.16 -49.50
C GLY D 30 24.16 4.20 -47.99
N VAL D 31 23.58 5.23 -47.37
CA VAL D 31 23.60 5.34 -45.92
C VAL D 31 22.84 4.18 -45.29
N PHE D 32 21.61 3.94 -45.75
CA PHE D 32 20.82 2.80 -45.33
C PHE D 32 20.47 2.00 -46.57
N SER D 33 21.23 0.93 -46.84
CA SER D 33 21.02 0.10 -48.00
C SER D 33 20.45 -1.25 -47.57
N GLU D 34 20.26 -2.12 -48.57
CA GLU D 34 19.77 -3.47 -48.30
C GLU D 34 20.84 -4.38 -47.71
N SER D 35 22.10 -3.93 -47.69
CA SER D 35 23.16 -4.75 -47.13
C SER D 35 23.11 -4.76 -45.60
N ASN D 36 23.22 -3.58 -44.98
CA ASN D 36 23.17 -3.46 -43.53
C ASN D 36 21.72 -3.35 -43.05
N THR D 37 20.95 -4.39 -43.35
CA THR D 37 19.55 -4.46 -42.96
C THR D 37 19.16 -5.94 -42.91
N ARG D 38 18.77 -6.41 -41.73
CA ARG D 38 18.47 -7.81 -41.52
C ARG D 38 17.07 -8.00 -40.98
N TYR D 39 16.47 -9.13 -41.33
CA TYR D 39 15.11 -9.49 -40.91
C TYR D 39 15.20 -10.41 -39.72
N ILE D 40 14.42 -10.14 -38.68
CA ILE D 40 14.51 -10.92 -37.45
C ILE D 40 13.16 -11.56 -37.15
N ASP D 41 13.08 -12.29 -36.03
CA ASP D 41 11.89 -13.05 -35.67
C ASP D 41 11.39 -12.71 -34.27
N SER D 42 11.76 -11.56 -33.73
CA SER D 42 11.33 -11.15 -32.40
C SER D 42 11.14 -9.65 -32.38
N ARG D 43 10.32 -9.19 -31.44
CA ARG D 43 10.11 -7.75 -31.27
C ARG D 43 11.34 -7.03 -30.76
N TYR D 44 12.31 -7.75 -30.20
CA TYR D 44 13.55 -7.18 -29.71
C TYR D 44 14.64 -7.44 -30.73
N ALA D 45 15.40 -6.41 -31.06
CA ALA D 45 16.42 -6.47 -32.09
C ALA D 45 17.81 -6.24 -31.49
N GLU D 46 18.77 -7.04 -31.94
CA GLU D 46 20.13 -6.99 -31.44
C GLU D 46 21.02 -6.25 -32.44
N PHE D 47 21.77 -5.26 -31.95
CA PHE D 47 22.69 -4.47 -32.76
C PHE D 47 24.05 -4.44 -32.07
N GLU D 48 25.07 -4.96 -32.75
CA GLU D 48 26.41 -5.10 -32.18
C GLU D 48 27.32 -4.03 -32.78
N ARG D 49 27.75 -3.09 -31.95
CA ARG D 49 28.67 -2.03 -32.38
C ARG D 49 30.09 -2.53 -32.17
N GLU D 50 30.59 -3.29 -33.13
CA GLU D 50 31.94 -3.86 -33.05
C GLU D 50 32.94 -2.81 -33.51
N GLU D 51 33.65 -2.21 -32.56
CA GLU D 51 34.72 -1.25 -32.83
C GLU D 51 35.99 -1.83 -32.22
N LYS D 52 36.65 -2.71 -32.97
CA LYS D 52 37.83 -3.41 -32.50
C LYS D 52 38.63 -3.87 -33.72
N GLY D 53 39.58 -4.76 -33.50
CA GLY D 53 40.44 -5.28 -34.55
C GLY D 53 40.16 -6.76 -34.77
N VAL D 54 39.90 -7.15 -36.01
CA VAL D 54 39.77 -8.54 -36.42
C VAL D 54 40.84 -8.90 -37.44
N THR D 55 42.03 -8.30 -37.32
CA THR D 55 43.07 -8.48 -38.31
C THR D 55 43.63 -9.89 -38.28
N LYS D 56 43.92 -10.43 -39.47
CA LYS D 56 44.59 -11.70 -39.58
C LYS D 56 46.10 -11.54 -39.57
N MET D 57 46.79 -12.61 -39.18
CA MET D 57 48.25 -12.57 -39.08
C MET D 57 48.80 -13.95 -39.41
N ASN D 58 50.09 -13.98 -39.72
CA ASN D 58 50.74 -15.23 -40.06
C ASN D 58 50.82 -16.15 -38.85
N ALA D 59 50.76 -17.45 -39.11
CA ALA D 59 50.80 -18.45 -38.05
C ALA D 59 51.65 -19.62 -38.55
N MET D 60 51.57 -20.73 -37.82
CA MET D 60 52.29 -21.95 -38.17
C MET D 60 51.30 -23.00 -38.69
N ALA D 61 51.85 -24.13 -39.11
CA ALA D 61 51.01 -25.21 -39.62
C ALA D 61 50.13 -25.82 -38.53
N ARG D 62 50.49 -25.63 -37.26
CA ARG D 62 49.68 -26.08 -36.14
C ARG D 62 49.83 -25.08 -35.00
N GLY D 63 48.86 -25.09 -34.10
CA GLY D 63 48.91 -24.20 -32.95
C GLY D 63 47.71 -23.27 -32.82
N GLY D 64 46.57 -23.66 -33.39
CA GLY D 64 45.36 -22.87 -33.24
C GLY D 64 45.44 -21.51 -33.89
N SER D 65 45.53 -20.46 -33.06
CA SER D 65 45.66 -19.08 -33.49
C SER D 65 44.36 -18.54 -34.09
N ARG D 66 44.09 -17.27 -33.87
CA ARG D 66 42.88 -16.65 -34.38
C ARG D 66 43.07 -15.14 -34.52
N LYS D 73 33.91 -9.86 -27.39
CA LYS D 73 34.08 -8.61 -26.65
C LYS D 73 33.48 -7.42 -27.41
N ALA D 74 32.28 -7.62 -27.93
CA ALA D 74 31.58 -6.60 -28.70
C ALA D 74 30.35 -6.15 -27.93
N ARG D 75 30.22 -4.84 -27.72
CA ARG D 75 29.07 -4.28 -27.01
C ARG D 75 27.86 -4.28 -27.93
N LYS D 76 26.85 -5.06 -27.59
CA LYS D 76 25.60 -5.06 -28.33
C LYS D 76 24.45 -4.71 -27.40
N GLU D 77 23.43 -4.05 -27.94
CA GLU D 77 22.31 -3.56 -27.15
C GLU D 77 21.00 -4.05 -27.76
N ILE D 78 20.02 -4.26 -26.89
CA ILE D 78 18.69 -4.74 -27.28
C ILE D 78 17.70 -3.60 -27.10
N ILE D 79 16.88 -3.37 -28.13
CA ILE D 79 15.89 -2.31 -28.11
C ILE D 79 14.55 -2.87 -28.55
N GLU D 80 13.50 -2.10 -28.30
CA GLU D 80 12.15 -2.42 -28.75
C GLU D 80 11.90 -1.73 -30.09
N VAL D 81 11.49 -2.51 -31.08
CA VAL D 81 11.25 -1.97 -32.42
C VAL D 81 9.86 -1.34 -32.44
N PRO D 82 9.75 -0.05 -32.75
CA PRO D 82 8.43 0.60 -32.76
C PRO D 82 7.51 -0.05 -33.77
N PHE D 83 6.23 -0.13 -33.41
CA PHE D 83 5.20 -0.70 -34.25
C PHE D 83 4.40 0.41 -34.91
N ALA D 84 4.11 0.26 -36.19
CA ALA D 84 3.41 1.29 -36.97
C ALA D 84 2.45 0.63 -37.95
N PRO D 85 1.19 0.47 -37.58
CA PRO D 85 0.20 -0.05 -38.53
C PRO D 85 -0.51 1.07 -39.26
N LEU D 86 -0.74 0.85 -40.56
CA LEU D 86 -1.55 1.72 -41.39
C LEU D 86 -2.73 0.93 -41.94
N ASP D 87 -3.37 0.15 -41.07
CA ASP D 87 -4.39 -0.81 -41.47
C ASP D 87 -5.64 -0.12 -42.02
N GLY D 88 -5.67 1.20 -42.00
CA GLY D 88 -6.81 1.90 -42.54
C GLY D 88 -6.95 1.64 -44.03
N VAL D 89 -7.93 0.79 -44.37
CA VAL D 89 -8.16 0.37 -45.75
C VAL D 89 -9.47 -0.39 -45.79
N THR D 90 -10.26 -0.15 -46.83
CA THR D 90 -11.53 -0.83 -47.02
C THR D 90 -11.52 -1.51 -48.38
N VAL D 91 -11.90 -2.79 -48.40
CA VAL D 91 -12.00 -3.52 -49.66
C VAL D 91 -13.29 -3.13 -50.37
N ALA D 92 -13.18 -2.77 -51.64
CA ALA D 92 -14.31 -2.28 -52.42
C ALA D 92 -15.19 -3.39 -52.98
N SER D 93 -14.89 -4.65 -52.64
CA SER D 93 -15.58 -5.83 -53.12
C SER D 93 -15.37 -6.03 -54.61
N GLU D 94 -14.70 -5.06 -55.25
CA GLU D 94 -14.16 -5.28 -56.59
C GLU D 94 -12.66 -5.45 -56.53
N VAL D 95 -12.02 -4.87 -55.51
CA VAL D 95 -10.61 -5.10 -55.22
C VAL D 95 -10.45 -6.39 -54.44
N GLU D 96 -11.50 -7.21 -54.41
CA GLU D 96 -11.44 -8.56 -53.85
C GLU D 96 -10.85 -9.54 -54.86
N ALA D 97 -10.20 -9.03 -55.90
CA ALA D 97 -9.48 -9.83 -56.88
C ALA D 97 -8.13 -10.31 -56.36
N PHE D 98 -7.90 -10.24 -55.05
CA PHE D 98 -6.69 -10.74 -54.43
C PHE D 98 -6.61 -12.26 -54.45
N ARG D 99 -7.56 -12.92 -55.10
CA ARG D 99 -7.47 -14.35 -55.41
C ARG D 99 -6.73 -14.54 -56.73
N GLN D 100 -5.48 -14.08 -56.73
CA GLN D 100 -4.64 -14.11 -57.93
C GLN D 100 -4.04 -15.49 -58.13
N TYR D 101 -3.07 -15.58 -59.05
CA TYR D 101 -2.49 -16.85 -59.47
C TYR D 101 -3.56 -17.87 -59.83
N GLY D 102 -3.49 -19.06 -59.26
CA GLY D 102 -4.41 -20.13 -59.63
C GLY D 102 -4.54 -20.26 -61.14
N THR D 103 -5.74 -20.00 -61.65
CA THR D 103 -5.94 -19.77 -63.07
C THR D 103 -6.18 -18.30 -63.38
N GLU D 104 -6.75 -17.56 -62.43
CA GLU D 104 -6.97 -16.11 -62.52
C GLU D 104 -7.73 -15.68 -63.76
N SER D 105 -7.79 -14.36 -63.95
CA SER D 105 -8.30 -13.74 -65.17
C SER D 105 -7.43 -12.52 -65.47
N GLN D 106 -6.14 -12.63 -65.15
CA GLN D 106 -5.28 -11.47 -64.88
C GLN D 106 -5.49 -10.33 -65.87
N THR D 107 -5.13 -10.54 -67.14
CA THR D 107 -5.25 -9.52 -68.17
C THR D 107 -4.82 -8.16 -67.65
N ALA D 108 -5.80 -7.28 -67.46
CA ALA D 108 -5.62 -6.07 -66.65
C ALA D 108 -6.45 -6.06 -65.40
N SER D 109 -7.64 -6.69 -65.42
CA SER D 109 -8.58 -6.63 -64.30
C SER D 109 -7.99 -7.17 -63.01
N VAL D 110 -7.38 -8.35 -63.07
CA VAL D 110 -6.84 -8.98 -61.86
C VAL D 110 -5.36 -8.70 -61.65
N GLU D 111 -4.80 -7.76 -62.41
CA GLU D 111 -3.40 -7.41 -62.26
C GLU D 111 -3.22 -5.95 -61.83
N ALA D 112 -3.84 -5.03 -62.56
CA ALA D 112 -3.63 -3.62 -62.31
C ALA D 112 -4.22 -3.15 -60.99
N LEU D 113 -5.36 -3.70 -60.58
CA LEU D 113 -5.93 -3.33 -59.29
C LEU D 113 -5.00 -3.72 -58.15
N VAL D 114 -4.50 -4.96 -58.18
CA VAL D 114 -3.56 -5.41 -57.16
C VAL D 114 -2.29 -4.58 -57.20
N GLN D 115 -1.79 -4.29 -58.40
CA GLN D 115 -0.57 -3.49 -58.52
C GLN D 115 -0.77 -2.10 -57.95
N ARG D 116 -1.92 -1.48 -58.22
CA ARG D 116 -2.17 -0.13 -57.70
C ARG D 116 -2.30 -0.13 -56.18
N LYS D 117 -3.01 -1.12 -55.62
CA LYS D 117 -3.13 -1.19 -54.16
C LYS D 117 -1.75 -1.39 -53.52
N ILE D 118 -0.95 -2.29 -54.08
CA ILE D 118 0.38 -2.55 -53.54
C ILE D 118 1.25 -1.30 -53.66
N GLU D 119 1.15 -0.60 -54.79
CA GLU D 119 1.95 0.61 -54.97
C GLU D 119 1.57 1.69 -53.97
N HIS D 120 0.27 1.83 -53.69
CA HIS D 120 -0.17 2.80 -52.69
C HIS D 120 0.38 2.45 -51.32
N ILE D 121 0.24 1.18 -50.93
CA ILE D 121 0.73 0.75 -49.62
C ILE D 121 2.23 0.96 -49.52
N GLN D 122 2.96 0.62 -50.58
CA GLN D 122 4.41 0.79 -50.57
C GLN D 122 4.79 2.26 -50.51
N ARG D 123 4.02 3.14 -51.16
CA ARG D 123 4.31 4.56 -51.07
C ARG D 123 4.15 5.06 -49.64
N SER D 124 3.08 4.66 -48.98
CA SER D 124 2.89 5.07 -47.59
C SER D 124 4.00 4.53 -46.70
N HIS D 125 4.32 3.25 -46.86
CA HIS D 125 5.37 2.64 -46.05
C HIS D 125 6.72 3.28 -46.31
N GLY D 126 7.00 3.62 -47.57
CA GLY D 126 8.26 4.26 -47.89
C GLY D 126 8.36 5.65 -47.31
N ILE D 127 7.25 6.38 -47.29
CA ILE D 127 7.25 7.68 -46.63
C ILE D 127 7.56 7.51 -45.14
N TYR D 128 6.92 6.53 -44.50
CA TYR D 128 7.18 6.29 -43.08
C TYR D 128 8.65 5.92 -42.85
N ILE D 129 9.19 5.05 -43.69
CA ILE D 129 10.55 4.58 -43.52
C ILE D 129 11.56 5.68 -43.78
N ARG D 130 11.28 6.54 -44.77
CA ARG D 130 12.13 7.70 -45.00
C ARG D 130 12.11 8.63 -43.79
N ASP D 131 10.94 8.80 -43.18
CA ASP D 131 10.88 9.59 -41.94
C ASP D 131 11.74 8.97 -40.86
N CYS D 132 11.65 7.64 -40.69
CA CYS D 132 12.46 6.96 -39.69
C CYS D 132 13.94 7.17 -39.94
N GLN D 133 14.38 6.98 -41.18
CA GLN D 133 15.79 7.12 -41.53
C GLN D 133 16.29 8.54 -41.34
N TYR D 134 15.51 9.53 -41.76
CA TYR D 134 15.93 10.92 -41.58
C TYR D 134 15.94 11.32 -40.11
N THR D 135 15.02 10.77 -39.31
CA THR D 135 15.09 11.02 -37.87
C THR D 135 16.34 10.40 -37.27
N ALA D 136 16.69 9.18 -37.69
CA ALA D 136 17.89 8.54 -37.18
C ALA D 136 19.14 9.33 -37.54
N LEU D 137 19.22 9.81 -38.77
CA LEU D 137 20.42 10.54 -39.18
C LEU D 137 20.47 11.93 -38.58
N LEU D 138 19.36 12.68 -38.61
CA LEU D 138 19.41 14.09 -38.25
C LEU D 138 19.30 14.29 -36.75
N LYS D 139 18.22 13.81 -36.14
CA LYS D 139 17.98 13.99 -34.72
C LYS D 139 18.71 12.97 -33.87
N ASP D 140 19.39 12.00 -34.49
CA ASP D 140 20.16 10.99 -33.77
C ASP D 140 19.33 10.26 -32.72
N LYS D 141 18.10 9.94 -33.08
CA LYS D 141 17.23 9.19 -32.18
C LYS D 141 16.24 8.39 -33.00
N ILE D 142 15.66 7.38 -32.35
CA ILE D 142 14.64 6.55 -32.99
C ILE D 142 13.34 7.33 -33.04
N LEU D 143 12.66 7.29 -34.19
CA LEU D 143 11.36 7.94 -34.33
C LEU D 143 10.29 7.04 -33.73
N ALA D 144 9.54 7.59 -32.78
CA ALA D 144 8.38 6.91 -32.22
C ALA D 144 7.45 7.98 -31.65
N GLU D 145 6.27 8.12 -32.24
CA GLU D 145 5.33 9.17 -31.86
C GLU D 145 3.93 8.60 -31.85
N ASP D 146 3.07 9.24 -31.06
CA ASP D 146 1.67 8.85 -30.97
C ASP D 146 0.88 9.50 -32.10
N GLU D 147 -0.44 9.30 -32.07
CA GLU D 147 -1.30 9.87 -33.11
C GLU D 147 -1.24 11.38 -33.11
N ASP D 148 -1.20 11.99 -31.92
CA ASP D 148 -1.16 13.45 -31.81
C ASP D 148 0.16 14.04 -32.26
N GLY D 149 1.18 13.21 -32.50
CA GLY D 149 2.48 13.72 -32.89
C GLY D 149 3.36 14.06 -31.71
N ASN D 150 3.20 13.33 -30.61
CA ASN D 150 3.98 13.51 -29.40
C ASN D 150 4.88 12.30 -29.21
N GLU D 151 6.17 12.55 -28.99
CA GLU D 151 7.15 11.47 -28.94
C GLU D 151 6.87 10.54 -27.76
N ILE D 152 6.99 9.24 -28.03
CA ILE D 152 6.89 8.22 -26.99
C ILE D 152 8.31 8.04 -26.43
N THR D 153 8.56 8.62 -25.25
CA THR D 153 9.89 8.58 -24.68
C THR D 153 10.32 7.18 -24.27
N ALA D 154 9.38 6.25 -24.15
CA ALA D 154 9.72 4.87 -23.83
C ALA D 154 10.24 4.10 -25.04
N LEU D 155 10.24 4.70 -26.23
CA LEU D 155 10.74 4.04 -27.43
C LEU D 155 11.77 4.90 -28.14
N ALA D 156 11.64 6.22 -28.03
CA ALA D 156 12.58 7.14 -28.65
C ALA D 156 13.84 7.20 -27.79
N LYS D 157 14.84 6.40 -28.15
CA LYS D 157 16.08 6.30 -27.39
C LYS D 157 17.18 7.00 -28.16
N ASN D 158 17.74 8.06 -27.58
CA ASN D 158 18.85 8.75 -28.22
C ASN D 158 20.05 7.83 -28.31
N PHE D 159 20.71 7.82 -29.48
CA PHE D 159 21.81 6.90 -29.71
C PHE D 159 23.01 7.23 -28.84
N SER D 160 23.31 8.52 -28.69
CA SER D 160 24.43 8.94 -27.86
C SER D 160 24.28 8.42 -26.45
N THR D 161 23.12 8.67 -25.84
CA THR D 161 22.85 8.20 -24.48
C THR D 161 22.60 6.71 -24.42
N LEU D 162 22.53 6.03 -25.56
CA LEU D 162 22.35 4.58 -25.60
C LEU D 162 23.67 3.83 -25.62
N TRP D 163 24.58 4.22 -26.52
CA TRP D 163 25.86 3.55 -26.65
C TRP D 163 26.91 4.06 -25.67
N GLY D 164 26.57 5.03 -24.83
CA GLY D 164 27.56 5.67 -23.98
C GLY D 164 28.57 6.45 -24.77
N VAL D 165 28.12 7.19 -25.79
CA VAL D 165 28.99 7.90 -26.71
C VAL D 165 28.44 9.31 -26.89
N SER D 166 29.28 10.18 -27.44
CA SER D 166 28.89 11.55 -27.73
C SER D 166 29.15 11.85 -29.20
N ARG D 167 28.48 12.88 -29.70
CA ARG D 167 28.59 13.29 -31.09
C ARG D 167 29.28 14.65 -31.19
N LYS D 168 29.83 14.93 -32.37
CA LYS D 168 30.53 16.17 -32.64
C LYS D 168 29.55 17.24 -33.10
N THR D 169 30.03 18.48 -33.09
CA THR D 169 29.22 19.63 -33.49
C THR D 169 30.09 20.55 -34.36
N GLY D 170 29.54 21.71 -34.70
CA GLY D 170 30.28 22.68 -35.49
C GLY D 170 29.52 24.00 -35.49
N ALA D 171 30.18 25.02 -36.03
CA ALA D 171 29.59 26.35 -36.09
C ALA D 171 30.29 27.14 -37.19
N ILE D 172 29.56 27.44 -38.26
CA ILE D 172 30.11 28.17 -39.40
C ILE D 172 29.10 29.21 -39.86
N ASN D 173 29.58 30.42 -40.16
CA ASN D 173 28.80 31.45 -40.80
C ASN D 173 29.55 31.90 -42.04
N THR D 174 29.02 31.58 -43.22
CA THR D 174 29.70 31.82 -44.48
C THR D 174 29.44 33.21 -45.04
N THR D 175 28.64 34.04 -44.37
CA THR D 175 28.26 35.33 -44.94
C THR D 175 29.40 36.34 -44.85
N THR D 176 30.24 36.23 -43.82
CA THR D 176 31.20 37.30 -43.55
C THR D 176 32.45 37.19 -44.42
N ALA D 177 33.23 36.13 -44.23
CA ALA D 177 34.55 36.03 -44.86
C ALA D 177 35.05 34.60 -44.69
N VAL D 178 36.35 34.41 -45.00
CA VAL D 178 37.19 33.22 -44.80
C VAL D 178 36.60 32.01 -45.50
N ASN D 179 37.37 30.91 -45.56
CA ASN D 179 36.92 29.69 -46.21
C ASN D 179 36.32 28.78 -45.16
N PRO D 180 35.03 28.46 -45.23
CA PRO D 180 34.42 27.60 -44.20
C PRO D 180 35.01 26.20 -44.14
N PHE D 181 35.66 25.74 -45.21
CA PHE D 181 36.08 24.35 -45.29
C PHE D 181 37.17 23.99 -44.28
N SER D 182 37.78 24.99 -43.62
CA SER D 182 38.76 24.68 -42.58
C SER D 182 38.12 23.93 -41.42
N VAL D 183 36.94 24.37 -40.98
CA VAL D 183 36.23 23.69 -39.91
C VAL D 183 35.85 22.28 -40.34
N LEU D 184 35.42 22.13 -41.59
CA LEU D 184 35.09 20.80 -42.10
C LEU D 184 36.31 19.89 -42.11
N ALA D 185 37.47 20.43 -42.50
CA ALA D 185 38.68 19.63 -42.50
C ALA D 185 39.08 19.22 -41.08
N THR D 186 38.96 20.15 -40.13
CA THR D 186 39.28 19.82 -38.75
C THR D 186 38.35 18.72 -38.22
N LYS D 187 37.05 18.82 -38.55
CA LYS D 187 36.12 17.77 -38.19
C LYS D 187 36.47 16.45 -38.87
N ARG D 188 36.97 16.51 -40.11
CA ARG D 188 37.41 15.30 -40.80
C ARG D 188 38.56 14.64 -40.03
N GLN D 189 39.55 15.44 -39.61
CA GLN D 189 40.65 14.87 -38.85
C GLN D 189 40.16 14.29 -37.52
N GLU D 190 39.23 14.98 -36.86
CA GLU D 190 38.68 14.46 -35.62
C GLU D 190 37.98 13.11 -35.84
N ILE D 191 37.20 13.02 -36.92
CA ILE D 191 36.47 11.78 -37.20
C ILE D 191 37.43 10.65 -37.52
N ILE D 192 38.42 10.91 -38.38
CA ILE D 192 39.34 9.85 -38.76
C ILE D 192 40.19 9.42 -37.57
N ASP D 193 40.51 10.36 -36.68
CA ASP D 193 41.16 9.97 -35.43
C ASP D 193 40.23 9.10 -34.59
N SER D 194 38.93 9.41 -34.59
CA SER D 194 37.97 8.59 -33.86
C SER D 194 37.91 7.18 -34.43
N MET D 195 37.93 7.05 -35.76
CA MET D 195 38.00 5.72 -36.36
C MET D 195 39.33 5.04 -36.03
N GLY D 196 40.42 5.79 -36.08
CA GLY D 196 41.72 5.27 -35.70
C GLY D 196 42.25 4.18 -36.60
N GLU D 197 42.25 2.95 -36.08
CA GLU D 197 42.86 1.81 -36.78
C GLU D 197 42.07 1.32 -37.98
N ASN D 198 40.97 2.00 -38.35
CA ASN D 198 40.20 1.60 -39.51
C ASN D 198 40.32 2.61 -40.64
N ASN D 199 39.92 3.86 -40.41
CA ASN D 199 40.05 4.95 -41.38
C ASN D 199 39.52 4.53 -42.76
N GLY D 200 38.36 3.87 -42.75
CA GLY D 200 37.84 3.29 -43.98
C GLY D 200 36.69 4.06 -44.59
N PHE D 201 36.75 5.39 -44.55
CA PHE D 201 35.71 6.21 -45.14
C PHE D 201 35.95 6.39 -46.64
N THR D 202 34.86 6.55 -47.39
CA THR D 202 34.95 6.74 -48.82
C THR D 202 35.01 8.21 -49.22
N SER D 203 34.04 9.01 -48.76
CA SER D 203 34.02 10.43 -49.08
C SER D 203 33.33 11.19 -47.96
N MET D 204 33.60 12.49 -47.92
CA MET D 204 33.04 13.40 -46.92
C MET D 204 31.91 14.18 -47.57
N VAL D 205 30.67 13.82 -47.24
CA VAL D 205 29.48 14.46 -47.81
C VAL D 205 28.90 15.42 -46.80
N VAL D 206 28.30 16.50 -47.30
CA VAL D 206 27.70 17.53 -46.47
C VAL D 206 26.25 17.67 -46.92
N LEU D 207 25.33 17.04 -46.20
CA LEU D 207 23.91 17.19 -46.49
C LEU D 207 23.48 18.59 -46.11
N CYS D 208 23.30 19.45 -47.09
CA CYS D 208 22.97 20.85 -46.87
C CYS D 208 21.74 21.22 -47.68
N THR D 209 20.97 22.17 -47.16
CA THR D 209 19.76 22.61 -47.83
C THR D 209 20.10 23.42 -49.08
N THR D 210 19.08 23.65 -49.91
CA THR D 210 19.29 24.39 -51.14
C THR D 210 19.76 25.81 -50.86
N ARG D 211 19.13 26.48 -49.90
CA ARG D 211 19.53 27.83 -49.53
C ARG D 211 20.95 27.83 -48.97
N ASP D 212 21.26 26.88 -48.08
CA ASP D 212 22.60 26.79 -47.53
C ASP D 212 23.63 26.46 -48.61
N PHE D 213 23.26 25.57 -49.53
CA PHE D 213 24.14 25.23 -50.64
C PHE D 213 24.47 26.47 -51.47
N ASN D 214 23.43 27.23 -51.84
CA ASN D 214 23.66 28.44 -52.63
C ASN D 214 24.48 29.46 -51.86
N ALA D 215 24.21 29.62 -50.57
CA ALA D 215 24.97 30.59 -49.77
C ALA D 215 26.44 30.22 -49.69
N ILE D 216 26.73 28.93 -49.46
CA ILE D 216 28.10 28.49 -49.29
C ILE D 216 28.82 28.25 -50.61
N VAL D 217 28.11 28.28 -51.74
CA VAL D 217 28.75 27.97 -53.01
C VAL D 217 29.20 29.22 -53.77
N ASP D 218 28.63 30.39 -53.47
CA ASP D 218 28.89 31.59 -54.26
C ASP D 218 29.52 32.72 -53.46
N HIS D 219 29.92 32.49 -52.22
CA HIS D 219 30.61 33.53 -51.47
C HIS D 219 31.99 33.77 -52.09
N PRO D 220 32.48 35.00 -52.06
CA PRO D 220 33.60 35.37 -52.96
C PRO D 220 34.88 34.59 -52.73
N ASP D 221 35.06 33.97 -51.56
CA ASP D 221 36.26 33.18 -51.33
C ASP D 221 36.34 32.01 -52.29
N VAL D 222 35.20 31.36 -52.58
CA VAL D 222 35.14 30.22 -53.48
C VAL D 222 34.17 30.44 -54.63
N ARG D 223 33.72 31.68 -54.84
CA ARG D 223 32.72 31.95 -55.87
C ARG D 223 33.24 31.67 -57.28
N ALA D 224 34.55 31.65 -57.47
CA ALA D 224 35.12 31.46 -58.81
C ALA D 224 35.25 29.98 -59.17
N ALA D 225 35.87 29.20 -58.28
CA ALA D 225 36.10 27.78 -58.57
C ALA D 225 34.78 27.04 -58.73
N TYR D 226 33.81 27.31 -57.85
CA TYR D 226 32.54 26.60 -57.90
C TYR D 226 31.71 26.96 -59.13
N GLU D 227 31.84 28.17 -59.64
CA GLU D 227 31.09 28.61 -60.81
C GLU D 227 31.90 28.45 -62.10
N GLY D 228 33.05 29.12 -62.18
CA GLY D 228 33.84 29.05 -63.39
C GLY D 228 34.41 27.66 -63.65
N ARG D 229 34.95 27.03 -62.61
CA ARG D 229 35.59 25.73 -62.73
C ARG D 229 34.71 24.59 -62.26
N ASP D 230 33.40 24.68 -62.47
CA ASP D 230 32.48 23.63 -62.05
C ASP D 230 32.73 22.35 -62.85
N GLY D 231 33.21 21.31 -62.18
CA GLY D 231 33.46 20.04 -62.83
C GLY D 231 32.19 19.24 -62.99
N GLY D 232 31.33 19.65 -63.91
CA GLY D 232 30.05 18.97 -64.11
C GLY D 232 30.27 17.53 -64.54
N ALA D 233 29.47 16.63 -63.98
CA ALA D 233 29.52 15.20 -64.28
C ALA D 233 30.89 14.59 -63.99
N GLU D 234 31.67 15.21 -63.12
CA GLU D 234 32.97 14.67 -62.73
C GLU D 234 32.96 14.08 -61.33
N TYR D 235 32.08 14.54 -60.45
CA TYR D 235 31.99 14.01 -59.11
C TYR D 235 31.49 12.56 -59.15
N LEU D 236 31.98 11.75 -58.22
CA LEU D 236 31.59 10.35 -58.17
C LEU D 236 30.09 10.21 -57.91
N THR D 237 29.55 11.05 -57.03
CA THR D 237 28.12 10.98 -56.72
C THR D 237 27.27 11.29 -57.95
N ARG D 238 27.68 12.29 -58.73
CA ARG D 238 26.92 12.65 -59.93
C ARG D 238 26.94 11.51 -60.94
N ARG D 239 28.09 10.88 -61.14
CA ARG D 239 28.17 9.74 -62.06
C ARG D 239 27.35 8.56 -61.56
N LEU D 240 27.39 8.29 -60.26
CA LEU D 240 26.61 7.22 -59.67
C LEU D 240 25.15 7.56 -59.49
N GLY D 241 24.74 8.79 -59.82
CA GLY D 241 23.37 9.21 -59.64
C GLY D 241 22.55 9.06 -60.91
N ASP D 242 22.27 10.18 -61.58
CA ASP D 242 21.45 10.22 -62.79
C ASP D 242 20.03 9.73 -62.55
N ALA D 243 19.61 9.67 -61.29
CA ALA D 243 18.23 9.36 -60.92
C ALA D 243 17.64 10.43 -60.01
N VAL D 244 18.37 11.51 -59.77
CA VAL D 244 17.89 12.63 -58.97
C VAL D 244 18.58 13.89 -59.46
N ASP D 245 17.87 15.03 -59.36
CA ASP D 245 18.35 16.28 -59.92
C ASP D 245 19.11 17.13 -58.90
N PHE D 246 19.78 16.49 -57.95
CA PHE D 246 20.53 17.24 -56.94
C PHE D 246 21.78 17.86 -57.55
N GLN D 247 22.39 18.78 -56.81
CA GLN D 247 23.59 19.47 -57.23
C GLN D 247 24.70 19.24 -56.21
N VAL D 248 25.91 18.98 -56.71
CA VAL D 248 27.05 18.66 -55.87
C VAL D 248 28.23 19.54 -56.26
N PHE D 249 29.14 19.70 -55.30
CA PHE D 249 30.38 20.44 -55.53
C PHE D 249 31.45 19.86 -54.61
N THR D 250 32.65 19.65 -55.14
CA THR D 250 33.75 19.07 -54.41
C THR D 250 34.86 20.11 -54.27
N HIS D 251 35.40 20.24 -53.05
CA HIS D 251 36.47 21.18 -52.78
C HIS D 251 37.13 20.81 -51.46
N LYS D 252 38.45 20.96 -51.40
CA LYS D 252 39.22 20.74 -50.18
C LYS D 252 38.96 19.36 -49.59
N GLY D 253 38.73 18.37 -50.46
CA GLY D 253 38.52 17.01 -49.99
C GLY D 253 37.18 16.75 -49.34
N VAL D 254 36.21 17.64 -49.52
CA VAL D 254 34.86 17.44 -48.99
C VAL D 254 33.87 17.82 -50.08
N THR D 255 32.69 17.20 -50.02
CA THR D 255 31.66 17.37 -51.03
C THR D 255 30.44 18.03 -50.41
N LEU D 256 29.90 19.04 -51.09
CA LEU D 256 28.67 19.69 -50.68
C LEU D 256 27.52 19.11 -51.47
N VAL D 257 26.53 18.58 -50.78
CA VAL D 257 25.39 17.91 -51.40
C VAL D 257 24.12 18.68 -51.04
N GLU D 258 23.37 19.09 -52.07
CA GLU D 258 22.15 19.88 -51.87
C GLU D 258 20.97 18.92 -51.79
N ASP D 259 20.56 18.58 -50.57
CA ASP D 259 19.39 17.74 -50.38
C ASP D 259 18.13 18.46 -50.86
N THR D 260 17.28 17.74 -51.58
CA THR D 260 16.04 18.30 -52.10
C THR D 260 14.83 17.47 -51.68
N SER D 261 14.97 16.72 -50.60
CA SER D 261 13.85 15.93 -50.08
C SER D 261 12.84 16.78 -49.31
N GLY D 262 13.30 17.85 -48.68
CA GLY D 262 12.45 18.73 -47.91
C GLY D 262 12.49 18.51 -46.41
N LYS D 263 12.98 17.36 -45.96
CA LYS D 263 13.06 17.07 -44.54
C LYS D 263 14.30 17.67 -43.88
N LEU D 264 15.18 18.28 -44.66
CA LEU D 264 16.37 18.93 -44.11
C LEU D 264 16.03 20.38 -43.81
N THR D 265 15.88 20.71 -42.54
CA THR D 265 15.52 22.07 -42.14
C THR D 265 16.65 23.04 -42.48
N ASP D 266 16.25 24.25 -42.88
CA ASP D 266 17.23 25.26 -43.25
C ASP D 266 18.08 25.67 -42.04
N GLY D 267 19.31 26.07 -42.32
CA GLY D 267 20.22 26.47 -41.27
C GLY D 267 20.87 25.34 -40.52
N SER D 268 20.75 24.11 -41.00
CA SER D 268 21.34 22.96 -40.31
C SER D 268 21.82 21.96 -41.37
N ALA D 269 23.10 22.06 -41.72
CA ALA D 269 23.74 21.12 -42.63
C ALA D 269 24.59 20.14 -41.83
N TYR D 270 24.65 18.89 -42.31
CA TYR D 270 25.35 17.83 -41.60
C TYR D 270 26.43 17.25 -42.49
N MET D 271 27.61 17.01 -41.91
CA MET D 271 28.73 16.39 -42.61
C MET D 271 29.07 15.07 -41.93
N PHE D 272 29.17 14.01 -42.72
CA PHE D 272 29.41 12.67 -42.19
C PHE D 272 30.05 11.83 -43.29
N PRO D 273 30.78 10.77 -42.92
CA PRO D 273 31.45 9.95 -43.92
C PRO D 273 30.57 8.82 -44.46
N LEU D 274 30.94 8.35 -45.64
CA LEU D 274 30.26 7.24 -46.30
C LEU D 274 31.19 6.04 -46.36
N GLY D 275 30.61 4.85 -46.19
CA GLY D 275 31.32 3.60 -46.36
C GLY D 275 31.77 2.94 -45.06
N VAL D 276 31.72 3.65 -43.94
CA VAL D 276 32.15 3.07 -42.68
C VAL D 276 31.24 1.89 -42.35
N GLN D 277 31.84 0.72 -42.19
CA GLN D 277 31.07 -0.50 -41.98
C GLN D 277 30.35 -0.46 -40.63
N ASP D 278 29.12 -0.95 -40.60
CA ASP D 278 28.29 -1.11 -39.41
C ASP D 278 27.97 0.21 -38.72
N MET D 279 28.32 1.35 -39.33
CA MET D 279 27.95 2.63 -38.75
C MET D 279 26.44 2.82 -38.77
N PHE D 280 25.79 2.46 -39.87
CA PHE D 280 24.34 2.56 -40.02
C PHE D 280 23.76 1.17 -40.16
N GLN D 281 22.72 0.87 -39.37
CA GLN D 281 22.06 -0.42 -39.44
C GLN D 281 20.54 -0.22 -39.48
N ALA D 282 19.82 -1.32 -39.62
CA ALA D 282 18.37 -1.30 -39.68
C ALA D 282 17.87 -2.71 -39.39
N VAL D 283 16.55 -2.83 -39.19
CA VAL D 283 15.96 -4.10 -38.80
C VAL D 283 14.48 -4.08 -39.21
N TYR D 284 13.90 -5.27 -39.33
CA TYR D 284 12.47 -5.44 -39.67
C TYR D 284 11.90 -6.47 -38.71
N ALA D 285 11.38 -6.00 -37.58
CA ALA D 285 10.78 -6.90 -36.60
C ALA D 285 9.49 -7.52 -37.16
N PRO D 286 9.07 -8.67 -36.64
CA PRO D 286 7.87 -9.32 -37.17
C PRO D 286 6.58 -8.63 -36.75
N ALA D 287 5.47 -9.03 -37.37
CA ALA D 287 4.16 -8.45 -37.11
C ALA D 287 3.56 -9.04 -35.84
N ASP D 288 2.71 -8.24 -35.19
CA ASP D 288 2.07 -8.64 -33.94
C ASP D 288 0.91 -9.57 -34.25
N SER D 289 1.09 -10.86 -33.99
CA SER D 289 0.05 -11.86 -34.22
C SER D 289 0.41 -13.12 -33.45
N THR D 290 -0.57 -14.00 -33.32
CA THR D 290 -0.34 -15.30 -32.69
C THR D 290 0.28 -16.31 -33.64
N ASP D 291 0.23 -16.05 -34.95
CA ASP D 291 0.86 -16.92 -35.93
C ASP D 291 2.22 -16.42 -36.38
N HIS D 292 2.50 -15.13 -36.21
CA HIS D 292 3.77 -14.54 -36.63
C HIS D 292 4.69 -14.25 -35.46
N VAL D 293 4.51 -14.93 -34.34
CA VAL D 293 5.39 -14.80 -33.19
C VAL D 293 6.48 -15.86 -33.29
N ASN D 294 7.72 -15.46 -33.03
CA ASN D 294 8.89 -16.33 -33.19
C ASN D 294 8.96 -16.88 -34.62
N THR D 295 8.68 -16.00 -35.58
CA THR D 295 8.75 -16.33 -37.00
C THR D 295 9.47 -15.20 -37.71
N ILE D 296 10.29 -15.55 -38.70
CA ILE D 296 11.07 -14.53 -39.39
C ILE D 296 10.14 -13.55 -40.09
N SER D 297 10.63 -12.34 -40.29
CA SER D 297 9.79 -11.26 -40.81
C SER D 297 10.01 -11.04 -42.30
N GLN D 298 8.94 -10.63 -42.97
CA GLN D 298 8.99 -10.33 -44.40
C GLN D 298 9.11 -8.83 -44.67
N GLY D 299 9.32 -8.03 -43.64
CA GLY D 299 9.37 -6.59 -43.82
C GLY D 299 8.01 -5.94 -43.67
N SER D 300 7.36 -5.65 -44.79
CA SER D 300 6.02 -5.07 -44.80
C SER D 300 4.99 -6.18 -44.96
N TYR D 301 3.97 -6.16 -44.12
CA TYR D 301 2.95 -7.20 -44.10
C TYR D 301 1.67 -6.73 -44.79
N LEU D 302 0.75 -7.68 -44.97
CA LEU D 302 -0.56 -7.39 -45.52
C LEU D 302 -1.48 -8.55 -45.16
N PHE D 303 -2.58 -8.25 -44.48
CA PHE D 303 -3.57 -9.26 -44.13
C PHE D 303 -4.94 -8.78 -44.61
N LEU D 304 -5.75 -9.72 -45.07
CA LEU D 304 -7.12 -9.42 -45.49
C LEU D 304 -8.06 -9.98 -44.44
N ASN D 305 -8.70 -9.08 -43.70
CA ASN D 305 -9.61 -9.45 -42.63
C ASN D 305 -11.04 -9.36 -43.15
N ALA D 306 -11.76 -10.46 -43.10
CA ALA D 306 -13.13 -10.52 -43.61
C ALA D 306 -14.11 -10.94 -42.52
N GLY D 307 -13.76 -10.69 -41.26
CA GLY D 307 -14.65 -11.00 -40.16
C GLY D 307 -14.64 -9.93 -39.09
N GLU D 308 -13.84 -8.88 -39.30
CA GLU D 308 -13.79 -7.78 -38.36
C GLU D 308 -15.13 -7.02 -38.33
N ASN D 309 -15.71 -6.79 -39.49
CA ASN D 309 -16.98 -6.07 -39.61
C ASN D 309 -17.87 -6.80 -40.61
N TRP D 310 -19.14 -6.99 -40.24
CA TRP D 310 -20.07 -7.67 -41.13
C TRP D 310 -20.35 -6.86 -42.40
N ARG D 311 -20.12 -5.55 -42.38
CA ARG D 311 -20.45 -4.72 -43.53
C ARG D 311 -19.32 -4.72 -44.56
N ARG D 312 -18.13 -4.29 -44.14
CA ARG D 312 -16.99 -4.15 -45.03
C ARG D 312 -15.80 -4.94 -44.52
N ASP D 313 -14.99 -5.42 -45.46
CA ASP D 313 -13.74 -6.12 -45.14
C ASP D 313 -12.57 -5.15 -45.30
N VAL D 314 -11.59 -5.29 -44.41
CA VAL D 314 -10.48 -4.34 -44.34
C VAL D 314 -9.20 -5.02 -44.81
N ILE D 315 -8.22 -4.20 -45.16
CA ILE D 315 -6.90 -4.66 -45.60
C ILE D 315 -5.90 -4.15 -44.58
N GLU D 316 -5.55 -4.99 -43.61
CA GLU D 316 -4.65 -4.59 -42.54
C GLU D 316 -3.21 -4.70 -43.00
N SER D 317 -2.44 -3.64 -42.79
CA SER D 317 -1.03 -3.59 -43.19
C SER D 317 -0.22 -2.90 -42.11
N GLU D 318 0.93 -3.47 -41.78
CA GLU D 318 1.80 -2.90 -40.76
C GLU D 318 3.25 -3.19 -41.11
N VAL D 319 4.15 -2.37 -40.55
CA VAL D 319 5.59 -2.53 -40.75
C VAL D 319 6.30 -2.16 -39.45
N SER D 320 7.20 -3.03 -39.01
CA SER D 320 8.05 -2.78 -37.87
C SER D 320 9.46 -2.49 -38.37
N TYR D 321 10.06 -1.41 -37.90
CA TYR D 321 11.30 -0.94 -38.49
C TYR D 321 11.99 0.03 -37.55
N ALA D 322 13.32 -0.06 -37.48
CA ALA D 322 14.11 0.82 -36.64
C ALA D 322 15.49 1.00 -37.25
N CYS D 323 16.12 2.12 -36.91
CA CYS D 323 17.46 2.46 -37.39
C CYS D 323 18.30 3.04 -36.26
N MET D 324 19.60 2.87 -36.35
CA MET D 324 20.52 3.56 -35.45
C MET D 324 21.85 3.85 -36.14
N VAL D 325 22.61 4.72 -35.50
CA VAL D 325 23.98 5.03 -35.91
C VAL D 325 24.87 4.52 -34.79
N THR D 326 25.42 3.32 -34.97
CA THR D 326 26.26 2.73 -33.93
C THR D 326 27.51 3.57 -33.68
N ARG D 327 28.22 3.94 -34.75
CA ARG D 327 29.40 4.80 -34.62
C ARG D 327 28.99 6.27 -34.70
N SER D 328 28.08 6.65 -33.80
CA SER D 328 27.53 7.99 -33.81
C SER D 328 28.57 9.07 -33.57
N GLU D 329 29.73 8.70 -33.01
CA GLU D 329 30.78 9.68 -32.73
C GLU D 329 31.39 10.29 -33.98
N LEU D 330 31.13 9.71 -35.16
CA LEU D 330 31.74 10.18 -36.39
C LEU D 330 30.87 11.18 -37.15
N ILE D 331 29.71 11.56 -36.63
CA ILE D 331 28.81 12.49 -37.28
C ILE D 331 29.05 13.88 -36.74
N CYS D 332 29.22 14.85 -37.64
CA CYS D 332 29.42 16.25 -37.27
C CYS D 332 28.07 16.95 -37.39
N ASP D 333 27.44 17.22 -36.25
CA ASP D 333 26.19 17.97 -36.24
C ASP D 333 26.46 19.44 -36.51
N LEU D 334 26.82 19.76 -37.74
CA LEU D 334 27.24 21.10 -38.10
C LEU D 334 26.05 22.06 -38.07
N THR D 335 26.35 23.32 -37.76
CA THR D 335 25.35 24.38 -37.74
C THR D 335 25.84 25.51 -38.64
N ILE D 336 24.97 25.96 -39.54
CA ILE D 336 25.31 27.01 -40.48
C ILE D 336 24.49 28.25 -40.16
N THR D 337 24.97 29.40 -40.64
CA THR D 337 24.29 30.67 -40.43
C THR D 337 24.30 31.46 -41.73
N VAL D 338 23.13 31.90 -42.16
CA VAL D 338 23.00 32.66 -43.40
C VAL D 338 22.63 34.12 -43.11
N GLN E 34 -20.37 27.39 41.26
CA GLN E 34 -19.86 28.43 40.38
C GLN E 34 -20.02 29.80 41.03
N TYR E 35 -19.51 30.84 40.36
CA TYR E 35 -19.55 32.21 40.86
C TYR E 35 -18.91 32.30 42.24
N ASN E 36 -17.68 31.81 42.32
CA ASN E 36 -16.85 31.84 43.52
C ASN E 36 -17.48 31.08 44.69
N ALA E 37 -18.38 30.14 44.41
CA ALA E 37 -18.96 29.30 45.46
C ALA E 37 -18.02 28.13 45.75
N ASP E 38 -16.93 28.46 46.45
CA ASP E 38 -15.85 27.56 46.84
C ASP E 38 -15.05 27.06 45.64
N ALA E 39 -15.40 27.44 44.42
CA ALA E 39 -14.60 27.07 43.25
C ALA E 39 -13.26 27.78 43.27
N TYR E 40 -13.17 28.91 43.96
CA TYR E 40 -11.91 29.61 44.17
C TYR E 40 -11.61 29.85 45.64
N ARG E 41 -12.50 29.44 46.55
CA ARG E 41 -12.28 29.60 47.98
C ARG E 41 -11.82 28.30 48.62
N ARG E 42 -12.47 27.18 48.28
CA ARG E 42 -12.04 25.88 48.76
C ARG E 42 -10.98 25.25 47.88
N LYS E 43 -11.03 25.48 46.57
CA LYS E 43 -10.02 24.94 45.67
C LYS E 43 -8.65 25.51 46.00
N ILE E 44 -8.56 26.82 46.18
CA ILE E 44 -7.29 27.43 46.54
C ILE E 44 -6.86 27.05 47.94
N GLU E 45 -7.82 26.89 48.85
CA GLU E 45 -7.50 26.45 50.21
C GLU E 45 -6.87 25.06 50.20
N SER E 46 -7.40 24.16 49.36
CA SER E 46 -6.79 22.84 49.22
C SER E 46 -5.48 22.91 48.46
N ILE E 47 -5.35 23.85 47.51
CA ILE E 47 -4.10 23.98 46.77
C ILE E 47 -2.96 24.39 47.69
N ASN E 48 -3.22 25.33 48.61
CA ASN E 48 -2.19 25.67 49.59
C ASN E 48 -2.18 24.65 50.74
N SER E 49 -3.26 24.64 51.52
CA SER E 49 -3.53 23.59 52.51
C SER E 49 -2.39 23.34 53.48
N ASP E 50 -2.50 22.24 54.23
CA ASP E 50 -1.42 21.68 55.01
C ASP E 50 -1.32 20.18 54.85
N ALA E 51 -2.32 19.54 54.25
CA ALA E 51 -2.30 18.12 53.96
C ALA E 51 -2.24 17.80 52.48
N ALA E 52 -2.30 18.79 51.60
CA ALA E 52 -2.09 18.55 50.17
C ALA E 52 -0.67 18.09 49.90
N LEU E 53 0.28 18.43 50.78
CA LEU E 53 1.61 17.87 50.67
C LEU E 53 1.62 16.40 51.09
N THR E 54 0.90 16.08 52.17
CA THR E 54 0.82 14.68 52.62
C THR E 54 0.13 13.82 51.58
N ASN E 55 -0.95 14.31 51.00
CA ASN E 55 -1.62 13.60 49.92
C ASN E 55 -0.96 13.94 48.58
N GLY E 56 -1.43 13.28 47.53
CA GLY E 56 -0.93 13.58 46.21
C GLY E 56 -1.60 14.78 45.59
N ALA E 57 -1.87 14.72 44.29
CA ALA E 57 -2.58 15.76 43.55
C ALA E 57 -1.79 17.06 43.50
N PHE E 58 -2.17 17.96 42.59
CA PHE E 58 -1.53 19.26 42.42
C PHE E 58 -0.04 19.08 42.10
N ASN E 59 0.19 18.48 40.94
CA ASN E 59 1.54 18.17 40.48
C ASN E 59 1.75 18.81 39.12
N GLN E 60 2.87 19.51 38.96
CA GLN E 60 3.26 20.10 37.69
C GLN E 60 4.45 19.34 37.13
N PHE E 61 4.35 18.94 35.86
CA PHE E 61 5.40 18.16 35.20
C PHE E 61 6.30 19.09 34.41
N ALA E 62 7.61 18.96 34.62
CA ALA E 62 8.62 19.72 33.88
C ALA E 62 9.47 18.70 33.11
N TYR E 63 9.04 18.38 31.90
CA TYR E 63 9.73 17.41 31.07
C TYR E 63 10.95 18.07 30.42
N GLY E 64 11.56 17.39 29.48
CA GLY E 64 12.79 17.84 28.85
C GLY E 64 12.56 18.50 27.51
N SER E 65 13.53 18.32 26.60
CA SER E 65 13.49 18.88 25.26
C SER E 65 13.42 20.41 25.29
N GLN E 66 12.21 20.96 25.19
CA GLN E 66 12.06 22.40 25.10
C GLN E 66 12.48 23.11 26.39
N MET E 67 12.33 22.44 27.53
CA MET E 67 12.64 23.07 28.81
C MET E 67 14.12 23.35 29.00
N PHE E 68 14.99 22.79 28.15
CA PHE E 68 16.43 22.97 28.28
C PHE E 68 17.06 23.79 27.16
N GLU E 69 16.31 24.12 26.12
CA GLU E 69 16.86 24.83 24.97
C GLU E 69 17.35 26.23 25.36
N GLY E 70 18.67 26.42 25.31
CA GLY E 70 19.25 27.72 25.57
C GLY E 70 19.05 28.24 26.97
N LYS E 71 19.28 27.38 27.97
CA LYS E 71 19.12 27.79 29.36
C LYS E 71 20.17 27.10 30.21
N THR E 72 20.66 27.83 31.22
CA THR E 72 21.62 27.29 32.16
C THR E 72 20.91 26.50 33.26
N LEU E 73 21.69 25.74 34.02
CA LEU E 73 21.12 24.97 35.12
C LEU E 73 20.57 25.87 36.21
N GLN E 74 21.33 26.92 36.58
CA GLN E 74 20.83 27.86 37.57
C GLN E 74 19.61 28.62 37.07
N GLU E 75 19.63 29.02 35.80
CA GLU E 75 18.49 29.74 35.24
C GLU E 75 17.25 28.85 35.22
N ILE E 76 17.40 27.59 34.82
CA ILE E 76 16.27 26.67 34.81
C ILE E 76 15.75 26.42 36.22
N ALA E 77 16.66 26.27 37.19
CA ALA E 77 16.24 26.04 38.57
C ALA E 77 15.48 27.25 39.12
N GLU E 78 15.95 28.46 38.82
CA GLU E 78 15.25 29.66 39.24
C GLU E 78 13.88 29.77 38.58
N SER E 79 13.81 29.45 37.28
CA SER E 79 12.53 29.51 36.58
C SER E 79 11.55 28.48 37.11
N LEU E 80 12.04 27.32 37.55
CA LEU E 80 11.15 26.30 38.10
C LEU E 80 10.44 26.81 39.34
N LYS E 81 11.16 27.50 40.22
CA LYS E 81 10.52 28.15 41.36
C LYS E 81 9.63 29.29 40.85
N THR E 82 8.46 29.42 41.47
CA THR E 82 7.47 30.42 41.09
C THR E 82 7.10 30.29 39.61
N MET E 83 6.85 29.06 39.18
CA MET E 83 6.42 28.76 37.82
C MET E 83 4.96 28.31 37.89
N GLN E 84 4.06 29.17 37.41
CA GLN E 84 2.64 28.86 37.43
C GLN E 84 2.34 27.74 36.43
N VAL E 85 1.08 27.28 36.45
CA VAL E 85 0.66 26.23 35.56
C VAL E 85 0.59 26.74 34.12
N LYS E 86 0.18 25.86 33.20
CA LYS E 86 0.16 26.19 31.79
C LYS E 86 -1.10 25.59 31.18
N ASP E 87 -1.14 25.56 29.84
CA ASP E 87 -2.32 25.12 29.12
C ASP E 87 -2.54 23.62 29.31
N SER E 88 -3.60 23.13 28.69
CA SER E 88 -4.06 21.74 28.71
C SER E 88 -4.48 21.28 30.09
N SER E 89 -4.48 22.16 31.09
CA SER E 89 -4.95 21.82 32.44
C SER E 89 -6.44 22.09 32.49
N ARG E 90 -7.25 21.03 32.46
CA ARG E 90 -8.70 21.19 32.47
C ARG E 90 -9.19 21.76 33.80
N GLU E 91 -8.48 21.45 34.89
CA GLU E 91 -8.93 21.85 36.22
C GLU E 91 -8.99 23.37 36.35
N ASP E 92 -7.83 24.03 36.25
CA ASP E 92 -7.74 25.46 36.49
C ASP E 92 -6.84 26.19 35.51
N GLU E 93 -6.48 25.56 34.38
CA GLU E 93 -5.59 26.14 33.40
C GLU E 93 -4.33 26.68 34.06
N ASN E 94 -4.23 28.00 34.22
CA ASN E 94 -3.11 28.62 34.92
C ASN E 94 -3.43 28.81 36.41
N GLY E 95 -3.81 27.72 37.06
CA GLY E 95 -4.28 27.79 38.44
C GLY E 95 -3.17 27.97 39.46
N LEU E 96 -2.48 29.11 39.42
CA LEU E 96 -1.48 29.47 40.40
C LEU E 96 -0.31 28.48 40.41
N ILE E 97 0.42 28.43 41.52
CA ILE E 97 1.61 27.58 41.64
C ILE E 97 1.28 26.40 42.54
N PHE E 98 1.34 25.20 41.97
CA PHE E 98 1.05 24.00 42.73
C PHE E 98 2.18 23.72 43.71
N PRO E 99 1.88 23.05 44.84
CA PRO E 99 2.91 22.79 45.84
C PRO E 99 3.92 21.71 45.44
N HIS E 100 3.69 20.99 44.35
CA HIS E 100 4.56 19.90 43.93
C HIS E 100 4.92 20.07 42.46
N VAL E 101 6.22 20.06 42.16
CA VAL E 101 6.72 20.04 40.80
C VAL E 101 7.55 18.79 40.60
N THR E 102 7.20 17.99 39.60
CA THR E 102 7.89 16.73 39.33
C THR E 102 8.69 16.87 38.04
N LEU E 103 10.00 16.72 38.15
CA LEU E 103 10.89 16.70 36.99
C LEU E 103 11.31 15.27 36.71
N GLN E 104 11.18 14.86 35.45
CA GLN E 104 11.47 13.49 35.06
C GLN E 104 12.48 13.47 33.92
N LEU E 105 12.96 12.27 33.62
CA LEU E 105 13.98 12.05 32.60
C LEU E 105 13.32 11.58 31.31
N VAL E 106 13.53 12.34 30.23
CA VAL E 106 13.02 11.96 28.93
C VAL E 106 14.16 11.56 28.01
N SER E 107 13.84 11.15 26.78
CA SER E 107 14.87 10.64 25.88
C SER E 107 15.89 11.71 25.49
N PRO E 108 15.48 12.95 25.07
CA PRO E 108 16.46 13.99 24.75
C PRO E 108 16.98 14.74 25.97
N THR E 109 17.33 14.00 27.02
CA THR E 109 17.82 14.59 28.26
C THR E 109 18.90 13.69 28.84
N THR E 110 20.13 14.19 28.88
CA THR E 110 21.22 13.43 29.47
C THR E 110 21.05 13.37 30.99
N PRO E 111 21.55 12.32 31.63
CA PRO E 111 21.46 12.24 33.10
C PRO E 111 22.17 13.37 33.81
N ALA E 112 23.12 14.04 33.15
CA ALA E 112 23.74 15.23 33.73
C ALA E 112 22.72 16.34 33.87
N GLN E 113 21.85 16.52 32.87
CA GLN E 113 20.83 17.55 32.92
C GLN E 113 19.79 17.24 33.99
N TYR E 114 19.29 16.00 34.01
CA TYR E 114 18.25 15.64 34.96
C TYR E 114 18.74 15.76 36.40
N TYR E 115 19.88 15.15 36.71
CA TYR E 115 20.43 15.28 38.05
C TYR E 115 21.02 16.65 38.29
N GLY E 116 21.25 17.44 37.23
CA GLY E 116 21.69 18.80 37.41
C GLY E 116 20.64 19.67 38.07
N LEU E 117 19.39 19.57 37.62
CA LEU E 117 18.32 20.37 38.20
C LEU E 117 18.07 19.99 39.65
N ILE E 118 18.08 18.69 39.96
CA ILE E 118 17.76 18.23 41.30
C ILE E 118 18.74 18.82 42.31
N ALA E 119 20.02 18.81 41.98
CA ALA E 119 21.02 19.39 42.87
C ALA E 119 20.95 20.91 42.87
N GLU E 120 20.72 21.52 41.71
CA GLU E 120 20.63 22.97 41.64
C GLU E 120 19.40 23.48 42.40
N ALA E 121 18.26 22.80 42.23
CA ALA E 121 17.03 23.27 42.88
C ALA E 121 17.13 23.17 44.39
N VAL E 122 17.58 22.02 44.90
CA VAL E 122 17.61 21.81 46.35
C VAL E 122 18.54 22.81 47.01
N LYS E 123 19.52 23.30 46.26
CA LYS E 123 20.44 24.31 46.80
C LYS E 123 19.70 25.59 47.16
N LEU E 124 18.75 25.99 46.32
CA LEU E 124 18.00 27.23 46.56
C LEU E 124 16.72 26.98 47.34
N GLY E 125 16.69 25.89 48.12
CA GLY E 125 15.53 25.59 48.94
C GLY E 125 14.33 25.12 48.14
N PHE E 126 14.44 23.95 47.54
CA PHE E 126 13.38 23.40 46.70
C PHE E 126 13.19 21.93 47.03
N GLU E 127 13.10 21.62 48.33
CA GLU E 127 13.25 20.26 48.86
C GLU E 127 12.34 19.23 48.19
N VAL E 128 12.74 17.96 48.26
CA VAL E 128 12.04 16.87 47.60
C VAL E 128 10.97 16.28 48.50
N CYS E 129 9.95 15.71 47.87
CA CYS E 129 8.84 15.11 48.61
C CYS E 129 9.33 13.89 49.39
N PRO E 130 8.92 13.76 50.66
CA PRO E 130 9.37 12.62 51.47
C PRO E 130 8.52 11.36 51.29
N ASP E 131 7.52 11.37 50.43
CA ASP E 131 6.66 10.21 50.21
C ASP E 131 7.13 9.48 48.96
N TRP E 132 7.54 8.22 49.13
CA TRP E 132 8.08 7.46 48.00
C TRP E 132 7.01 7.10 46.98
N ARG E 133 5.75 7.05 47.38
CA ARG E 133 4.68 6.73 46.44
C ARG E 133 4.39 7.88 45.47
N LEU E 134 4.83 9.09 45.80
CA LEU E 134 4.55 10.26 44.97
C LEU E 134 5.61 10.53 43.92
N HIS E 135 6.63 9.66 43.81
CA HIS E 135 7.69 9.82 42.81
C HIS E 135 7.33 8.95 41.61
N VAL E 136 6.49 9.50 40.74
CA VAL E 136 6.05 8.80 39.55
C VAL E 136 6.10 9.75 38.35
N GLY E 137 6.29 9.17 37.17
CA GLY E 137 6.31 9.91 35.94
C GLY E 137 5.05 9.70 35.12
N THR E 138 5.18 9.91 33.81
CA THR E 138 4.07 9.71 32.89
C THR E 138 4.02 8.24 32.47
N GLY E 139 4.01 7.37 33.48
CA GLY E 139 3.96 5.94 33.25
C GLY E 139 5.29 5.39 32.76
N ARG E 140 5.65 5.76 31.53
CA ARG E 140 6.96 5.43 30.97
C ARG E 140 7.93 6.55 31.35
N ASN E 141 9.15 6.59 30.84
CA ASN E 141 10.17 7.53 31.28
C ASN E 141 10.29 7.50 32.80
N PHE E 142 10.69 6.32 33.30
CA PHE E 142 10.60 5.94 34.71
C PHE E 142 11.25 6.94 35.68
N PRO E 143 12.46 7.43 35.43
CA PRO E 143 13.08 8.33 36.42
C PRO E 143 12.30 9.64 36.55
N ALA E 144 11.73 9.86 37.73
CA ALA E 144 10.95 11.05 38.01
C ALA E 144 11.08 11.39 39.48
N CYS E 145 11.40 12.66 39.77
CA CYS E 145 11.55 13.15 41.13
C CYS E 145 10.56 14.27 41.37
N ARG E 146 9.81 14.18 42.46
CA ARG E 146 8.79 15.15 42.81
C ARG E 146 9.38 16.14 43.82
N LEU E 147 9.46 17.40 43.43
CA LEU E 147 10.07 18.44 44.24
C LEU E 147 9.00 19.35 44.83
N VAL E 148 9.04 19.54 46.14
CA VAL E 148 8.05 20.38 46.82
C VAL E 148 8.56 21.81 46.90
N ARG E 149 7.73 22.76 46.44
CA ARG E 149 8.12 24.16 46.45
C ARG E 149 8.17 24.70 47.88
N GLN E 150 8.71 25.90 48.00
CA GLN E 150 8.73 26.61 49.27
C GLN E 150 7.38 27.27 49.53
N ALA E 151 7.04 27.41 50.82
CA ALA E 151 5.75 27.99 51.18
C ALA E 151 5.63 29.43 50.70
N GLU E 152 6.69 30.22 50.86
CA GLU E 152 6.64 31.62 50.47
C GLU E 152 6.45 31.79 48.97
N TRP E 153 7.00 30.87 48.18
CA TRP E 153 6.91 30.99 46.72
C TRP E 153 5.54 30.58 46.19
N TYR E 154 4.73 29.88 46.98
CA TYR E 154 3.45 29.35 46.50
C TYR E 154 2.26 29.98 47.21
N LYS E 155 2.19 29.89 48.54
CA LYS E 155 0.97 30.27 49.25
C LYS E 155 0.61 31.75 49.12
N PRO E 156 1.53 32.73 49.32
CA PRO E 156 1.15 34.13 49.12
C PRO E 156 0.57 34.41 47.75
N HIS E 157 1.27 33.97 46.71
CA HIS E 157 0.82 34.21 45.35
C HIS E 157 -0.52 33.53 45.07
N ASN E 158 -0.68 32.31 45.57
CA ASN E 158 -1.94 31.59 45.40
C ASN E 158 -3.09 32.34 46.06
N GLU E 159 -2.87 32.82 47.27
CA GLU E 159 -3.92 33.56 47.98
C GLU E 159 -4.25 34.86 47.25
N LYS E 160 -3.24 35.58 46.79
CA LYS E 160 -3.47 36.83 46.08
C LYS E 160 -4.26 36.59 44.80
N LEU E 161 -3.87 35.57 44.04
CA LEU E 161 -4.58 35.24 42.80
C LEU E 161 -6.01 34.82 43.09
N MET E 162 -6.23 34.04 44.15
CA MET E 162 -7.58 33.63 44.51
C MET E 162 -8.44 34.83 44.87
N ALA E 163 -7.88 35.77 45.65
CA ALA E 163 -8.61 36.96 46.03
C ALA E 163 -8.97 37.80 44.81
N GLU E 164 -8.00 37.99 43.90
CA GLU E 164 -8.26 38.77 42.70
C GLU E 164 -9.31 38.11 41.82
N ARG E 165 -9.23 36.79 41.65
CA ARG E 165 -10.22 36.09 40.84
C ARG E 165 -11.61 36.16 41.46
N ILE E 166 -11.69 36.01 42.79
CA ILE E 166 -12.98 36.12 43.46
C ILE E 166 -13.56 37.51 43.30
N ALA E 167 -12.73 38.54 43.43
CA ALA E 167 -13.21 39.92 43.26
C ALA E 167 -13.71 40.14 41.84
N GLU E 168 -12.95 39.65 40.85
CA GLU E 168 -13.36 39.82 39.47
C GLU E 168 -14.65 39.07 39.16
N ALA E 169 -14.83 37.88 39.72
CA ALA E 169 -16.07 37.14 39.52
C ALA E 169 -17.24 37.84 40.21
N GLU E 170 -17.01 38.39 41.40
CA GLU E 170 -18.07 39.12 42.08
C GLU E 170 -18.46 40.39 41.33
N LYS E 171 -17.50 41.04 40.69
CA LYS E 171 -17.82 42.23 39.90
C LYS E 171 -18.34 41.85 38.52
N GLN E 172 -19.37 41.02 38.49
CA GLN E 172 -19.99 40.57 37.24
C GLN E 172 -21.38 40.02 37.49
#